data_9BER
#
_entry.id   9BER
#
_cell.length_a   1.00
_cell.length_b   1.00
_cell.length_c   1.00
_cell.angle_alpha   90.00
_cell.angle_beta   90.00
_cell.angle_gamma   90.00
#
_symmetry.space_group_name_H-M   'P 1'
#
loop_
_entity.id
_entity.type
_entity.pdbx_description
1 polymer 'Envelope glycoprotein gp120'
2 polymer 'Envelope glycoprotein gp41'
3 polymer 'PGT122 heavy chain'
4 polymer 'PGT122 light chain'
5 branched 2-acetamido-2-deoxy-beta-D-glucopyranose-(1-4)-2-acetamido-2-deoxy-beta-D-glucopyranose
6 branched alpha-D-mannopyranose-(1-3)-beta-D-mannopyranose-(1-4)-2-acetamido-2-deoxy-beta-D-glucopyranose-(1-4)-2-acetamido-2-deoxy-beta-D-glucopyranose
7 branched alpha-D-mannopyranose-(1-3)-alpha-D-mannopyranose-(1-6)-[alpha-D-mannopyranose-(1-3)]beta-D-mannopyranose-(1-4)-2-acetamido-2-deoxy-beta-D-glucopyranose-(1-4)-2-acetamido-2-deoxy-beta-D-glucopyranose
8 non-polymer 2-acetamido-2-deoxy-beta-D-glucopyranose
9 non-polymer 'SULFATE ION'
#
loop_
_entity_poly.entity_id
_entity_poly.type
_entity_poly.pdbx_seq_one_letter_code
_entity_poly.pdbx_strand_id
1 'polypeptide(L)'
;VEKLWVTVYYGVPVWKEATTTLFCASDAKAYDTEVHNVWATHACVPTDPNPQEVVLENVTEHFNMWKNNMVEQMQEDIIS
LWCQSLKPCVKLTPLCVTLNCKDVNATNTTNDSEGTMERGEIKNCSFNITTSIRDKVQKEYALFYKLDVVPIDNNNTSYR
LISCNTSVITQACPKISFEPIPIHYCAPAGFAILKCNDKTFNGTGPCKNVSTVQCTHGIRPVVSTQLLLNGSLAEEEVVI
RSDNFTNNAKTIIVQLKESVEINCTRPNNNTRKSIHIGPGRAFYTTGEIIGDIRQAHCNISRAKWNDTLKQIVIKLREQF
ENKTIVFNHSSGGDPEIVMHSFNCGGEFFYCNSTQLFNSTWNNNTEGSNNTEGNTITLPCRIKQIINMWQEVGGCGAMYA
PPIRGQIRCSSNITGLLLTRDGGINENGTEIFRPGGGDMRDNWRSELYKYKVVKIEPLGVAPTKAKRRVVGRRRRRR
;
G,A,F
2 'polypeptide(L)'
;AVGIGAVFLGFLGAAGSTMGAASMTLTVQARLLLSGIVQQQNNLLRAPEAQQRMLQLTVWGIKQLQARVLAVERYLGDQQ
LLGIWGCSGKLICTTAVPWNASWSNKSLDRIWNNMTWMEWEREIDNYTSEIYTLIEESQNQQEKNEQELLELD
;
B,C,I
3 'polypeptide(L)'
;QVHLQESGPGLVKPSETLSLTCNVSGTLVRDNYWSWIRQPLGKQPEWIGYVHDSGDTNYNPSLKSRVHLSLDKSKNLVSL
RLTGVTAADSAIYYCATTKHGRRIYGVVAFKEWFTYFYMDVWGKGTSVTVSS
;
H,D,J
4 'polypeptide(L)'
;TFVSVAPGQTARITCGEESLGSRSVIWYQQRPGQAPSLIIYNNNDRPSGIPDRFSGSPGSTFGTTATLTITSVEAGDEAD
YYCHIWDSRRPTNWVFGEGTTLIVL
;
L,E,K
#
# COMPACT_ATOMS: atom_id res chain seq x y z
N GLU A 2 54.60 46.36 -13.58
CA GLU A 2 54.48 45.55 -12.37
C GLU A 2 53.91 44.18 -12.70
N LYS A 3 54.69 43.14 -12.40
CA LYS A 3 54.28 41.76 -12.65
C LYS A 3 53.54 41.26 -11.42
N LEU A 4 52.21 41.31 -11.46
CA LEU A 4 51.38 40.90 -10.34
C LEU A 4 51.10 39.41 -10.38
N TRP A 5 50.95 38.81 -9.20
CA TRP A 5 50.55 37.43 -9.06
C TRP A 5 49.09 37.37 -8.60
N VAL A 6 48.61 36.16 -8.33
CA VAL A 6 47.24 35.96 -7.86
C VAL A 6 47.29 35.20 -6.55
N THR A 7 46.32 35.46 -5.68
CA THR A 7 46.17 34.75 -4.43
C THR A 7 44.69 34.48 -4.20
N VAL A 8 44.41 33.47 -3.38
CA VAL A 8 43.03 33.06 -3.11
C VAL A 8 42.67 33.44 -1.69
N TYR A 9 41.38 33.60 -1.45
CA TYR A 9 40.86 33.98 -0.15
C TYR A 9 39.71 33.06 0.23
N TYR A 10 39.68 32.64 1.49
CA TYR A 10 38.64 31.76 2.01
C TYR A 10 37.85 32.52 3.06
N GLY A 11 36.58 32.81 2.76
CA GLY A 11 35.75 33.63 3.62
C GLY A 11 35.27 34.89 2.94
N VAL A 12 35.04 34.81 1.64
CA VAL A 12 34.58 35.93 0.84
C VAL A 12 33.06 35.82 0.67
N PRO A 13 32.29 36.88 0.94
CA PRO A 13 30.84 36.82 0.77
C PRO A 13 30.45 36.89 -0.70
N VAL A 14 30.04 35.76 -1.26
CA VAL A 14 29.53 35.67 -2.63
C VAL A 14 28.21 34.90 -2.58
N TRP A 15 27.13 35.53 -3.04
CA TRP A 15 25.78 35.02 -2.74
C TRP A 15 25.34 33.94 -3.74
N LYS A 16 25.17 34.32 -5.01
CA LYS A 16 24.78 33.42 -6.10
C LYS A 16 23.60 32.53 -5.71
N GLU A 17 22.45 33.19 -5.54
CA GLU A 17 21.28 32.54 -4.95
C GLU A 17 20.81 31.33 -5.77
N ALA A 18 20.35 30.31 -5.06
CA ALA A 18 19.96 29.05 -5.70
C ALA A 18 19.01 28.30 -4.79
N THR A 19 18.35 27.30 -5.37
CA THR A 19 17.38 26.50 -4.63
C THR A 19 18.09 25.50 -3.72
N THR A 20 17.50 25.24 -2.55
CA THR A 20 18.05 24.28 -1.60
C THR A 20 16.90 23.60 -0.87
N THR A 21 17.24 22.79 0.13
CA THR A 21 16.27 22.08 0.96
C THR A 21 16.39 22.57 2.39
N LEU A 22 15.24 22.67 3.07
CA LEU A 22 15.15 23.32 4.37
C LEU A 22 14.97 22.28 5.48
N PHE A 23 15.11 22.74 6.72
CA PHE A 23 14.95 21.93 7.92
C PHE A 23 13.58 22.14 8.56
N CYS A 24 13.43 21.59 9.76
CA CYS A 24 12.40 21.97 10.71
C CYS A 24 13.07 22.38 12.02
N ALA A 25 12.40 23.26 12.74
CA ALA A 25 12.91 23.73 14.04
C ALA A 25 11.72 24.17 14.88
N SER A 26 11.40 23.38 15.89
CA SER A 26 10.26 23.66 16.77
C SER A 26 10.69 24.59 17.90
N ASP A 27 9.70 25.04 18.66
CA ASP A 27 9.95 25.91 19.81
C ASP A 27 10.46 25.16 21.03
N ALA A 28 10.44 23.83 21.00
CA ALA A 28 10.86 22.96 22.12
C ALA A 28 10.08 23.27 23.39
N LYS A 29 8.82 23.67 23.24
CA LYS A 29 7.95 23.96 24.37
C LYS A 29 6.84 22.91 24.52
N ALA A 30 7.00 21.75 23.90
CA ALA A 30 5.99 20.69 23.95
C ALA A 30 6.16 19.90 25.25
N TYR A 31 5.71 20.54 26.35
CA TYR A 31 5.72 19.87 27.65
C TYR A 31 4.77 18.68 27.67
N ASP A 32 3.60 18.83 27.04
CA ASP A 32 2.68 17.70 26.91
C ASP A 32 3.21 16.71 25.88
N THR A 33 3.27 15.45 26.26
CA THR A 33 3.79 14.40 25.39
C THR A 33 2.65 13.56 24.83
N GLU A 34 3.01 12.71 23.87
CA GLU A 34 2.08 11.80 23.18
C GLU A 34 0.93 12.57 22.52
N VAL A 35 1.25 13.72 21.95
CA VAL A 35 0.27 14.50 21.20
C VAL A 35 0.35 14.11 19.73
N HIS A 36 1.53 14.31 19.13
CA HIS A 36 1.87 13.87 17.77
C HIS A 36 0.89 14.46 16.74
N ASN A 37 0.96 15.78 16.60
CA ASN A 37 0.05 16.50 15.73
C ASN A 37 0.36 16.22 14.26
N VAL A 38 -0.43 16.84 13.38
CA VAL A 38 -0.32 16.61 11.95
C VAL A 38 1.04 17.08 11.43
N TRP A 39 1.51 18.23 11.91
CA TRP A 39 2.70 18.85 11.36
C TRP A 39 3.99 18.20 11.82
N ALA A 40 3.91 17.11 12.59
CA ALA A 40 5.08 16.36 13.08
C ALA A 40 6.04 17.25 13.85
N THR A 41 5.49 18.03 14.78
CA THR A 41 6.32 18.91 15.62
C THR A 41 7.25 18.11 16.51
N HIS A 42 6.83 16.91 16.93
CA HIS A 42 7.70 16.05 17.73
C HIS A 42 8.89 15.55 16.92
N ALA A 43 8.70 15.32 15.62
CA ALA A 43 9.78 14.86 14.75
C ALA A 43 10.41 16.06 14.03
N CYS A 44 11.15 16.84 14.79
CA CYS A 44 11.83 18.02 14.27
C CYS A 44 13.18 18.15 14.96
N VAL A 45 13.81 19.31 14.81
CA VAL A 45 15.10 19.57 15.44
C VAL A 45 14.93 20.65 16.50
N PRO A 46 14.79 20.28 17.78
CA PRO A 46 14.60 21.28 18.83
C PRO A 46 15.89 22.02 19.20
N THR A 47 15.82 22.80 20.29
CA THR A 47 16.96 23.51 20.88
C THR A 47 17.60 24.46 19.86
N ASP A 48 16.83 25.50 19.52
CA ASP A 48 17.23 26.52 18.55
C ASP A 48 17.17 27.93 19.13
N PRO A 49 18.03 28.24 20.11
CA PRO A 49 17.94 29.53 20.80
C PRO A 49 18.79 30.61 20.14
N ASN A 50 18.39 31.86 20.42
CA ASN A 50 19.08 33.08 20.02
C ASN A 50 19.38 33.14 18.53
N PRO A 51 18.37 33.36 17.67
CA PRO A 51 18.65 33.51 16.24
C PRO A 51 19.36 34.82 15.95
N GLN A 52 20.67 34.83 16.17
CA GLN A 52 21.46 36.07 16.13
C GLN A 52 21.72 36.53 14.70
N GLU A 53 20.81 37.32 14.16
CA GLU A 53 21.02 37.91 12.84
C GLU A 53 22.03 39.06 12.93
N VAL A 54 22.65 39.37 11.79
CA VAL A 54 23.60 40.46 11.67
C VAL A 54 23.12 41.39 10.57
N VAL A 55 22.97 42.68 10.91
CA VAL A 55 22.56 43.67 9.92
C VAL A 55 23.70 43.93 8.93
N LEU A 56 23.33 44.39 7.74
CA LEU A 56 24.28 44.68 6.67
C LEU A 56 24.10 46.13 6.26
N GLU A 57 25.22 46.81 6.05
CA GLU A 57 25.22 48.21 5.62
C GLU A 57 25.81 48.32 4.22
N ASN A 58 25.40 49.39 3.52
CA ASN A 58 25.84 49.67 2.14
C ASN A 58 25.54 48.49 1.22
N VAL A 59 24.35 47.92 1.34
CA VAL A 59 23.99 46.68 0.66
C VAL A 59 22.70 46.89 -0.14
N THR A 60 22.68 46.36 -1.36
CA THR A 60 21.49 46.33 -2.19
C THR A 60 21.32 44.94 -2.78
N GLU A 61 20.06 44.54 -2.95
CA GLU A 61 19.76 43.24 -3.53
C GLU A 61 18.33 43.26 -4.09
N HIS A 62 18.14 42.62 -5.22
CA HIS A 62 16.83 42.57 -5.88
C HIS A 62 16.03 41.40 -5.32
N PHE A 63 14.97 41.70 -4.59
CA PHE A 63 14.12 40.68 -4.00
C PHE A 63 12.91 40.40 -4.88
N ASN A 64 12.19 39.33 -4.54
CA ASN A 64 10.96 38.95 -5.19
C ASN A 64 10.20 38.02 -4.26
N MET A 65 8.87 38.06 -4.36
CA MET A 65 8.04 37.16 -3.58
C MET A 65 7.00 36.41 -4.39
N TRP A 66 6.76 36.79 -5.64
CA TRP A 66 5.79 36.09 -6.48
C TRP A 66 6.39 34.96 -7.29
N LYS A 67 7.72 34.83 -7.30
CA LYS A 67 8.40 33.71 -7.94
C LYS A 67 9.39 33.05 -6.99
N ASN A 68 9.20 33.22 -5.68
CA ASN A 68 10.10 32.62 -4.71
C ASN A 68 9.93 31.10 -4.69
N ASN A 69 11.05 30.39 -4.63
CA ASN A 69 11.04 28.94 -4.56
C ASN A 69 10.84 28.42 -3.14
N MET A 70 10.92 29.28 -2.13
CA MET A 70 10.72 28.84 -0.76
C MET A 70 9.26 28.56 -0.47
N VAL A 71 8.36 29.40 -0.99
CA VAL A 71 6.94 29.19 -0.74
C VAL A 71 6.42 28.02 -1.56
N GLU A 72 7.05 27.72 -2.70
CA GLU A 72 6.68 26.53 -3.46
C GLU A 72 7.03 25.25 -2.70
N GLN A 73 8.16 25.26 -2.00
CA GLN A 73 8.49 24.15 -1.11
C GLN A 73 7.57 24.11 0.09
N MET A 74 7.10 25.27 0.56
CA MET A 74 6.17 25.32 1.67
C MET A 74 4.85 24.63 1.33
N GLN A 75 4.37 24.81 0.09
CA GLN A 75 3.16 24.13 -0.34
C GLN A 75 3.36 22.63 -0.45
N GLU A 76 4.59 22.19 -0.75
CA GLU A 76 4.85 20.77 -0.91
C GLU A 76 4.74 20.03 0.42
N ASP A 77 5.17 20.66 1.51
CA ASP A 77 5.13 20.00 2.82
C ASP A 77 3.70 19.80 3.31
N ILE A 78 2.88 20.86 3.24
CA ILE A 78 1.53 20.80 3.80
C ILE A 78 0.68 19.75 3.08
N ILE A 79 0.93 19.55 1.79
CA ILE A 79 0.32 18.41 1.10
C ILE A 79 0.82 17.10 1.68
N SER A 80 2.14 17.01 1.91
CA SER A 80 2.73 15.75 2.32
C SER A 80 2.45 15.41 3.77
N LEU A 81 2.53 16.41 4.67
CA LEU A 81 2.27 16.16 6.08
C LEU A 81 0.83 15.74 6.34
N TRP A 82 -0.13 16.39 5.68
CA TRP A 82 -1.53 16.03 5.89
C TRP A 82 -1.86 14.67 5.27
N CYS A 83 -1.25 14.37 4.12
CA CYS A 83 -1.54 13.10 3.45
C CYS A 83 -0.93 11.93 4.20
N GLN A 84 0.25 12.11 4.78
CA GLN A 84 0.89 11.02 5.53
C GLN A 84 0.22 10.79 6.88
N SER A 85 -0.46 11.81 7.43
CA SER A 85 -1.08 11.67 8.74
C SER A 85 -2.34 10.83 8.71
N LEU A 86 -2.92 10.60 7.53
CA LEU A 86 -4.16 9.86 7.41
C LEU A 86 -3.96 8.38 7.10
N LYS A 87 -2.72 7.94 6.82
CA LYS A 87 -2.51 6.58 6.33
C LYS A 87 -2.64 5.53 7.43
N PRO A 88 -1.79 5.50 8.50
CA PRO A 88 -1.65 4.28 9.32
C PRO A 88 -2.67 4.13 10.44
N CYS A 89 -3.94 4.36 10.13
CA CYS A 89 -5.02 4.12 11.08
C CYS A 89 -6.33 3.95 10.30
N VAL A 90 -7.46 4.10 11.00
CA VAL A 90 -8.75 3.61 10.51
C VAL A 90 -9.19 4.31 9.23
N LYS A 91 -9.70 3.50 8.29
CA LYS A 91 -10.41 3.96 7.11
C LYS A 91 -11.89 3.63 7.26
N LEU A 92 -12.71 4.19 6.37
CA LEU A 92 -14.15 4.03 6.52
C LEU A 92 -14.87 3.72 5.21
N THR A 93 -14.17 3.15 4.23
CA THR A 93 -14.71 2.96 2.89
C THR A 93 -15.97 2.10 2.71
N PRO A 94 -16.37 1.19 3.60
CA PRO A 94 -17.69 0.56 3.43
C PRO A 94 -18.87 1.42 3.86
N LEU A 95 -18.71 2.74 3.99
CA LEU A 95 -19.80 3.59 4.46
C LEU A 95 -20.63 4.20 3.33
N CYS A 96 -20.11 4.27 2.11
CA CYS A 96 -20.88 4.86 1.01
C CYS A 96 -22.02 3.96 0.60
N VAL A 97 -23.06 3.89 1.44
CA VAL A 97 -24.24 3.06 1.18
C VAL A 97 -25.48 3.95 1.25
N THR A 98 -26.64 3.35 1.05
CA THR A 98 -27.89 4.09 1.20
C THR A 98 -28.11 4.47 2.66
N LEU A 99 -28.55 5.71 2.88
CA LEU A 99 -28.79 6.22 4.22
C LEU A 99 -30.25 6.66 4.32
N ASN A 100 -31.06 5.89 5.04
CA ASN A 100 -32.44 6.27 5.32
C ASN A 100 -32.43 7.40 6.34
N CYS A 101 -32.63 8.62 5.87
CA CYS A 101 -32.43 9.82 6.68
C CYS A 101 -33.76 10.46 7.03
N LYS A 102 -33.97 10.67 8.33
CA LYS A 102 -35.13 11.40 8.84
C LYS A 102 -34.65 12.63 9.59
N ASP A 103 -35.23 13.79 9.28
CA ASP A 103 -34.82 15.02 9.93
C ASP A 103 -35.23 15.02 11.40
N VAL A 104 -34.34 15.52 12.24
CA VAL A 104 -34.59 15.57 13.68
C VAL A 104 -35.44 16.77 14.03
N GLY A 120 -33.79 21.72 7.96
CA GLY A 120 -33.04 20.92 8.92
C GLY A 120 -31.59 20.75 8.52
N GLU A 121 -30.70 21.44 9.23
CA GLU A 121 -29.28 21.37 8.98
C GLU A 121 -28.58 20.25 9.75
N ILE A 122 -29.30 19.60 10.66
CA ILE A 122 -28.79 18.45 11.40
C ILE A 122 -29.77 17.30 11.19
N LYS A 123 -29.26 16.14 10.79
CA LYS A 123 -30.10 15.01 10.43
C LYS A 123 -29.76 13.79 11.28
N ASN A 124 -30.69 12.84 11.32
CA ASN A 124 -30.61 11.65 12.16
C ASN A 124 -30.51 10.43 11.26
N CYS A 125 -29.61 10.49 10.28
CA CYS A 125 -29.50 9.48 9.24
C CYS A 125 -29.26 8.09 9.82
N SER A 126 -30.01 7.11 9.33
CA SER A 126 -29.90 5.72 9.75
C SER A 126 -29.66 4.84 8.52
N PHE A 127 -28.93 3.75 8.72
CA PHE A 127 -28.52 2.92 7.61
C PHE A 127 -28.13 1.54 8.10
N ASN A 128 -28.26 0.54 7.21
CA ASN A 128 -27.67 -0.76 7.46
C ASN A 128 -26.17 -0.70 7.27
N ILE A 129 -25.44 -1.43 8.12
CA ILE A 129 -23.99 -1.38 8.12
C ILE A 129 -23.45 -2.80 8.14
N THR A 130 -22.27 -2.98 7.55
CA THR A 130 -21.64 -4.29 7.45
C THR A 130 -20.74 -4.52 8.66
N THR A 131 -21.05 -5.57 9.42
CA THR A 131 -20.25 -5.97 10.57
C THR A 131 -19.06 -6.80 10.08
N SER A 132 -18.01 -6.86 10.91
CA SER A 132 -16.85 -7.70 10.58
C SER A 132 -17.26 -9.15 10.35
N ILE A 133 -18.21 -9.64 11.13
CA ILE A 133 -18.84 -10.93 10.83
C ILE A 133 -19.72 -10.75 9.60
N ARG A 134 -19.53 -11.61 8.61
CA ARG A 134 -20.23 -11.46 7.34
C ARG A 134 -21.71 -11.80 7.49
N ASP A 135 -22.48 -11.41 6.47
CA ASP A 135 -23.95 -11.54 6.37
C ASP A 135 -24.65 -11.19 7.68
N LYS A 136 -24.24 -10.07 8.27
CA LYS A 136 -24.85 -9.56 9.50
C LYS A 136 -25.17 -8.09 9.30
N VAL A 137 -26.39 -7.69 9.68
CA VAL A 137 -26.86 -6.32 9.51
C VAL A 137 -27.16 -5.73 10.88
N GLN A 138 -26.79 -4.47 11.07
CA GLN A 138 -27.08 -3.73 12.29
C GLN A 138 -27.62 -2.37 11.91
N LYS A 139 -28.69 -1.93 12.60
CA LYS A 139 -29.29 -0.62 12.34
C LYS A 139 -28.57 0.44 13.17
N GLU A 140 -27.32 0.69 12.80
CA GLU A 140 -26.53 1.71 13.47
C GLU A 140 -26.81 3.07 12.84
N TYR A 141 -27.09 4.06 13.68
CA TYR A 141 -27.48 5.39 13.23
C TYR A 141 -26.54 6.43 13.81
N ALA A 142 -26.37 7.52 13.07
CA ALA A 142 -25.48 8.61 13.46
C ALA A 142 -26.14 9.93 13.11
N LEU A 143 -25.42 11.03 13.40
CA LEU A 143 -25.88 12.37 13.09
C LEU A 143 -24.98 12.97 12.02
N PHE A 144 -25.59 13.44 10.94
CA PHE A 144 -24.86 13.99 9.80
C PHE A 144 -25.36 15.38 9.48
N TYR A 145 -24.46 16.24 9.03
CA TYR A 145 -24.81 17.60 8.64
C TYR A 145 -25.36 17.62 7.22
N LYS A 146 -26.00 18.74 6.89
CA LYS A 146 -26.63 18.88 5.58
C LYS A 146 -25.61 18.91 4.45
N LEU A 147 -24.45 19.50 4.68
CA LEU A 147 -23.44 19.65 3.64
C LEU A 147 -22.74 18.35 3.28
N ASP A 148 -22.91 17.28 4.07
CA ASP A 148 -22.26 16.01 3.81
C ASP A 148 -23.22 14.95 3.28
N VAL A 149 -24.46 15.32 2.96
CA VAL A 149 -25.43 14.39 2.40
C VAL A 149 -26.00 15.00 1.13
N VAL A 150 -26.11 14.18 0.09
CA VAL A 150 -26.65 14.62 -1.20
C VAL A 150 -27.78 13.67 -1.61
N PRO A 151 -28.82 14.17 -2.29
CA PRO A 151 -29.89 13.29 -2.74
C PRO A 151 -29.66 12.77 -4.15
N ILE A 152 -29.98 11.49 -4.34
CA ILE A 152 -30.11 10.89 -5.67
C ILE A 152 -31.49 10.22 -5.74
N ASP A 153 -32.51 11.01 -6.08
CA ASP A 153 -33.93 10.67 -6.01
C ASP A 153 -34.76 11.75 -6.67
N ASN A 154 -36.08 11.58 -6.63
CA ASN A 154 -37.01 12.67 -6.93
C ASN A 154 -37.48 13.34 -5.63
N ASN A 155 -38.09 12.54 -4.75
CA ASN A 155 -38.44 13.03 -3.41
C ASN A 155 -38.15 12.02 -2.32
N ASN A 156 -37.63 10.83 -2.65
CA ASN A 156 -37.33 9.83 -1.64
C ASN A 156 -36.14 10.29 -0.79
N THR A 157 -36.08 9.79 0.44
CA THR A 157 -35.12 10.25 1.44
C THR A 157 -33.83 9.43 1.47
N SER A 158 -33.50 8.75 0.37
CA SER A 158 -32.26 7.98 0.32
C SER A 158 -31.09 8.93 0.04
N TYR A 159 -30.10 8.92 0.93
CA TYR A 159 -28.97 9.83 0.85
C TYR A 159 -27.66 9.05 0.78
N ARG A 160 -26.60 9.79 0.50
CA ARG A 160 -25.25 9.21 0.45
C ARG A 160 -24.25 10.30 0.83
N LEU A 161 -23.03 9.86 1.15
CA LEU A 161 -21.97 10.81 1.45
C LEU A 161 -21.59 11.60 0.20
N ILE A 162 -21.20 12.86 0.41
CA ILE A 162 -20.99 13.78 -0.70
C ILE A 162 -19.76 13.41 -1.54
N SER A 163 -18.80 12.68 -0.98
CA SER A 163 -17.52 12.47 -1.63
C SER A 163 -17.37 11.08 -2.24
N CYS A 164 -18.46 10.32 -2.38
CA CYS A 164 -18.35 8.98 -2.95
C CYS A 164 -17.90 9.00 -4.41
N ASN A 165 -18.10 10.13 -5.12
CA ASN A 165 -17.33 10.35 -6.36
C ASN A 165 -15.85 10.60 -6.10
N THR A 166 -15.02 9.95 -6.93
CA THR A 166 -13.62 10.26 -7.21
C THR A 166 -12.76 10.49 -5.96
N SER A 167 -13.17 9.93 -4.81
CA SER A 167 -12.35 10.07 -3.60
C SER A 167 -12.50 8.80 -2.76
N VAL A 168 -11.43 8.49 -2.03
CA VAL A 168 -11.45 7.44 -1.03
C VAL A 168 -11.50 8.13 0.32
N ILE A 169 -12.64 8.01 1.01
CA ILE A 169 -12.91 8.83 2.19
C ILE A 169 -12.31 8.11 3.40
N THR A 170 -11.34 8.74 4.02
CA THR A 170 -10.76 8.25 5.26
C THR A 170 -11.18 9.16 6.40
N GLN A 171 -10.74 8.81 7.61
CA GLN A 171 -11.10 9.55 8.81
C GLN A 171 -9.87 10.21 9.38
N ALA A 172 -10.01 11.48 9.78
CA ALA A 172 -8.95 12.16 10.50
C ALA A 172 -8.65 11.40 11.79
N CYS A 173 -7.37 11.14 12.02
CA CYS A 173 -6.96 10.09 12.93
C CYS A 173 -7.08 10.60 14.36
N PRO A 174 -7.80 9.91 15.26
CA PRO A 174 -8.30 10.54 16.49
C PRO A 174 -7.24 11.04 17.46
N LYS A 175 -6.09 10.38 17.54
CA LYS A 175 -5.08 10.75 18.52
C LYS A 175 -4.12 11.83 18.00
N ILE A 176 -4.37 12.35 16.80
CA ILE A 176 -3.53 13.36 16.16
C ILE A 176 -4.32 14.66 16.09
N SER A 177 -3.77 15.72 16.67
CA SER A 177 -4.43 17.01 16.76
C SER A 177 -4.09 17.88 15.55
N PHE A 178 -4.90 18.91 15.35
CA PHE A 178 -4.75 19.83 14.22
C PHE A 178 -4.16 21.17 14.64
N GLU A 179 -3.63 21.28 15.85
CA GLU A 179 -3.18 22.57 16.36
C GLU A 179 -1.88 22.99 15.67
N PRO A 180 -1.83 24.16 15.04
CA PRO A 180 -0.61 24.59 14.35
C PRO A 180 0.44 25.18 15.27
N ILE A 181 1.25 24.33 15.88
CA ILE A 181 2.39 24.81 16.67
C ILE A 181 3.40 25.46 15.73
N PRO A 182 3.93 26.64 16.06
CA PRO A 182 4.88 27.32 15.16
C PRO A 182 6.11 26.48 14.88
N ILE A 183 6.56 26.52 13.63
CA ILE A 183 7.77 25.84 13.18
C ILE A 183 8.69 26.87 12.55
N HIS A 184 9.98 26.55 12.48
CA HIS A 184 10.98 27.43 11.89
C HIS A 184 11.69 26.70 10.77
N TYR A 185 11.68 27.29 9.58
CA TYR A 185 12.42 26.75 8.46
C TYR A 185 13.87 27.21 8.52
N CYS A 186 14.81 26.27 8.43
CA CYS A 186 16.21 26.66 8.56
C CYS A 186 17.06 26.00 7.49
N ALA A 187 17.90 26.82 6.84
CA ALA A 187 18.81 26.40 5.79
C ALA A 187 20.01 25.65 6.39
N PRO A 188 20.56 24.68 5.65
CA PRO A 188 21.72 23.94 6.17
C PRO A 188 22.99 24.77 6.16
N ALA A 189 24.10 24.19 6.63
CA ALA A 189 25.38 24.88 6.63
C ALA A 189 25.84 25.12 5.19
N GLY A 190 26.45 26.27 4.97
CA GLY A 190 26.82 26.69 3.63
C GLY A 190 25.72 27.41 2.87
N PHE A 191 24.60 27.71 3.52
CA PHE A 191 23.50 28.44 2.91
C PHE A 191 23.03 29.52 3.87
N ALA A 192 22.69 30.68 3.33
CA ALA A 192 22.20 31.79 4.13
C ALA A 192 20.85 32.25 3.61
N ILE A 193 20.10 32.93 4.47
CA ILE A 193 18.78 33.45 4.15
C ILE A 193 18.80 34.96 4.32
N LEU A 194 18.43 35.69 3.27
CA LEU A 194 18.43 37.14 3.30
C LEU A 194 17.05 37.66 3.66
N LYS A 195 17.00 38.55 4.65
CA LYS A 195 15.75 39.13 5.12
C LYS A 195 15.73 40.63 4.84
N CYS A 196 14.68 41.09 4.18
CA CYS A 196 14.45 42.52 3.95
C CYS A 196 13.39 42.98 4.94
N ASN A 197 13.85 43.55 6.06
CA ASN A 197 12.96 44.04 7.10
C ASN A 197 12.70 45.54 6.98
N ASP A 198 12.80 46.09 5.77
CA ASP A 198 12.54 47.50 5.56
C ASP A 198 11.04 47.78 5.67
N LYS A 199 10.72 48.98 6.16
CA LYS A 199 9.34 49.39 6.30
C LYS A 199 8.71 49.61 4.93
N THR A 200 7.43 49.23 4.82
CA THR A 200 6.62 49.37 3.59
C THR A 200 7.31 48.74 2.38
N PHE A 201 7.51 47.42 2.47
CA PHE A 201 8.11 46.70 1.36
C PHE A 201 7.13 46.60 0.20
N ASN A 202 7.61 46.98 -1.00
CA ASN A 202 6.75 46.97 -2.17
C ASN A 202 6.41 45.54 -2.59
N GLY A 203 7.39 44.65 -2.59
CA GLY A 203 7.17 43.27 -2.99
C GLY A 203 8.17 42.80 -4.03
N THR A 204 8.53 43.68 -4.95
CA THR A 204 9.50 43.36 -5.99
C THR A 204 10.29 44.63 -6.30
N GLY A 205 11.55 44.66 -5.88
CA GLY A 205 12.40 45.80 -6.11
C GLY A 205 13.58 45.83 -5.17
N PRO A 206 14.33 46.93 -5.19
CA PRO A 206 15.50 47.04 -4.31
C PRO A 206 15.11 47.22 -2.85
N CYS A 207 15.94 46.66 -1.98
CA CYS A 207 15.79 46.81 -0.54
C CYS A 207 17.13 47.24 0.05
N LYS A 208 17.08 48.19 0.99
CA LYS A 208 18.28 48.77 1.56
C LYS A 208 18.71 48.13 2.88
N ASN A 209 17.76 47.88 3.78
CA ASN A 209 18.08 47.30 5.08
C ASN A 209 18.00 45.77 5.03
N VAL A 210 18.88 45.19 4.22
CA VAL A 210 18.97 43.74 4.09
C VAL A 210 19.70 43.17 5.29
N SER A 211 19.11 42.19 5.95
CA SER A 211 19.68 41.55 7.13
C SER A 211 19.82 40.07 6.88
N THR A 212 21.01 39.52 7.16
CA THR A 212 21.25 38.10 7.06
C THR A 212 20.91 37.44 8.39
N VAL A 213 19.99 36.48 8.35
CA VAL A 213 19.49 35.83 9.55
C VAL A 213 20.05 34.41 9.58
N GLN A 214 20.20 33.87 10.80
CA GLN A 214 20.58 32.46 10.94
C GLN A 214 19.56 31.56 10.28
N CYS A 215 18.29 31.72 10.62
CA CYS A 215 17.17 31.11 9.91
C CYS A 215 15.89 31.81 10.35
N THR A 216 14.81 31.57 9.60
CA THR A 216 13.63 32.41 9.67
C THR A 216 12.92 32.30 11.02
N HIS A 217 12.05 33.27 11.28
CA HIS A 217 11.29 33.31 12.51
C HIS A 217 10.10 32.36 12.44
N GLY A 218 9.27 32.39 13.49
CA GLY A 218 8.15 31.47 13.60
C GLY A 218 7.06 31.67 12.57
N ILE A 219 6.96 30.73 11.63
CA ILE A 219 5.86 30.71 10.67
C ILE A 219 4.68 29.96 11.28
N ARG A 220 3.47 30.48 11.04
CA ARG A 220 2.26 29.80 11.47
C ARG A 220 1.65 29.12 10.27
N PRO A 221 1.70 27.79 10.18
CA PRO A 221 1.17 27.07 9.01
C PRO A 221 -0.34 26.83 9.09
N VAL A 222 -1.09 27.89 9.34
CA VAL A 222 -2.54 27.80 9.44
C VAL A 222 -3.15 27.72 8.05
N VAL A 223 -4.15 26.85 7.90
CA VAL A 223 -4.91 26.74 6.67
C VAL A 223 -6.16 27.61 6.79
N SER A 224 -6.41 28.43 5.77
CA SER A 224 -7.53 29.36 5.79
C SER A 224 -7.87 29.76 4.36
N THR A 225 -9.04 30.35 4.21
CA THR A 225 -9.51 30.85 2.93
C THR A 225 -10.22 32.18 3.15
N GLN A 226 -9.94 33.15 2.27
CA GLN A 226 -10.57 34.47 2.18
C GLN A 226 -10.11 35.39 3.30
N LEU A 227 -9.43 34.85 4.32
CA LEU A 227 -8.83 35.63 5.37
C LEU A 227 -7.54 34.95 5.80
N LEU A 228 -6.64 35.73 6.40
CA LEU A 228 -5.42 35.22 6.99
C LEU A 228 -5.46 35.46 8.49
N LEU A 229 -5.07 34.45 9.27
CA LEU A 229 -5.21 34.49 10.71
C LEU A 229 -3.89 34.13 11.39
N ASN A 230 -3.73 34.66 12.60
CA ASN A 230 -2.59 34.35 13.48
C ASN A 230 -1.24 34.66 12.84
N GLY A 231 -1.18 35.73 12.05
CA GLY A 231 0.03 36.14 11.38
C GLY A 231 0.78 37.21 12.14
N SER A 232 1.56 38.00 11.41
CA SER A 232 2.34 39.09 11.97
C SER A 232 1.68 40.43 11.67
N LEU A 233 2.30 41.50 12.16
CA LEU A 233 1.80 42.86 11.99
C LEU A 233 2.85 43.71 11.31
N ALA A 234 2.39 44.79 10.68
CA ALA A 234 3.26 45.70 9.93
C ALA A 234 3.96 46.65 10.88
N GLU A 235 4.62 47.67 10.32
CA GLU A 235 5.38 48.64 11.10
C GLU A 235 4.82 50.04 11.01
N GLU A 236 4.50 50.52 9.80
CA GLU A 236 4.09 51.90 9.60
C GLU A 236 2.64 52.05 9.18
N GLU A 237 2.19 51.28 8.17
CA GLU A 237 0.83 51.40 7.67
C GLU A 237 0.49 50.13 6.89
N VAL A 238 -0.81 49.97 6.61
CA VAL A 238 -1.33 48.75 5.99
C VAL A 238 -0.91 48.71 4.53
N VAL A 239 0.03 47.84 4.21
CA VAL A 239 0.62 47.78 2.87
C VAL A 239 -0.11 46.75 2.02
N ILE A 240 -0.07 46.96 0.71
CA ILE A 240 -0.72 46.10 -0.27
C ILE A 240 0.33 45.69 -1.30
N ARG A 241 0.41 44.39 -1.58
CA ARG A 241 1.42 43.85 -2.49
C ARG A 241 0.76 42.98 -3.55
N SER A 242 1.24 43.11 -4.79
CA SER A 242 0.80 42.28 -5.90
C SER A 242 1.84 42.39 -7.00
N ASP A 243 1.71 41.52 -8.01
CA ASP A 243 2.63 41.55 -9.15
C ASP A 243 2.38 42.78 -10.02
N ASN A 244 1.18 42.90 -10.56
CA ASN A 244 0.68 44.13 -11.17
C ASN A 244 -0.68 44.49 -10.59
N PHE A 245 -0.98 45.79 -10.59
CA PHE A 245 -2.28 46.26 -10.16
C PHE A 245 -3.22 46.51 -11.32
N THR A 246 -2.74 46.39 -12.57
CA THR A 246 -3.58 46.63 -13.74
C THR A 246 -4.40 45.42 -14.14
N ASN A 247 -3.92 44.20 -13.86
CA ASN A 247 -4.62 43.00 -14.24
C ASN A 247 -5.70 42.67 -13.21
N ASN A 248 -6.79 42.08 -13.69
CA ASN A 248 -7.92 41.73 -12.85
C ASN A 248 -7.96 40.25 -12.47
N ALA A 249 -7.06 39.44 -13.02
CA ALA A 249 -7.03 38.00 -12.75
C ALA A 249 -5.96 37.60 -11.74
N LYS A 250 -5.31 38.58 -11.12
CA LYS A 250 -4.24 38.31 -10.15
C LYS A 250 -4.69 38.74 -8.76
N THR A 251 -4.40 37.90 -7.77
CA THR A 251 -4.86 38.14 -6.41
C THR A 251 -4.08 39.28 -5.76
N ILE A 252 -4.67 39.83 -4.71
CA ILE A 252 -4.10 40.92 -3.94
C ILE A 252 -3.96 40.47 -2.49
N ILE A 253 -2.77 40.60 -1.93
CA ILE A 253 -2.49 40.21 -0.55
C ILE A 253 -2.28 41.49 0.25
N VAL A 254 -3.13 41.72 1.25
CA VAL A 254 -2.99 42.87 2.13
C VAL A 254 -2.46 42.36 3.47
N GLN A 255 -1.98 43.31 4.29
CA GLN A 255 -1.41 42.96 5.59
C GLN A 255 -1.78 44.06 6.56
N LEU A 256 -2.64 43.74 7.52
CA LEU A 256 -3.17 44.73 8.44
C LEU A 256 -2.14 45.18 9.46
N LYS A 257 -2.34 46.38 9.99
CA LYS A 257 -1.52 46.89 11.08
C LYS A 257 -1.95 46.31 12.42
N GLU A 258 -3.21 46.53 12.79
CA GLU A 258 -3.76 46.10 14.07
C GLU A 258 -4.71 44.95 13.86
N SER A 259 -4.58 43.92 14.69
CA SER A 259 -5.37 42.71 14.56
C SER A 259 -6.77 42.93 15.12
N VAL A 260 -7.76 42.36 14.45
CA VAL A 260 -9.14 42.37 14.91
C VAL A 260 -9.42 41.07 15.63
N GLU A 261 -9.85 41.15 16.89
CA GLU A 261 -10.08 39.96 17.68
C GLU A 261 -11.39 39.29 17.30
N ILE A 262 -11.39 37.96 17.30
CA ILE A 262 -12.61 37.16 17.15
C ILE A 262 -12.63 36.13 18.26
N ASN A 263 -13.71 36.12 19.04
CA ASN A 263 -13.98 35.08 20.02
C ASN A 263 -15.26 34.38 19.60
N CYS A 264 -15.21 33.07 19.43
CA CYS A 264 -16.43 32.35 19.06
C CYS A 264 -16.32 30.88 19.43
N THR A 265 -17.39 30.15 19.11
CA THR A 265 -17.65 28.83 19.67
C THR A 265 -18.53 28.04 18.73
N ARG A 266 -18.76 26.78 19.08
CA ARG A 266 -19.71 25.89 18.40
C ARG A 266 -20.62 25.32 19.46
N PRO A 267 -21.63 26.07 19.88
CA PRO A 267 -22.44 25.60 21.01
C PRO A 267 -23.46 24.54 20.62
N ASN A 268 -23.13 23.28 20.91
CA ASN A 268 -24.09 22.18 20.82
C ASN A 268 -23.98 21.18 21.96
N ASN A 269 -22.83 21.08 22.62
CA ASN A 269 -22.51 20.02 23.60
C ASN A 269 -22.81 18.64 23.02
N ASN A 270 -22.10 18.31 21.94
CA ASN A 270 -22.23 17.01 21.32
C ASN A 270 -21.67 15.92 22.22
N THR A 271 -22.29 14.74 22.15
CA THR A 271 -21.82 13.60 22.92
C THR A 271 -20.83 12.79 22.08
N ARG A 272 -20.45 11.61 22.56
CA ARG A 272 -19.35 10.84 21.98
C ARG A 272 -19.80 9.38 21.85
N LYS A 273 -20.16 8.97 20.64
CA LYS A 273 -20.64 7.62 20.37
C LYS A 273 -19.74 6.95 19.35
N SER A 274 -19.51 5.65 19.52
CA SER A 274 -18.65 4.87 18.63
C SER A 274 -19.48 3.83 17.90
N ILE A 275 -19.19 3.66 16.61
CA ILE A 275 -19.86 2.66 15.77
C ILE A 275 -18.81 1.70 15.23
N HIS A 276 -19.05 0.41 15.42
CA HIS A 276 -18.10 -0.61 14.98
C HIS A 276 -18.22 -0.82 13.48
N ILE A 277 -17.08 -0.89 12.80
CA ILE A 277 -17.04 -1.12 11.36
C ILE A 277 -16.61 -2.54 11.05
N GLY A 278 -15.39 -2.89 11.45
CA GLY A 278 -14.83 -4.18 11.11
C GLY A 278 -13.70 -4.60 12.03
N PRO A 279 -12.66 -5.18 11.45
CA PRO A 279 -11.56 -5.72 12.27
C PRO A 279 -10.65 -4.64 12.84
N GLY A 280 -10.76 -4.40 14.13
CA GLY A 280 -9.89 -3.44 14.81
C GLY A 280 -10.06 -2.01 14.32
N ARG A 281 -11.31 -1.58 14.09
CA ARG A 281 -11.56 -0.24 13.57
C ARG A 281 -12.89 0.25 14.10
N ALA A 282 -13.06 1.57 14.08
CA ALA A 282 -14.28 2.18 14.56
C ALA A 282 -14.52 3.49 13.82
N PHE A 283 -15.78 3.94 13.85
CA PHE A 283 -16.22 5.14 13.15
C PHE A 283 -16.97 6.03 14.14
N TYR A 284 -16.28 7.05 14.64
CA TYR A 284 -16.81 7.88 15.72
C TYR A 284 -17.64 9.03 15.18
N THR A 285 -18.88 9.12 15.65
CA THR A 285 -19.81 10.17 15.25
C THR A 285 -20.49 10.77 16.47
N THR A 286 -21.32 11.77 16.21
CA THR A 286 -22.19 12.34 17.25
C THR A 286 -23.44 11.49 17.37
N GLY A 287 -23.77 11.10 18.60
CA GLY A 287 -24.94 10.28 18.84
C GLY A 287 -26.20 11.08 19.08
N GLU A 288 -26.10 12.10 19.94
CA GLU A 288 -27.24 12.93 20.28
C GLU A 288 -26.73 14.29 20.72
N ILE A 289 -27.63 15.27 20.74
CA ILE A 289 -27.30 16.63 21.13
C ILE A 289 -27.90 16.86 22.51
N ILE A 290 -27.03 17.07 23.49
CA ILE A 290 -27.45 17.26 24.88
C ILE A 290 -27.65 18.75 25.13
N GLY A 291 -28.84 19.12 25.57
CA GLY A 291 -29.13 20.51 25.89
C GLY A 291 -29.96 21.20 24.82
N ASP A 292 -29.59 22.45 24.50
CA ASP A 292 -30.32 23.26 23.53
C ASP A 292 -29.51 23.33 22.25
N ILE A 293 -30.18 23.09 21.12
CA ILE A 293 -29.53 23.14 19.82
C ILE A 293 -29.39 24.60 19.40
N ARG A 294 -28.31 24.90 18.68
CA ARG A 294 -28.02 26.26 18.22
C ARG A 294 -27.25 26.17 16.93
N GLN A 295 -26.65 27.30 16.52
CA GLN A 295 -25.87 27.39 15.30
C GLN A 295 -24.46 27.88 15.61
N ALA A 296 -23.57 27.74 14.63
CA ALA A 296 -22.21 28.22 14.75
C ALA A 296 -22.13 29.64 14.23
N HIS A 297 -21.45 30.51 14.98
CA HIS A 297 -21.36 31.93 14.65
C HIS A 297 -20.08 32.49 15.22
N CYS A 298 -19.65 33.64 14.70
CA CYS A 298 -18.46 34.31 15.19
C CYS A 298 -18.66 35.83 15.22
N ASN A 299 -18.38 36.43 16.38
CA ASN A 299 -18.46 37.87 16.53
C ASN A 299 -17.32 38.56 15.80
N ILE A 300 -17.60 39.76 15.28
CA ILE A 300 -16.58 40.73 14.91
C ILE A 300 -17.05 42.09 15.42
N SER A 301 -16.28 42.70 16.31
CA SER A 301 -16.71 43.90 17.00
C SER A 301 -16.74 45.09 16.05
N ARG A 302 -17.79 45.91 16.14
CA ARG A 302 -17.87 47.14 15.38
C ARG A 302 -16.96 48.20 16.00
N ALA A 303 -16.77 49.29 15.26
CA ALA A 303 -15.76 50.32 15.51
C ALA A 303 -14.35 49.76 15.54
N LYS A 304 -14.16 48.55 14.97
CA LYS A 304 -12.85 47.92 14.82
C LYS A 304 -12.66 47.31 13.44
N TRP A 305 -13.73 47.01 12.71
CA TRP A 305 -13.63 46.52 11.33
C TRP A 305 -13.94 47.61 10.31
N ASN A 306 -14.99 48.41 10.54
CA ASN A 306 -15.29 49.51 9.63
C ASN A 306 -14.28 50.64 9.76
N ASP A 307 -13.66 50.80 10.93
CA ASP A 307 -12.54 51.73 11.05
C ASP A 307 -11.30 51.19 10.34
N THR A 308 -11.10 49.87 10.41
CA THR A 308 -9.96 49.25 9.76
C THR A 308 -10.16 49.15 8.24
N LEU A 309 -11.41 49.03 7.80
CA LEU A 309 -11.69 49.10 6.36
C LEU A 309 -11.32 50.46 5.79
N LYS A 310 -11.43 51.52 6.60
CA LYS A 310 -10.95 52.83 6.17
C LYS A 310 -9.43 52.86 6.06
N GLN A 311 -8.73 52.09 6.91
CA GLN A 311 -7.28 52.04 6.83
C GLN A 311 -6.81 51.40 5.54
N ILE A 312 -7.56 50.43 5.01
CA ILE A 312 -7.18 49.80 3.75
C ILE A 312 -7.38 50.76 2.59
N VAL A 313 -8.49 51.50 2.58
CA VAL A 313 -8.82 52.32 1.41
C VAL A 313 -7.96 53.58 1.32
N ILE A 314 -7.33 54.02 2.41
CA ILE A 314 -6.41 55.15 2.33
C ILE A 314 -5.16 54.76 1.54
N LYS A 315 -4.58 53.60 1.87
CA LYS A 315 -3.46 53.11 1.09
C LYS A 315 -3.90 52.61 -0.28
N LEU A 316 -5.16 52.19 -0.42
CA LEU A 316 -5.69 51.86 -1.74
C LEU A 316 -6.04 53.11 -2.54
N ARG A 317 -6.01 54.28 -1.93
CA ARG A 317 -6.21 55.54 -2.63
C ARG A 317 -4.93 56.08 -3.26
N GLU A 318 -3.80 55.37 -3.09
CA GLU A 318 -2.54 55.76 -3.68
C GLU A 318 -2.49 55.39 -5.16
N GLN A 319 -1.30 55.37 -5.75
CA GLN A 319 -1.18 55.26 -7.20
C GLN A 319 -1.43 53.85 -7.74
N PHE A 320 -2.50 53.21 -7.26
CA PHE A 320 -3.05 52.00 -7.84
C PHE A 320 -4.48 52.21 -8.31
N GLU A 321 -5.35 52.68 -7.41
CA GLU A 321 -6.69 53.14 -7.75
C GLU A 321 -6.93 54.43 -6.97
N ASN A 322 -7.85 55.27 -7.48
CA ASN A 322 -8.06 56.57 -6.87
C ASN A 322 -9.42 56.73 -6.23
N LYS A 323 -10.51 56.58 -6.99
CA LYS A 323 -11.83 56.96 -6.52
C LYS A 323 -12.79 55.78 -6.52
N THR A 324 -13.90 55.96 -5.80
CA THR A 324 -15.08 55.08 -5.72
C THR A 324 -14.74 53.59 -5.75
N ILE A 325 -13.77 53.21 -4.93
CA ILE A 325 -13.48 51.79 -4.75
C ILE A 325 -14.55 51.18 -3.85
N VAL A 326 -15.09 50.04 -4.26
CA VAL A 326 -16.22 49.42 -3.60
C VAL A 326 -15.95 47.93 -3.43
N PHE A 327 -16.32 47.39 -2.27
CA PHE A 327 -16.24 45.96 -2.01
C PHE A 327 -17.55 45.28 -2.37
N ASN A 328 -17.56 43.96 -2.28
CA ASN A 328 -18.73 43.15 -2.60
C ASN A 328 -18.57 41.79 -1.93
N HIS A 329 -19.66 41.04 -1.91
CA HIS A 329 -19.59 39.65 -1.45
C HIS A 329 -18.97 38.80 -2.55
N SER A 330 -18.82 37.51 -2.26
CA SER A 330 -18.20 36.61 -3.23
C SER A 330 -19.13 36.37 -4.42
N SER A 331 -18.54 35.90 -5.52
CA SER A 331 -19.29 35.75 -6.76
C SER A 331 -20.38 34.70 -6.65
N GLY A 332 -20.08 33.57 -6.01
CA GLY A 332 -21.03 32.49 -5.88
C GLY A 332 -20.65 31.28 -6.72
N GLY A 333 -21.66 30.47 -7.02
CA GLY A 333 -21.45 29.27 -7.80
C GLY A 333 -21.14 28.06 -6.94
N ASP A 334 -19.87 27.71 -6.83
CA ASP A 334 -19.46 26.60 -5.98
C ASP A 334 -19.40 27.07 -4.54
N PRO A 335 -20.22 26.52 -3.63
CA PRO A 335 -20.31 27.09 -2.27
C PRO A 335 -19.06 26.92 -1.42
N GLU A 336 -18.22 25.94 -1.74
CA GLU A 336 -17.05 25.73 -0.85
C GLU A 336 -16.07 26.88 -1.00
N ILE A 337 -15.67 27.25 -2.23
CA ILE A 337 -14.62 28.25 -2.43
C ILE A 337 -15.09 29.62 -1.96
N VAL A 338 -16.34 29.99 -2.27
CA VAL A 338 -16.85 31.30 -1.93
C VAL A 338 -17.07 31.45 -0.43
N MET A 339 -17.15 30.34 0.30
CA MET A 339 -17.23 30.39 1.75
C MET A 339 -15.90 30.80 2.34
N HIS A 340 -15.94 31.34 3.56
CA HIS A 340 -14.74 31.65 4.32
C HIS A 340 -14.42 30.44 5.20
N SER A 341 -13.35 29.73 4.87
CA SER A 341 -12.97 28.55 5.62
C SER A 341 -12.38 28.93 6.97
N PHE A 342 -12.51 28.02 7.93
CA PHE A 342 -12.07 28.27 9.30
C PHE A 342 -11.87 26.92 9.97
N ASN A 343 -10.97 26.90 10.96
CA ASN A 343 -10.65 25.65 11.64
C ASN A 343 -10.06 25.96 13.01
N CYS A 344 -10.68 25.43 14.06
CA CYS A 344 -10.17 25.58 15.41
C CYS A 344 -10.72 24.46 16.28
N GLY A 345 -9.89 24.01 17.23
CA GLY A 345 -10.31 22.97 18.14
C GLY A 345 -10.49 21.61 17.53
N GLY A 346 -9.90 21.35 16.37
CA GLY A 346 -10.07 20.09 15.69
C GLY A 346 -11.33 19.97 14.85
N GLU A 347 -12.15 21.02 14.79
CA GLU A 347 -13.37 21.02 14.01
C GLU A 347 -13.24 22.01 12.87
N PHE A 348 -13.80 21.65 11.71
CA PHE A 348 -13.70 22.47 10.51
C PHE A 348 -14.95 23.32 10.36
N PHE A 349 -14.75 24.62 10.13
CA PHE A 349 -15.83 25.58 9.98
C PHE A 349 -15.87 26.12 8.56
N TYR A 350 -17.08 26.42 8.09
CA TYR A 350 -17.29 27.07 6.80
C TYR A 350 -18.22 28.26 7.08
N CYS A 351 -17.63 29.39 7.41
CA CYS A 351 -18.37 30.53 7.92
C CYS A 351 -18.69 31.52 6.81
N ASN A 352 -19.91 32.05 6.84
CA ASN A 352 -20.36 33.02 5.84
C ASN A 352 -19.82 34.40 6.18
N SER A 353 -19.37 35.13 5.15
CA SER A 353 -18.70 36.40 5.36
C SER A 353 -19.24 37.48 4.42
N THR A 354 -20.53 37.44 4.11
CA THR A 354 -21.12 38.47 3.26
C THR A 354 -21.19 39.81 3.98
N GLN A 355 -21.47 39.79 5.29
CA GLN A 355 -21.67 41.01 6.05
C GLN A 355 -20.38 41.80 6.28
N LEU A 356 -19.22 41.23 5.97
CA LEU A 356 -17.95 41.91 6.18
C LEU A 356 -17.50 42.74 4.98
N PHE A 357 -18.20 42.66 3.86
CA PHE A 357 -17.78 43.38 2.65
C PHE A 357 -18.91 44.11 1.95
N ASN A 358 -20.16 43.92 2.34
CA ASN A 358 -21.29 44.60 1.70
C ASN A 358 -21.30 46.06 2.15
N SER A 359 -20.57 46.91 1.44
CA SER A 359 -20.47 48.33 1.75
C SER A 359 -19.96 49.08 0.53
N THR A 360 -20.15 50.39 0.54
CA THR A 360 -19.70 51.26 -0.54
C THR A 360 -18.89 52.40 0.07
N TRP A 361 -17.74 52.69 -0.54
CA TRP A 361 -16.84 53.73 -0.04
C TRP A 361 -16.75 54.86 -1.06
N ASN A 362 -16.97 56.08 -0.60
CA ASN A 362 -16.94 57.25 -1.48
C ASN A 362 -16.63 58.47 -0.62
N ASN A 363 -16.08 59.49 -1.25
CA ASN A 363 -15.77 60.75 -0.58
C ASN A 363 -16.08 61.94 -1.47
N GLU A 372 -25.58 46.34 12.64
CA GLU A 372 -26.50 47.35 13.11
C GLU A 372 -26.54 47.39 14.63
N GLY A 373 -25.60 46.69 15.27
CA GLY A 373 -25.57 46.60 16.71
C GLY A 373 -24.19 46.76 17.30
N ASN A 374 -23.77 45.81 18.14
CA ASN A 374 -22.46 45.86 18.77
C ASN A 374 -21.40 45.11 17.96
N THR A 375 -21.67 43.86 17.60
CA THR A 375 -20.78 43.08 16.76
C THR A 375 -21.53 42.57 15.54
N ILE A 376 -20.79 42.01 14.60
CA ILE A 376 -21.37 41.35 13.43
C ILE A 376 -21.40 39.85 13.72
N THR A 377 -22.59 39.25 13.68
CA THR A 377 -22.76 37.83 13.95
C THR A 377 -22.74 37.10 12.61
N LEU A 378 -21.57 36.57 12.26
CA LEU A 378 -21.42 35.79 11.03
C LEU A 378 -22.16 34.47 11.15
N PRO A 379 -23.04 34.13 10.21
CA PRO A 379 -23.55 32.76 10.17
C PRO A 379 -22.48 31.79 9.69
N CYS A 380 -22.54 30.56 10.22
CA CYS A 380 -21.44 29.64 9.94
C CYS A 380 -21.94 28.22 10.09
N ARG A 381 -21.49 27.34 9.19
CA ARG A 381 -21.85 25.94 9.19
C ARG A 381 -20.62 25.08 9.43
N ILE A 382 -20.86 23.80 9.72
CA ILE A 382 -19.81 22.83 9.98
C ILE A 382 -19.88 21.75 8.93
N LYS A 383 -18.75 21.50 8.26
CA LYS A 383 -18.63 20.45 7.26
C LYS A 383 -17.69 19.38 7.81
N GLN A 384 -18.24 18.22 8.15
CA GLN A 384 -17.42 17.15 8.73
C GLN A 384 -16.47 16.56 7.69
N ILE A 385 -16.91 16.45 6.45
CA ILE A 385 -16.10 15.90 5.36
C ILE A 385 -15.47 17.06 4.61
N ILE A 386 -14.15 17.02 4.48
CA ILE A 386 -13.42 18.02 3.71
C ILE A 386 -12.86 17.35 2.45
N ASN A 387 -12.75 18.14 1.39
CA ASN A 387 -12.28 17.67 0.09
C ASN A 387 -11.24 18.63 -0.47
N MET A 388 -10.27 18.98 0.38
CA MET A 388 -9.29 20.01 0.04
C MET A 388 -8.08 19.45 -0.71
N TRP A 389 -7.52 18.34 -0.23
CA TRP A 389 -6.28 17.81 -0.80
C TRP A 389 -6.50 16.91 -2.00
N GLN A 390 -7.74 16.53 -2.30
CA GLN A 390 -7.99 15.63 -3.42
C GLN A 390 -7.79 16.35 -4.76
N GLU A 391 -8.24 17.59 -4.87
CA GLU A 391 -8.18 18.32 -6.12
C GLU A 391 -6.83 18.99 -6.36
N VAL A 392 -5.91 18.96 -5.40
CA VAL A 392 -4.58 19.53 -5.59
C VAL A 392 -3.51 18.45 -5.53
N GLY A 393 -3.70 17.45 -4.66
CA GLY A 393 -2.69 16.44 -4.46
C GLY A 393 -3.16 15.02 -4.71
N GLY A 394 -4.47 14.81 -4.71
CA GLY A 394 -5.02 13.49 -4.94
C GLY A 394 -4.74 12.47 -3.85
N CYS A 395 -4.79 12.89 -2.59
CA CYS A 395 -4.61 11.95 -1.48
C CYS A 395 -5.92 11.36 -0.99
N GLY A 396 -7.03 12.09 -1.11
CA GLY A 396 -8.31 11.59 -0.68
C GLY A 396 -9.01 12.50 0.31
N ALA A 397 -10.32 12.33 0.45
CA ALA A 397 -11.09 13.15 1.37
C ALA A 397 -10.81 12.73 2.82
N MET A 398 -11.33 13.52 3.76
CA MET A 398 -11.07 13.27 5.17
C MET A 398 -12.33 13.55 5.97
N TYR A 399 -12.66 12.65 6.90
CA TYR A 399 -13.78 12.82 7.82
C TYR A 399 -13.23 13.16 9.20
N ALA A 400 -13.36 14.41 9.61
CA ALA A 400 -12.91 14.81 10.94
C ALA A 400 -13.86 14.26 12.00
N PRO A 401 -13.30 13.76 13.12
CA PRO A 401 -14.16 13.28 14.20
C PRO A 401 -14.86 14.43 14.88
N PRO A 402 -16.05 14.22 15.42
CA PRO A 402 -16.68 15.26 16.24
C PRO A 402 -15.94 15.41 17.57
N ILE A 403 -15.96 16.64 18.09
CA ILE A 403 -15.23 16.97 19.31
C ILE A 403 -16.22 17.02 20.47
N ARG A 404 -15.87 16.36 21.58
CA ARG A 404 -16.71 16.35 22.76
C ARG A 404 -16.72 17.73 23.40
N GLY A 405 -17.88 18.12 23.91
CA GLY A 405 -18.00 19.33 24.70
C GLY A 405 -18.21 20.57 23.87
N GLN A 406 -18.29 21.69 24.58
CA GLN A 406 -18.51 23.00 23.99
C GLN A 406 -17.14 23.65 23.74
N ILE A 407 -16.70 23.63 22.48
CA ILE A 407 -15.43 24.27 22.13
C ILE A 407 -15.61 25.78 22.09
N ARG A 408 -14.53 26.50 22.37
CA ARG A 408 -14.52 27.96 22.29
C ARG A 408 -13.12 28.39 21.90
N CYS A 409 -12.97 28.94 20.70
CA CYS A 409 -11.67 29.32 20.16
C CYS A 409 -11.63 30.81 19.84
N SER A 410 -10.49 31.43 20.10
CA SER A 410 -10.28 32.83 19.81
C SER A 410 -9.07 33.00 18.90
N SER A 411 -9.18 33.94 17.95
CA SER A 411 -8.13 34.12 16.95
C SER A 411 -8.02 35.60 16.61
N ASN A 412 -7.07 35.90 15.73
CA ASN A 412 -6.83 37.25 15.22
C ASN A 412 -6.88 37.22 13.70
N ILE A 413 -7.15 38.38 13.10
CA ILE A 413 -7.08 38.54 11.65
C ILE A 413 -5.90 39.46 11.35
N THR A 414 -4.99 38.97 10.51
CA THR A 414 -3.80 39.72 10.13
C THR A 414 -3.67 39.96 8.62
N GLY A 415 -4.53 39.34 7.81
CA GLY A 415 -4.45 39.54 6.38
C GLY A 415 -5.74 39.14 5.70
N LEU A 416 -6.00 39.76 4.55
CA LEU A 416 -7.10 39.41 3.68
C LEU A 416 -6.57 39.18 2.26
N LEU A 417 -7.33 38.43 1.48
CA LEU A 417 -6.98 38.11 0.10
C LEU A 417 -8.08 38.65 -0.81
N LEU A 418 -7.94 39.93 -1.19
CA LEU A 418 -8.91 40.55 -2.08
C LEU A 418 -8.59 40.21 -3.53
N THR A 419 -9.60 40.35 -4.38
CA THR A 419 -9.45 40.08 -5.81
C THR A 419 -10.43 40.97 -6.56
N ARG A 420 -9.92 41.83 -7.43
CA ARG A 420 -10.76 42.71 -8.22
C ARG A 420 -11.39 41.96 -9.39
N ASP A 421 -12.45 42.52 -9.93
CA ASP A 421 -13.18 41.96 -11.07
C ASP A 421 -13.42 43.07 -12.09
N GLY A 422 -12.49 43.22 -13.03
CA GLY A 422 -12.62 44.24 -14.05
C GLY A 422 -13.58 43.84 -15.17
N GLY A 423 -13.88 44.83 -16.00
CA GLY A 423 -14.77 44.60 -17.13
C GLY A 423 -15.66 45.78 -17.45
N ILE A 424 -16.98 45.55 -17.46
CA ILE A 424 -17.97 46.56 -17.81
C ILE A 424 -18.09 47.60 -16.71
N ASN A 425 -18.82 48.68 -17.00
CA ASN A 425 -19.05 49.80 -16.08
C ASN A 425 -17.72 50.47 -15.69
N GLU A 426 -17.05 51.01 -16.70
CA GLU A 426 -15.79 51.71 -16.50
C GLU A 426 -15.96 53.08 -15.86
N ASN A 427 -17.19 53.58 -15.75
CA ASN A 427 -17.41 54.86 -15.09
C ASN A 427 -17.02 54.81 -13.62
N GLY A 428 -17.34 53.70 -12.94
CA GLY A 428 -16.93 53.49 -11.58
C GLY A 428 -15.77 52.51 -11.50
N THR A 429 -15.07 52.54 -10.37
CA THR A 429 -13.97 51.63 -10.14
C THR A 429 -14.50 50.21 -9.97
N GLU A 430 -13.73 49.25 -10.48
CA GLU A 430 -14.14 47.85 -10.46
C GLU A 430 -14.27 47.33 -9.03
N ILE A 431 -15.20 46.40 -8.84
CA ILE A 431 -15.49 45.88 -7.51
C ILE A 431 -14.35 44.98 -7.04
N PHE A 432 -14.24 44.84 -5.72
CA PHE A 432 -13.26 43.97 -5.08
C PHE A 432 -13.99 42.82 -4.40
N ARG A 433 -13.67 41.60 -4.80
CA ARG A 433 -14.30 40.41 -4.24
C ARG A 433 -13.26 39.62 -3.46
N PRO A 434 -13.50 39.33 -2.19
CA PRO A 434 -12.51 38.62 -1.37
C PRO A 434 -12.43 37.11 -1.63
N GLY A 435 -13.14 36.59 -2.62
CA GLY A 435 -13.11 35.17 -2.90
C GLY A 435 -11.83 34.71 -3.57
N GLY A 436 -10.72 34.75 -2.84
CA GLY A 436 -9.45 34.30 -3.38
C GLY A 436 -9.39 32.80 -3.59
N GLY A 437 -9.44 32.04 -2.51
CA GLY A 437 -9.44 30.59 -2.60
C GLY A 437 -8.15 30.00 -3.13
N ASP A 438 -7.01 30.59 -2.75
CA ASP A 438 -5.70 30.09 -3.17
C ASP A 438 -4.90 29.70 -1.94
N MET A 439 -4.36 28.48 -1.96
CA MET A 439 -3.61 27.98 -0.81
C MET A 439 -2.21 28.58 -0.74
N ARG A 440 -1.61 28.91 -1.88
CA ARG A 440 -0.24 29.41 -1.88
C ARG A 440 -0.16 30.84 -1.36
N ASP A 441 -1.25 31.62 -1.51
CA ASP A 441 -1.22 33.01 -1.08
C ASP A 441 -1.25 33.17 0.43
N ASN A 442 -1.63 32.12 1.16
CA ASN A 442 -1.64 32.21 2.62
C ASN A 442 -0.23 32.36 3.18
N TRP A 443 0.74 31.63 2.61
CA TRP A 443 2.10 31.63 3.10
C TRP A 443 2.99 32.64 2.39
N ARG A 444 2.51 33.28 1.31
CA ARG A 444 3.26 34.36 0.69
C ARG A 444 3.15 35.67 1.45
N SER A 445 2.25 35.75 2.43
CA SER A 445 2.11 36.96 3.24
C SER A 445 3.16 37.07 4.33
N GLU A 446 3.91 36.01 4.61
CA GLU A 446 4.94 36.03 5.64
C GLU A 446 6.30 35.54 5.17
N LEU A 447 6.36 34.62 4.21
CA LEU A 447 7.62 34.18 3.61
C LEU A 447 8.01 35.03 2.41
N TYR A 448 7.50 36.27 2.35
CA TYR A 448 7.80 37.16 1.23
C TYR A 448 9.20 37.73 1.32
N LYS A 449 9.73 37.92 2.53
CA LYS A 449 10.99 38.61 2.76
C LYS A 449 12.10 37.65 3.18
N TYR A 450 12.15 36.47 2.56
CA TYR A 450 13.17 35.46 2.90
C TYR A 450 13.71 34.84 1.62
N LYS A 451 14.78 35.43 1.10
CA LYS A 451 15.48 34.90 -0.05
C LYS A 451 16.69 34.09 0.42
N VAL A 452 16.85 32.90 -0.16
CA VAL A 452 17.91 31.98 0.23
C VAL A 452 19.04 32.08 -0.78
N VAL A 453 20.29 32.04 -0.29
CA VAL A 453 21.47 32.14 -1.12
C VAL A 453 22.42 30.99 -0.79
N LYS A 454 23.31 30.70 -1.72
CA LYS A 454 24.28 29.61 -1.60
C LYS A 454 25.67 30.24 -1.47
N ILE A 455 26.07 30.51 -0.22
CA ILE A 455 27.32 31.22 0.02
C ILE A 455 28.51 30.39 -0.46
N GLU A 456 29.42 31.03 -1.17
CA GLU A 456 30.63 30.40 -1.68
C GLU A 456 31.80 31.31 -1.35
N PRO A 457 32.78 30.84 -0.56
CA PRO A 457 33.81 31.74 -0.03
C PRO A 457 35.09 31.84 -0.86
N LEU A 458 35.27 31.02 -1.88
CA LEU A 458 36.48 31.09 -2.69
C LEU A 458 36.44 32.28 -3.64
N GLY A 459 37.60 32.89 -3.82
CA GLY A 459 37.75 33.98 -4.76
C GLY A 459 39.21 34.30 -4.97
N VAL A 460 39.51 34.86 -6.14
CA VAL A 460 40.87 35.20 -6.51
C VAL A 460 40.96 36.71 -6.67
N ALA A 461 42.16 37.24 -6.39
CA ALA A 461 42.39 38.67 -6.46
C ALA A 461 43.87 38.92 -6.69
N PRO A 462 44.24 39.90 -7.51
CA PRO A 462 45.67 40.20 -7.70
C PRO A 462 46.30 40.78 -6.45
N THR A 463 47.58 40.50 -6.27
CA THR A 463 48.33 40.99 -5.12
C THR A 463 49.80 41.07 -5.50
N LYS A 464 50.56 41.79 -4.68
CA LYS A 464 51.98 41.99 -4.88
C LYS A 464 52.82 41.06 -4.00
N ALA A 465 52.32 39.86 -3.73
CA ALA A 465 53.03 38.89 -2.90
C ALA A 465 53.12 37.56 -3.64
N LYS A 466 54.19 36.82 -3.34
CA LYS A 466 54.47 35.54 -3.99
C LYS A 466 55.04 34.59 -2.96
N ARG A 467 54.73 33.30 -3.11
CA ARG A 467 55.30 32.27 -2.24
C ARG A 467 56.81 32.24 -2.38
N ARG A 468 57.50 32.21 -1.23
CA ARG A 468 58.96 32.29 -1.25
C ARG A 468 59.58 30.99 -1.74
N VAL A 469 58.95 29.85 -1.41
CA VAL A 469 59.42 28.51 -1.78
C VAL A 469 60.84 28.25 -1.29
N PHE B 8 31.61 43.67 17.06
CA PHE B 8 30.85 42.48 16.70
C PHE B 8 30.59 42.45 15.19
N LEU B 9 31.39 41.68 14.46
CA LEU B 9 31.23 41.60 13.02
C LEU B 9 30.10 40.66 12.63
N GLY B 10 30.21 39.38 12.99
CA GLY B 10 29.18 38.42 12.71
C GLY B 10 29.26 37.85 11.31
N PHE B 11 28.35 36.92 11.04
CA PHE B 11 28.28 36.26 9.74
C PHE B 11 27.78 37.24 8.68
N LEU B 12 28.50 37.29 7.55
CA LEU B 12 28.22 38.23 6.46
C LEU B 12 28.22 39.68 6.96
N GLY B 13 29.41 40.12 7.34
CA GLY B 13 29.57 41.45 7.87
C GLY B 13 29.84 42.44 6.75
N ALA B 14 31.09 42.89 6.63
CA ALA B 14 31.42 43.85 5.58
C ALA B 14 31.42 43.18 4.20
N ALA B 15 30.23 42.90 3.68
CA ALA B 15 30.08 42.28 2.37
C ALA B 15 29.98 43.31 1.26
N GLY B 16 29.09 44.28 1.41
CA GLY B 16 28.98 45.38 0.47
C GLY B 16 29.94 46.53 0.72
N SER B 17 30.83 46.37 1.69
CA SER B 17 31.78 47.41 2.04
C SER B 17 32.98 47.35 1.10
N THR B 18 34.05 48.06 1.48
CA THR B 18 35.26 48.09 0.66
C THR B 18 35.91 46.71 0.58
N MET B 19 36.44 46.38 -0.60
CA MET B 19 37.08 45.09 -0.81
C MET B 19 38.30 44.93 0.09
N GLY B 20 39.11 45.98 0.23
CA GLY B 20 40.24 45.92 1.13
C GLY B 20 39.86 45.91 2.59
N ALA B 21 38.70 46.47 2.94
CA ALA B 21 38.23 46.40 4.32
C ALA B 21 37.86 44.99 4.71
N ALA B 22 37.22 44.25 3.81
CA ALA B 22 36.88 42.85 4.09
C ALA B 22 38.10 41.94 4.01
N SER B 23 39.20 42.41 3.41
CA SER B 23 40.41 41.61 3.27
C SER B 23 41.14 41.40 4.59
N MET B 24 40.76 42.12 5.64
CA MET B 24 41.34 41.95 6.96
C MET B 24 40.42 41.21 7.93
N THR B 25 39.18 40.93 7.54
CA THR B 25 38.20 40.30 8.41
C THR B 25 37.71 38.98 7.81
N LEU B 26 38.64 38.14 7.36
CA LEU B 26 38.23 36.88 6.72
C LEU B 26 37.68 35.89 7.74
N THR B 27 38.24 35.88 8.96
CA THR B 27 37.98 34.82 9.92
C THR B 27 36.65 34.96 10.66
N VAL B 28 35.99 36.12 10.58
CA VAL B 28 34.74 36.29 11.35
C VAL B 28 33.62 35.46 10.73
N GLN B 29 33.62 35.27 9.42
CA GLN B 29 32.58 34.50 8.75
C GLN B 29 33.07 33.17 8.20
N ALA B 30 34.39 32.92 8.19
CA ALA B 30 34.89 31.62 7.76
C ALA B 30 34.69 30.55 8.82
N ARG B 31 34.41 30.94 10.06
CA ARG B 31 34.24 29.95 11.13
C ARG B 31 32.91 29.21 11.00
N LEU B 32 31.86 29.90 10.56
CA LEU B 32 30.55 29.25 10.47
C LEU B 32 30.46 28.32 9.27
N LEU B 33 31.23 28.58 8.22
CA LEU B 33 31.37 27.58 7.15
C LEU B 33 32.04 26.32 7.69
N LEU B 34 32.98 26.48 8.62
CA LEU B 34 33.54 25.39 9.39
C LEU B 34 32.60 25.03 10.53
N SER B 35 33.10 24.27 11.52
CA SER B 35 32.38 23.95 12.74
C SER B 35 31.10 23.15 12.45
N GLY B 36 31.29 21.97 11.88
CA GLY B 36 30.24 21.00 11.68
C GLY B 36 29.92 20.16 12.90
N ILE B 37 30.50 20.51 14.06
CA ILE B 37 30.21 19.81 15.30
C ILE B 37 28.75 20.06 15.69
N VAL B 38 28.16 19.09 16.40
CA VAL B 38 26.77 19.22 16.85
C VAL B 38 26.63 20.38 17.83
N GLN B 39 27.65 20.64 18.66
CA GLN B 39 27.62 21.75 19.59
C GLN B 39 28.55 22.87 19.13
N THR B 58 7.39 9.53 8.27
CA THR B 58 8.14 10.75 8.55
C THR B 58 8.54 11.46 7.26
N VAL B 59 7.98 12.66 7.07
CA VAL B 59 8.31 13.45 5.88
C VAL B 59 9.61 14.21 6.11
N TRP B 60 9.73 14.88 7.24
CA TRP B 60 10.91 15.67 7.56
C TRP B 60 12.09 14.84 8.03
N GLY B 61 11.88 13.54 8.25
CA GLY B 61 13.03 12.65 8.42
C GLY B 61 13.84 12.50 7.16
N ILE B 62 13.16 12.39 6.01
CA ILE B 62 13.88 12.30 4.74
C ILE B 62 14.32 13.67 4.22
N LYS B 63 13.71 14.75 4.73
CA LYS B 63 14.20 16.08 4.40
C LYS B 63 15.49 16.39 5.13
N GLN B 64 15.62 15.88 6.37
CA GLN B 64 16.86 16.05 7.11
C GLN B 64 18.00 15.25 6.48
N LEU B 65 17.70 14.04 5.99
CA LEU B 65 18.74 13.16 5.46
C LEU B 65 19.36 13.73 4.19
N GLN B 66 18.54 14.24 3.28
CA GLN B 66 19.04 14.78 2.04
C GLN B 66 19.60 16.20 2.19
N ALA B 67 19.41 16.83 3.33
CA ALA B 67 19.97 18.15 3.58
C ALA B 67 21.14 18.14 4.56
N ARG B 68 21.23 17.15 5.45
CA ARG B 68 22.42 17.02 6.27
C ARG B 68 23.62 16.56 5.44
N VAL B 69 23.37 15.80 4.37
CA VAL B 69 24.44 15.42 3.47
C VAL B 69 24.90 16.63 2.66
N LEU B 70 24.07 17.65 2.51
CA LEU B 70 24.50 18.90 1.88
C LEU B 70 25.47 19.67 2.77
N ALA B 71 25.36 19.49 4.09
CA ALA B 71 26.30 20.14 5.00
C ALA B 71 27.71 19.60 4.82
N VAL B 72 27.84 18.29 4.65
CA VAL B 72 29.16 17.70 4.44
C VAL B 72 29.58 17.80 2.97
N GLU B 73 28.63 17.92 2.04
CA GLU B 73 28.98 18.08 0.63
C GLU B 73 29.54 19.47 0.36
N ARG B 74 28.89 20.51 0.91
CA ARG B 74 29.31 21.87 0.63
C ARG B 74 30.60 22.23 1.36
N TYR B 75 30.76 21.79 2.61
CA TYR B 75 31.98 22.08 3.35
C TYR B 75 33.18 21.42 2.69
N LEU B 76 33.08 20.12 2.43
CA LEU B 76 34.21 19.38 1.88
C LEU B 76 34.42 19.67 0.40
N GLY B 77 33.39 20.20 -0.28
CA GLY B 77 33.52 20.55 -1.68
C GLY B 77 34.49 21.69 -1.95
N ASP B 78 34.79 22.49 -0.93
CA ASP B 78 35.77 23.56 -1.07
C ASP B 78 37.09 23.26 -0.38
N GLN B 79 37.14 22.25 0.49
CA GLN B 79 38.39 21.87 1.14
C GLN B 79 39.25 20.96 0.26
N GLN B 80 38.71 20.45 -0.83
CA GLN B 80 39.52 19.74 -1.81
C GLN B 80 40.33 20.72 -2.65
N LEU B 81 39.67 21.76 -3.17
CA LEU B 81 40.35 22.74 -4.00
C LEU B 81 41.33 23.58 -3.19
N LEU B 82 41.02 23.85 -1.92
CA LEU B 82 41.92 24.63 -1.09
C LEU B 82 43.20 23.86 -0.80
N GLY B 83 43.08 22.58 -0.45
CA GLY B 83 44.24 21.80 -0.08
C GLY B 83 45.13 21.43 -1.24
N ILE B 84 44.64 21.55 -2.47
CA ILE B 84 45.44 21.23 -3.64
C ILE B 84 46.42 22.36 -3.95
N TRP B 85 45.95 23.60 -3.90
CA TRP B 85 46.75 24.68 -4.48
C TRP B 85 47.87 25.16 -3.56
N GLY B 86 47.52 25.88 -2.50
CA GLY B 86 48.51 26.25 -1.50
C GLY B 86 48.05 26.14 -0.06
N CYS B 87 46.73 26.19 0.15
CA CYS B 87 46.16 26.39 1.48
C CYS B 87 45.97 25.05 2.17
N SER B 88 46.83 24.75 3.13
CA SER B 88 46.67 23.56 3.96
C SER B 88 45.77 23.85 5.16
N GLY B 89 46.13 24.84 5.96
CA GLY B 89 45.35 25.22 7.12
C GLY B 89 45.26 26.72 7.32
N LYS B 90 45.42 27.48 6.24
CA LYS B 90 45.38 28.93 6.29
C LYS B 90 44.47 29.45 5.19
N LEU B 91 44.09 30.72 5.30
CA LEU B 91 43.08 31.30 4.42
C LEU B 91 43.65 32.05 3.22
N ILE B 92 44.86 32.59 3.34
CA ILE B 92 45.46 33.39 2.28
C ILE B 92 46.76 32.71 1.87
N CYS B 93 46.70 31.89 0.81
CA CYS B 93 47.88 31.25 0.24
C CYS B 93 48.08 31.76 -1.18
N THR B 94 49.30 32.16 -1.50
CA THR B 94 49.62 32.76 -2.78
C THR B 94 50.25 31.74 -3.71
N THR B 95 50.07 31.95 -5.02
CA THR B 95 50.61 31.09 -6.05
C THR B 95 51.47 31.92 -7.00
N ALA B 96 52.00 31.27 -8.04
CA ALA B 96 52.94 31.90 -8.95
C ALA B 96 52.36 32.14 -10.35
N VAL B 97 51.04 32.20 -10.46
CA VAL B 97 50.42 32.52 -11.75
C VAL B 97 50.64 33.98 -12.09
N PRO B 98 51.14 34.31 -13.28
CA PRO B 98 51.55 35.70 -13.56
C PRO B 98 50.42 36.65 -13.93
N TRP B 99 49.15 36.28 -13.70
CA TRP B 99 47.99 37.18 -13.83
C TRP B 99 47.88 37.74 -15.25
N ASN B 100 47.56 36.82 -16.17
CA ASN B 100 47.47 37.15 -17.59
C ASN B 100 46.45 38.26 -17.86
N ALA B 101 46.73 39.06 -18.88
CA ALA B 101 46.00 40.29 -19.17
C ALA B 101 44.75 40.09 -20.03
N SER B 102 44.38 38.84 -20.33
CA SER B 102 43.20 38.60 -21.15
C SER B 102 41.93 39.06 -20.44
N TRP B 103 41.82 38.78 -19.14
CA TRP B 103 40.71 39.26 -18.34
C TRP B 103 41.02 40.65 -17.78
N SER B 104 40.23 41.09 -16.81
CA SER B 104 40.29 42.48 -16.33
C SER B 104 41.63 42.79 -15.67
N ASN B 105 42.14 43.98 -15.95
CA ASN B 105 43.44 44.44 -15.48
C ASN B 105 43.33 45.81 -14.83
N LYS B 106 42.37 45.97 -13.92
CA LYS B 106 42.24 47.21 -13.17
C LYS B 106 43.42 47.35 -12.20
N SER B 107 43.76 48.60 -11.90
CA SER B 107 44.91 48.90 -11.06
C SER B 107 44.59 48.64 -9.59
N LEU B 108 45.62 48.78 -8.74
CA LEU B 108 45.46 48.49 -7.32
C LEU B 108 44.56 49.50 -6.62
N ASP B 109 44.67 50.77 -6.99
CA ASP B 109 43.91 51.82 -6.32
C ASP B 109 42.43 51.81 -6.65
N ARG B 110 42.00 51.01 -7.63
CA ARG B 110 40.60 50.87 -7.97
C ARG B 110 39.98 49.58 -7.45
N ILE B 111 40.74 48.48 -7.46
CA ILE B 111 40.21 47.20 -7.01
C ILE B 111 40.01 47.19 -5.51
N TRP B 112 40.99 47.70 -4.75
CA TRP B 112 40.99 47.56 -3.30
C TRP B 112 40.43 48.77 -2.57
N ASN B 113 39.90 49.77 -3.27
CA ASN B 113 39.49 51.00 -2.60
C ASN B 113 38.03 51.38 -2.82
N ASN B 114 37.51 51.26 -4.04
CA ASN B 114 36.14 51.67 -4.33
C ASN B 114 35.42 50.60 -5.13
N MET B 115 35.56 49.35 -4.70
CA MET B 115 34.89 48.24 -5.36
C MET B 115 34.67 47.15 -4.32
N THR B 116 33.68 46.30 -4.56
CA THR B 116 33.29 45.27 -3.60
C THR B 116 33.50 43.88 -4.17
N TRP B 117 33.48 42.88 -3.27
CA TRP B 117 33.75 41.51 -3.66
C TRP B 117 32.66 40.97 -4.57
N MET B 118 31.41 41.34 -4.32
CA MET B 118 30.31 40.90 -5.18
C MET B 118 30.45 41.45 -6.58
N GLU B 119 30.87 42.71 -6.71
CA GLU B 119 31.10 43.28 -8.03
C GLU B 119 32.32 42.66 -8.71
N TRP B 120 33.31 42.23 -7.93
CA TRP B 120 34.53 41.69 -8.51
C TRP B 120 34.28 40.34 -9.17
N GLU B 121 33.48 39.49 -8.54
CA GLU B 121 33.26 38.16 -9.09
C GLU B 121 32.39 38.18 -10.34
N ARG B 122 31.54 39.19 -10.48
CA ARG B 122 30.71 39.30 -11.68
C ARG B 122 31.56 39.59 -12.91
N GLU B 123 32.58 40.44 -12.77
CA GLU B 123 33.43 40.79 -13.90
C GLU B 123 34.35 39.65 -14.30
N ILE B 124 34.62 38.73 -13.39
CA ILE B 124 35.61 37.67 -13.59
C ILE B 124 34.97 36.29 -13.60
N ASP B 125 33.63 36.22 -13.62
CA ASP B 125 32.93 34.95 -13.50
C ASP B 125 33.22 34.02 -14.68
N ASN B 126 33.39 34.56 -15.89
CA ASN B 126 33.67 33.73 -17.04
C ASN B 126 35.07 33.13 -17.01
N TYR B 127 35.97 33.70 -16.22
CA TYR B 127 37.36 33.27 -16.19
C TYR B 127 37.74 32.55 -14.92
N THR B 128 36.77 32.24 -14.04
CA THR B 128 37.08 31.57 -12.78
C THR B 128 37.65 30.18 -13.02
N SER B 129 37.07 29.44 -13.97
CA SER B 129 37.59 28.11 -14.27
C SER B 129 38.93 28.18 -14.99
N GLU B 130 39.12 29.19 -15.85
CA GLU B 130 40.39 29.31 -16.57
C GLU B 130 41.52 29.73 -15.63
N ILE B 131 41.24 30.63 -14.69
CA ILE B 131 42.24 30.97 -13.69
C ILE B 131 42.50 29.79 -12.76
N TYR B 132 41.45 29.07 -12.36
CA TYR B 132 41.62 27.93 -11.48
C TYR B 132 42.46 26.85 -12.13
N THR B 133 42.16 26.48 -13.38
CA THR B 133 42.82 25.33 -14.01
C THR B 133 44.30 25.57 -14.28
N LEU B 134 44.77 26.81 -14.17
CA LEU B 134 46.18 27.12 -14.31
C LEU B 134 46.88 27.16 -12.95
N ILE B 135 46.15 26.94 -11.86
CA ILE B 135 46.76 26.97 -10.52
C ILE B 135 47.25 25.58 -10.10
N GLU B 136 46.50 24.51 -10.42
CA GLU B 136 46.99 23.18 -10.05
C GLU B 136 48.21 22.79 -10.87
N GLU B 137 48.27 23.23 -12.13
CA GLU B 137 49.56 23.23 -12.80
C GLU B 137 50.37 24.43 -12.31
N SER B 138 51.69 24.33 -12.43
CA SER B 138 52.67 25.17 -11.72
C SER B 138 52.56 25.02 -10.21
N GLN B 139 51.88 23.97 -9.76
CA GLN B 139 51.93 23.48 -8.39
C GLN B 139 52.52 22.09 -8.30
N ASN B 140 52.13 21.19 -9.22
CA ASN B 140 52.89 19.97 -9.41
C ASN B 140 54.29 20.27 -9.91
N GLN B 141 54.44 21.34 -10.70
CA GLN B 141 55.76 21.81 -11.11
C GLN B 141 56.59 22.26 -9.91
N GLN B 142 55.94 22.65 -8.81
CA GLN B 142 56.63 22.90 -7.56
C GLN B 142 56.83 21.62 -6.75
N GLU B 143 55.80 20.76 -6.71
CA GLU B 143 55.91 19.49 -5.98
C GLU B 143 56.95 18.58 -6.60
N LYS B 144 56.99 18.50 -7.93
CA LYS B 144 58.02 17.69 -8.58
C LYS B 144 59.40 18.31 -8.39
N ASN B 145 59.49 19.64 -8.43
CA ASN B 145 60.76 20.30 -8.15
C ASN B 145 61.14 20.20 -6.68
N GLU B 146 60.16 20.07 -5.78
CA GLU B 146 60.47 19.81 -4.38
C GLU B 146 61.04 18.42 -4.18
N GLN B 147 60.49 17.43 -4.89
CA GLN B 147 60.99 16.07 -4.78
C GLN B 147 62.33 15.91 -5.49
N GLU B 148 62.46 16.50 -6.68
CA GLU B 148 63.69 16.38 -7.45
C GLU B 148 64.86 17.11 -6.81
N LEU B 149 64.59 18.14 -6.00
CA LEU B 149 65.66 18.85 -5.31
C LEU B 149 66.37 17.94 -4.30
N LEU B 150 65.59 17.12 -3.59
CA LEU B 150 66.17 16.19 -2.62
C LEU B 150 66.90 15.05 -3.33
N GLU C 2 58.48 24.16 36.30
CA GLU C 2 57.72 23.18 35.55
C GLU C 2 56.60 23.85 34.75
N LYS C 3 56.92 24.27 33.53
CA LYS C 3 55.95 24.92 32.64
C LYS C 3 55.28 23.84 31.81
N LEU C 4 54.15 23.33 32.32
CA LEU C 4 53.45 22.22 31.68
C LEU C 4 52.58 22.78 30.54
N TRP C 5 52.95 22.45 29.30
CA TRP C 5 52.14 22.83 28.16
C TRP C 5 51.17 21.70 27.83
N VAL C 6 50.40 21.87 26.75
CA VAL C 6 49.31 20.96 26.42
C VAL C 6 49.43 20.55 24.95
N THR C 7 49.33 19.25 24.70
CA THR C 7 49.19 18.72 23.35
C THR C 7 47.97 17.81 23.30
N VAL C 8 47.44 17.63 22.09
CA VAL C 8 46.27 16.78 21.89
C VAL C 8 46.71 15.55 21.10
N TYR C 9 45.85 14.53 21.11
CA TYR C 9 46.15 13.26 20.46
C TYR C 9 44.95 12.78 19.67
N TYR C 10 45.21 12.10 18.56
CA TYR C 10 44.18 11.56 17.69
C TYR C 10 44.35 10.05 17.61
N GLY C 11 43.39 9.31 18.14
CA GLY C 11 43.45 7.85 18.19
C GLY C 11 43.47 7.26 19.58
N VAL C 12 43.14 8.02 20.61
CA VAL C 12 43.20 7.53 22.00
C VAL C 12 42.03 6.58 22.26
N PRO C 13 42.22 5.52 23.05
CA PRO C 13 41.07 4.70 23.45
C PRO C 13 40.28 5.33 24.58
N VAL C 14 39.09 5.84 24.25
CA VAL C 14 38.13 6.32 25.23
C VAL C 14 36.77 5.75 24.85
N TRP C 15 35.98 5.35 25.85
CA TRP C 15 34.77 4.57 25.58
C TRP C 15 33.50 5.40 25.79
N LYS C 16 33.26 5.93 26.99
CA LYS C 16 32.10 6.78 27.30
C LYS C 16 30.79 6.16 26.79
N GLU C 17 30.38 5.09 27.49
CA GLU C 17 29.25 4.21 27.16
C GLU C 17 28.04 4.89 26.53
N ALA C 18 27.60 4.36 25.39
CA ALA C 18 26.41 4.84 24.69
C ALA C 18 25.80 3.66 23.95
N THR C 19 24.81 3.92 23.11
CA THR C 19 24.13 2.85 22.37
C THR C 19 23.61 3.40 21.04
N THR C 20 23.82 2.64 19.97
CA THR C 20 23.30 2.98 18.65
C THR C 20 22.48 1.84 18.07
N THR C 21 22.10 1.95 16.81
CA THR C 21 21.37 0.89 16.12
C THR C 21 22.36 -0.02 15.41
N LEU C 22 22.21 -1.33 15.61
CA LEU C 22 23.12 -2.31 15.04
C LEU C 22 22.65 -2.74 13.65
N PHE C 23 23.42 -3.65 13.04
CA PHE C 23 23.18 -4.10 11.67
C PHE C 23 22.81 -5.57 11.65
N CYS C 24 22.64 -6.09 10.44
CA CYS C 24 22.60 -7.52 10.18
C CYS C 24 23.98 -8.01 9.76
N ALA C 25 24.18 -9.31 9.89
CA ALA C 25 25.34 -9.98 9.33
C ALA C 25 25.08 -11.47 9.29
N SER C 26 25.20 -12.06 8.10
CA SER C 26 24.94 -13.48 7.91
C SER C 26 25.96 -14.04 6.92
N ASP C 27 26.23 -15.35 7.05
CA ASP C 27 27.16 -16.03 6.16
C ASP C 27 26.59 -16.27 4.76
N ALA C 28 25.27 -16.08 4.57
CA ALA C 28 24.59 -16.28 3.30
C ALA C 28 24.81 -17.70 2.75
N LYS C 29 24.67 -18.70 3.64
CA LYS C 29 24.82 -20.08 3.21
C LYS C 29 23.69 -20.52 2.29
N ALA C 30 22.49 -19.99 2.50
CA ALA C 30 21.33 -20.32 1.66
C ALA C 30 21.23 -19.34 0.50
N TYR C 31 22.13 -19.53 -0.46
CA TYR C 31 22.21 -18.64 -1.62
C TYR C 31 21.20 -18.97 -2.70
N ASP C 32 20.54 -20.13 -2.63
CA ASP C 32 19.60 -20.54 -3.67
C ASP C 32 18.30 -19.73 -3.58
N THR C 33 17.55 -19.76 -4.67
CA THR C 33 16.41 -18.87 -4.88
C THR C 33 15.11 -19.63 -4.53
N GLU C 34 14.02 -18.87 -4.38
CA GLU C 34 12.66 -19.35 -4.11
C GLU C 34 12.52 -19.95 -2.71
N VAL C 35 13.38 -19.55 -1.77
CA VAL C 35 13.25 -19.95 -0.38
C VAL C 35 13.39 -18.69 0.48
N HIS C 36 13.04 -17.55 -0.11
CA HIS C 36 13.25 -16.24 0.49
C HIS C 36 12.67 -16.14 1.90
N ASN C 37 13.57 -16.02 2.88
CA ASN C 37 13.22 -16.10 4.27
C ASN C 37 13.03 -14.70 4.85
N VAL C 38 12.57 -14.66 6.10
CA VAL C 38 12.46 -13.37 6.79
C VAL C 38 13.83 -12.81 7.07
N TRP C 39 14.75 -13.64 7.56
CA TRP C 39 16.08 -13.20 7.96
C TRP C 39 17.06 -13.39 6.81
N ALA C 40 18.02 -12.44 6.71
CA ALA C 40 19.15 -12.49 5.80
C ALA C 40 18.74 -12.49 4.32
N THR C 41 17.48 -12.20 4.04
CA THR C 41 17.01 -12.17 2.66
C THR C 41 16.24 -10.88 2.39
N HIS C 42 15.54 -10.38 3.41
CA HIS C 42 14.69 -9.21 3.24
C HIS C 42 15.54 -7.95 3.10
N ALA C 43 16.23 -7.56 4.17
CA ALA C 43 17.21 -6.47 4.10
C ALA C 43 18.26 -6.71 5.18
N CYS C 44 19.34 -7.39 4.82
CA CYS C 44 20.46 -7.62 5.72
C CYS C 44 21.73 -7.74 4.90
N VAL C 45 22.87 -7.58 5.57
CA VAL C 45 24.18 -7.48 4.92
C VAL C 45 24.88 -8.83 5.03
N PRO C 46 25.12 -9.53 3.92
CA PRO C 46 25.85 -10.81 3.98
C PRO C 46 27.36 -10.63 4.00
N THR C 47 28.08 -11.75 3.80
CA THR C 47 29.53 -11.78 3.57
C THR C 47 30.31 -11.20 4.76
N ASP C 48 30.25 -11.94 5.87
CA ASP C 48 30.94 -11.58 7.12
C ASP C 48 31.95 -12.65 7.54
N PRO C 49 33.04 -12.82 6.80
CA PRO C 49 33.98 -13.90 7.12
C PRO C 49 35.09 -13.48 8.07
N ASN C 50 35.49 -14.44 8.93
CA ASN C 50 36.61 -14.33 9.86
C ASN C 50 36.50 -13.09 10.75
N PRO C 51 35.64 -13.09 11.76
CA PRO C 51 35.57 -11.93 12.68
C PRO C 51 36.70 -11.89 13.68
N GLN C 52 37.82 -11.25 13.34
CA GLN C 52 38.96 -11.15 14.26
C GLN C 52 38.55 -10.37 15.50
N GLU C 53 38.86 -10.93 16.67
CA GLU C 53 38.75 -10.20 17.93
C GLU C 53 40.12 -10.06 18.56
N VAL C 54 40.23 -9.11 19.48
CA VAL C 54 41.49 -8.79 20.14
C VAL C 54 41.27 -8.80 21.65
N VAL C 55 42.19 -9.42 22.38
CA VAL C 55 42.11 -9.45 23.83
C VAL C 55 42.65 -8.16 24.40
N LEU C 56 42.11 -7.77 25.56
CA LEU C 56 42.51 -6.54 26.24
C LEU C 56 42.93 -6.91 27.66
N GLU C 57 44.12 -6.50 28.05
CA GLU C 57 44.66 -6.83 29.36
C GLU C 57 44.61 -5.63 30.28
N ASN C 58 44.63 -5.92 31.59
CA ASN C 58 44.65 -4.91 32.66
C ASN C 58 43.46 -3.95 32.56
N VAL C 59 42.29 -4.48 32.20
CA VAL C 59 41.09 -3.68 32.03
C VAL C 59 39.91 -4.36 32.72
N THR C 60 39.10 -3.57 33.41
CA THR C 60 37.88 -4.07 34.06
C THR C 60 36.78 -3.04 33.82
N GLU C 61 35.78 -3.41 33.02
CA GLU C 61 34.67 -2.54 32.69
C GLU C 61 33.37 -3.16 33.20
N HIS C 62 32.55 -2.34 33.86
CA HIS C 62 31.28 -2.83 34.40
C HIS C 62 30.33 -3.20 33.27
N PHE C 63 29.71 -4.37 33.38
CA PHE C 63 28.78 -4.89 32.38
C PHE C 63 27.40 -5.06 33.00
N ASN C 64 26.37 -4.65 32.28
CA ASN C 64 25.00 -4.85 32.69
C ASN C 64 24.22 -5.49 31.54
N MET C 65 23.21 -6.29 31.91
CA MET C 65 22.43 -6.99 30.91
C MET C 65 20.93 -6.76 31.13
N TRP C 66 20.54 -6.46 32.36
CA TRP C 66 19.13 -6.17 32.62
C TRP C 66 18.75 -4.79 32.11
N LYS C 67 19.64 -3.81 32.24
CA LYS C 67 19.42 -2.46 31.76
C LYS C 67 20.04 -2.22 30.39
N ASN C 68 20.36 -3.28 29.66
CA ASN C 68 20.94 -3.15 28.34
C ASN C 68 19.92 -2.58 27.36
N ASN C 69 20.38 -1.70 26.48
CA ASN C 69 19.53 -1.08 25.47
C ASN C 69 19.55 -1.90 24.18
N MET C 70 20.63 -2.66 23.96
CA MET C 70 20.74 -3.50 22.76
C MET C 70 19.64 -4.55 22.70
N VAL C 71 19.28 -5.14 23.85
CA VAL C 71 18.22 -6.14 23.86
C VAL C 71 16.87 -5.50 23.54
N GLU C 72 16.69 -4.22 23.87
CA GLU C 72 15.47 -3.52 23.49
C GLU C 72 15.37 -3.38 21.97
N GLN C 73 16.49 -3.13 21.30
CA GLN C 73 16.49 -3.04 19.85
C GLN C 73 16.27 -4.39 19.20
N MET C 74 16.63 -5.48 19.89
CA MET C 74 16.39 -6.82 19.35
C MET C 74 14.90 -7.09 19.20
N GLN C 75 14.12 -6.78 20.23
CA GLN C 75 12.68 -6.98 20.18
C GLN C 75 12.01 -6.02 19.21
N GLU C 76 12.59 -4.84 18.99
CA GLU C 76 12.03 -3.91 18.01
C GLU C 76 12.15 -4.44 16.59
N ASP C 77 13.26 -5.10 16.27
CA ASP C 77 13.44 -5.66 14.93
C ASP C 77 12.56 -6.87 14.68
N ILE C 78 12.09 -7.55 15.73
CA ILE C 78 11.19 -8.68 15.54
C ILE C 78 9.84 -8.22 15.01
N ILE C 79 9.29 -7.17 15.62
CA ILE C 79 7.94 -6.71 15.25
C ILE C 79 7.94 -6.11 13.86
N SER C 80 8.89 -5.23 13.57
CA SER C 80 8.89 -4.48 12.32
C SER C 80 9.28 -5.33 11.11
N LEU C 81 9.75 -6.55 11.32
CA LEU C 81 10.17 -7.41 10.22
C LEU C 81 9.11 -8.42 9.82
N TRP C 82 8.40 -9.03 10.78
CA TRP C 82 7.32 -9.92 10.42
C TRP C 82 6.06 -9.18 9.95
N CYS C 83 5.86 -7.95 10.42
CA CYS C 83 4.68 -7.18 9.99
C CYS C 83 4.74 -6.87 8.51
N GLN C 84 5.91 -6.47 8.01
CA GLN C 84 6.04 -6.19 6.58
C GLN C 84 5.97 -7.45 5.74
N SER C 85 6.42 -8.58 6.29
CA SER C 85 6.40 -9.83 5.53
C SER C 85 4.97 -10.36 5.34
N LEU C 86 4.10 -10.15 6.32
CA LEU C 86 2.73 -10.65 6.23
C LEU C 86 1.82 -9.80 5.36
N LYS C 87 2.29 -8.63 4.90
CA LYS C 87 1.42 -7.78 4.09
C LYS C 87 1.17 -8.33 2.69
N PRO C 88 2.20 -8.53 1.80
CA PRO C 88 1.93 -8.74 0.38
C PRO C 88 1.60 -10.19 0.00
N CYS C 89 0.64 -10.78 0.70
CA CYS C 89 0.06 -12.05 0.29
C CYS C 89 -1.39 -12.09 0.76
N VAL C 90 -1.97 -13.29 0.76
CA VAL C 90 -3.43 -13.44 0.86
C VAL C 90 -3.89 -13.09 2.27
N LYS C 91 -4.90 -12.22 2.35
CA LYS C 91 -5.58 -11.90 3.60
C LYS C 91 -6.95 -12.55 3.58
N LEU C 92 -7.29 -13.25 4.67
CA LEU C 92 -8.47 -14.09 4.74
C LEU C 92 -9.64 -13.45 5.49
N THR C 93 -9.68 -12.12 5.54
CA THR C 93 -10.70 -11.40 6.31
C THR C 93 -12.17 -11.59 5.93
N PRO C 94 -12.58 -11.97 4.72
CA PRO C 94 -14.00 -12.28 4.50
C PRO C 94 -14.42 -13.68 4.93
N LEU C 95 -13.56 -14.43 5.63
CA LEU C 95 -13.88 -15.79 6.03
C LEU C 95 -14.57 -15.87 7.39
N CYS C 96 -14.70 -14.74 8.09
CA CYS C 96 -15.37 -14.71 9.40
C CYS C 96 -16.87 -14.87 9.19
N VAL C 97 -17.28 -16.11 8.94
CA VAL C 97 -18.68 -16.47 8.77
C VAL C 97 -18.99 -17.54 9.82
N THR C 98 -20.25 -17.58 10.25
CA THR C 98 -20.69 -18.61 11.19
C THR C 98 -20.49 -19.99 10.60
N LEU C 99 -19.92 -20.89 11.39
CA LEU C 99 -19.47 -22.19 10.91
C LEU C 99 -20.37 -23.30 11.43
N ASN C 100 -20.57 -24.32 10.59
CA ASN C 100 -21.24 -25.55 10.97
C ASN C 100 -20.16 -26.62 11.11
N CYS C 101 -19.90 -27.06 12.34
CA CYS C 101 -18.78 -27.94 12.64
C CYS C 101 -19.28 -29.26 13.20
N LYS C 102 -18.62 -30.34 12.77
CA LYS C 102 -18.88 -31.68 13.27
C LYS C 102 -17.57 -32.34 13.62
N ASP C 103 -17.63 -33.30 14.55
CA ASP C 103 -16.43 -33.99 15.00
C ASP C 103 -15.92 -34.93 13.93
N VAL C 104 -14.68 -35.39 14.12
CA VAL C 104 -14.04 -36.29 13.18
C VAL C 104 -14.63 -37.70 13.29
N GLY C 120 -13.27 -33.55 21.11
CA GLY C 120 -13.21 -32.35 20.29
C GLY C 120 -11.79 -31.91 19.97
N GLU C 121 -10.98 -32.85 19.47
CA GLU C 121 -9.60 -32.54 19.14
C GLU C 121 -9.51 -31.81 17.80
N ILE C 122 -9.97 -32.43 16.73
CA ILE C 122 -10.03 -31.82 15.42
C ILE C 122 -11.49 -31.79 14.97
N LYS C 123 -11.80 -30.85 14.08
CA LYS C 123 -13.18 -30.62 13.68
C LYS C 123 -13.25 -30.47 12.17
N ASN C 124 -14.46 -30.67 11.64
CA ASN C 124 -14.71 -30.75 10.21
C ASN C 124 -15.67 -29.64 9.79
N CYS C 125 -15.37 -28.41 10.19
CA CYS C 125 -16.24 -27.27 9.95
C CYS C 125 -16.50 -27.06 8.46
N SER C 126 -17.77 -26.90 8.11
CA SER C 126 -18.19 -26.59 6.75
C SER C 126 -19.06 -25.33 6.79
N PHE C 127 -18.85 -24.44 5.84
CA PHE C 127 -19.48 -23.12 5.88
C PHE C 127 -19.86 -22.68 4.47
N ASN C 128 -20.88 -21.83 4.40
CA ASN C 128 -21.18 -21.13 3.17
C ASN C 128 -20.09 -20.10 2.89
N ILE C 129 -19.67 -20.02 1.63
CA ILE C 129 -18.63 -19.03 1.25
C ILE C 129 -19.15 -18.20 0.08
N THR C 130 -18.56 -17.04 -0.14
CA THR C 130 -18.95 -16.23 -1.31
C THR C 130 -17.85 -16.39 -2.36
N THR C 131 -18.21 -16.79 -3.58
CA THR C 131 -17.22 -16.97 -4.67
C THR C 131 -16.78 -15.59 -5.18
N SER C 132 -15.69 -15.53 -5.96
CA SER C 132 -15.28 -14.23 -6.55
C SER C 132 -16.46 -13.76 -7.40
N ILE C 133 -17.09 -14.67 -8.14
CA ILE C 133 -18.33 -14.28 -8.88
C ILE C 133 -19.48 -14.35 -7.87
N ARG C 134 -20.23 -13.25 -7.71
CA ARG C 134 -21.31 -13.22 -6.69
C ARG C 134 -22.53 -14.01 -7.19
N ASP C 135 -23.46 -14.34 -6.29
CA ASP C 135 -24.68 -15.11 -6.64
C ASP C 135 -24.34 -16.60 -6.64
N LYS C 136 -23.09 -16.95 -6.36
CA LYS C 136 -22.68 -18.37 -6.24
C LYS C 136 -22.24 -18.61 -4.80
N VAL C 137 -22.88 -19.53 -4.10
CA VAL C 137 -22.49 -19.86 -2.69
C VAL C 137 -22.21 -21.37 -2.61
N GLN C 138 -21.00 -21.78 -2.97
CA GLN C 138 -20.65 -23.19 -2.94
C GLN C 138 -20.24 -23.60 -1.53
N LYS C 139 -20.73 -24.75 -1.09
CA LYS C 139 -20.38 -25.25 0.22
C LYS C 139 -18.94 -25.75 0.24
N GLU C 140 -18.19 -25.34 1.25
CA GLU C 140 -16.78 -25.71 1.38
C GLU C 140 -16.50 -26.12 2.82
N TYR C 141 -15.68 -27.15 2.99
CA TYR C 141 -15.36 -27.69 4.30
C TYR C 141 -13.85 -27.66 4.52
N ALA C 142 -13.45 -27.46 5.77
CA ALA C 142 -12.04 -27.41 6.13
C ALA C 142 -11.88 -27.91 7.56
N LEU C 143 -10.65 -28.30 7.89
CA LEU C 143 -10.34 -28.83 9.22
C LEU C 143 -9.82 -27.71 10.11
N PHE C 144 -10.41 -27.57 11.29
CA PHE C 144 -9.99 -26.59 12.27
C PHE C 144 -9.82 -27.27 13.63
N TYR C 145 -8.88 -26.77 14.42
CA TYR C 145 -8.59 -27.33 15.73
C TYR C 145 -9.46 -26.69 16.79
N LYS C 146 -9.33 -27.17 18.03
CA LYS C 146 -10.19 -26.70 19.12
C LYS C 146 -9.85 -25.27 19.52
N LEU C 147 -8.56 -24.93 19.56
CA LEU C 147 -8.14 -23.61 20.02
C LEU C 147 -8.38 -22.54 18.96
N ASP C 148 -8.58 -22.91 17.70
CA ASP C 148 -8.81 -21.94 16.63
C ASP C 148 -10.25 -21.51 16.52
N VAL C 149 -11.16 -22.10 17.29
CA VAL C 149 -12.59 -21.82 17.18
C VAL C 149 -13.15 -21.47 18.55
N VAL C 150 -14.30 -20.79 18.53
CA VAL C 150 -14.99 -20.40 19.76
C VAL C 150 -16.50 -20.57 19.55
N PRO C 151 -17.21 -21.18 20.50
CA PRO C 151 -18.66 -21.31 20.37
C PRO C 151 -19.42 -20.16 21.02
N ILE C 152 -20.49 -19.73 20.36
CA ILE C 152 -21.43 -18.76 20.93
C ILE C 152 -22.84 -19.32 20.78
N ASP C 153 -23.25 -20.15 21.75
CA ASP C 153 -24.59 -20.65 22.01
C ASP C 153 -24.44 -21.57 23.22
N ASN C 154 -25.57 -22.04 23.75
CA ASN C 154 -25.52 -22.98 24.85
C ASN C 154 -24.96 -24.34 24.41
N ASN C 155 -25.48 -24.88 23.30
CA ASN C 155 -25.05 -26.19 22.86
C ASN C 155 -24.82 -26.33 21.35
N ASN C 156 -25.27 -25.39 20.53
CA ASN C 156 -25.16 -25.54 19.09
C ASN C 156 -23.71 -25.37 18.63
N THR C 157 -23.42 -25.95 17.46
CA THR C 157 -22.07 -25.95 16.89
C THR C 157 -21.79 -24.74 16.02
N SER C 158 -22.52 -23.63 16.22
CA SER C 158 -22.29 -22.40 15.47
C SER C 158 -20.96 -21.80 15.92
N TYR C 159 -19.91 -22.02 15.13
CA TYR C 159 -18.56 -21.64 15.50
C TYR C 159 -18.07 -20.48 14.65
N ARG C 160 -16.92 -19.94 15.03
CA ARG C 160 -16.25 -18.88 14.29
C ARG C 160 -14.78 -18.87 14.68
N LEU C 161 -13.98 -18.18 13.88
CA LEU C 161 -12.56 -18.06 14.17
C LEU C 161 -12.34 -17.24 15.43
N ILE C 162 -11.23 -17.53 16.11
CA ILE C 162 -11.00 -16.98 17.45
C ILE C 162 -10.73 -15.48 17.40
N SER C 163 -10.08 -15.00 16.33
CA SER C 163 -9.54 -13.64 16.30
C SER C 163 -10.32 -12.71 15.39
N CYS C 164 -11.56 -13.04 15.04
CA CYS C 164 -12.32 -12.18 14.14
C CYS C 164 -12.67 -10.85 14.80
N ASN C 165 -13.00 -10.88 16.09
CA ASN C 165 -13.31 -9.64 16.80
C ASN C 165 -12.04 -8.86 17.08
N THR C 166 -12.12 -7.53 16.90
CA THR C 166 -11.08 -6.52 17.21
C THR C 166 -9.70 -6.85 16.63
N SER C 167 -9.63 -7.76 15.65
CA SER C 167 -8.37 -8.12 15.03
C SER C 167 -8.66 -8.75 13.67
N VAL C 168 -7.64 -8.75 12.82
CA VAL C 168 -7.73 -9.31 11.47
C VAL C 168 -6.73 -10.45 11.36
N ILE C 169 -7.13 -11.52 10.68
CA ILE C 169 -6.28 -12.69 10.50
C ILE C 169 -5.77 -12.66 9.06
N THR C 170 -4.44 -12.67 8.90
CA THR C 170 -3.83 -12.76 7.59
C THR C 170 -3.05 -14.07 7.50
N GLN C 171 -3.01 -14.63 6.30
CA GLN C 171 -2.31 -15.88 6.06
C GLN C 171 -0.84 -15.60 5.79
N ALA C 172 0.02 -16.42 6.39
CA ALA C 172 1.45 -16.32 6.11
C ALA C 172 1.71 -16.64 4.65
N CYS C 173 2.65 -15.91 4.06
CA CYS C 173 2.94 -16.08 2.65
C CYS C 173 3.55 -17.45 2.40
N PRO C 174 3.05 -18.21 1.41
CA PRO C 174 3.50 -19.60 1.24
C PRO C 174 4.97 -19.73 0.84
N LYS C 175 5.58 -18.68 0.30
CA LYS C 175 6.97 -18.74 -0.13
C LYS C 175 7.94 -18.33 0.97
N ILE C 176 7.45 -18.04 2.18
CA ILE C 176 8.27 -17.61 3.30
C ILE C 176 8.29 -18.72 4.33
N SER C 177 9.49 -19.17 4.71
CA SER C 177 9.65 -20.19 5.72
C SER C 177 9.93 -19.57 7.08
N PHE C 178 10.06 -20.43 8.09
CA PHE C 178 10.20 -19.99 9.47
C PHE C 178 11.48 -20.50 10.12
N GLU C 179 12.46 -20.93 9.32
CA GLU C 179 13.67 -21.53 9.87
C GLU C 179 14.58 -20.46 10.45
N PRO C 180 14.95 -20.55 11.74
CA PRO C 180 15.83 -19.54 12.35
C PRO C 180 17.31 -19.70 11.97
N ILE C 181 17.66 -19.15 10.82
CA ILE C 181 19.05 -19.15 10.37
C ILE C 181 19.88 -18.25 11.29
N PRO C 182 21.00 -18.72 11.83
CA PRO C 182 21.81 -17.87 12.71
C PRO C 182 22.38 -16.67 11.98
N ILE C 183 22.42 -15.53 12.68
CA ILE C 183 22.87 -14.27 12.13
C ILE C 183 23.78 -13.60 13.14
N HIS C 184 24.29 -12.43 12.77
CA HIS C 184 25.18 -11.64 13.61
C HIS C 184 24.70 -10.20 13.64
N TYR C 185 24.82 -9.56 14.80
CA TYR C 185 24.47 -8.16 14.97
C TYR C 185 25.73 -7.35 15.19
N CYS C 186 25.96 -6.35 14.34
CA CYS C 186 27.22 -5.64 14.35
C CYS C 186 27.00 -4.12 14.35
N ALA C 187 27.82 -3.43 15.13
CA ALA C 187 27.83 -1.98 15.29
C ALA C 187 28.45 -1.31 14.07
N PRO C 188 28.03 -0.08 13.73
CA PRO C 188 28.63 0.60 12.58
C PRO C 188 30.02 1.14 12.88
N ALA C 189 30.59 1.85 11.91
CA ALA C 189 31.92 2.43 12.08
C ALA C 189 31.91 3.51 13.15
N GLY C 190 33.05 3.68 13.81
CA GLY C 190 33.14 4.56 14.96
C GLY C 190 32.61 3.96 16.24
N PHE C 191 32.18 2.70 16.21
CA PHE C 191 31.64 2.01 17.38
C PHE C 191 32.33 0.67 17.53
N ALA C 192 32.34 0.16 18.76
CA ALA C 192 32.93 -1.14 19.04
C ALA C 192 31.99 -1.92 19.96
N ILE C 193 32.10 -3.25 19.90
CA ILE C 193 31.28 -4.15 20.69
C ILE C 193 32.20 -4.90 21.64
N LEU C 194 31.93 -4.78 22.94
CA LEU C 194 32.73 -5.46 23.95
C LEU C 194 32.11 -6.82 24.26
N LYS C 195 32.97 -7.81 24.48
CA LYS C 195 32.54 -9.18 24.75
C LYS C 195 33.28 -9.70 25.96
N CYS C 196 32.58 -9.82 27.09
CA CYS C 196 33.17 -10.41 28.29
C CYS C 196 33.22 -11.93 28.16
N ASN C 197 34.26 -12.51 28.78
CA ASN C 197 34.42 -13.96 28.73
C ASN C 197 34.84 -14.54 30.08
N ASP C 198 34.54 -13.86 31.17
CA ASP C 198 34.90 -14.35 32.50
C ASP C 198 34.05 -15.57 32.86
N LYS C 199 34.67 -16.50 33.58
CA LYS C 199 33.96 -17.69 34.04
C LYS C 199 32.93 -17.33 35.10
N THR C 200 31.75 -17.94 34.99
CA THR C 200 30.63 -17.75 35.91
C THR C 200 30.25 -16.27 36.03
N PHE C 201 29.92 -15.68 34.89
CA PHE C 201 29.49 -14.28 34.87
C PHE C 201 28.06 -14.17 35.38
N ASN C 202 27.85 -13.26 36.33
CA ASN C 202 26.51 -13.07 36.91
C ASN C 202 25.66 -12.11 36.09
N GLY C 203 26.21 -11.50 35.04
CA GLY C 203 25.46 -10.57 34.23
C GLY C 203 25.69 -9.12 34.64
N THR C 204 25.75 -8.88 35.95
CA THR C 204 26.02 -7.55 36.50
C THR C 204 27.33 -7.61 37.27
N GLY C 205 28.19 -6.61 37.04
CA GLY C 205 29.47 -6.54 37.70
C GLY C 205 30.61 -6.44 36.73
N PRO C 206 31.81 -6.11 37.24
CA PRO C 206 32.97 -5.98 36.36
C PRO C 206 33.41 -7.32 35.80
N CYS C 207 34.01 -7.27 34.62
CA CYS C 207 34.55 -8.44 33.95
C CYS C 207 36.07 -8.36 33.94
N LYS C 208 36.73 -9.44 34.38
CA LYS C 208 38.18 -9.42 34.52
C LYS C 208 38.87 -9.42 33.15
N ASN C 209 38.33 -10.15 32.19
CA ASN C 209 38.96 -10.37 30.89
C ASN C 209 37.99 -9.91 29.81
N VAL C 210 38.03 -8.62 29.49
CA VAL C 210 37.17 -8.04 28.46
C VAL C 210 37.91 -8.06 27.13
N SER C 211 37.22 -8.53 26.09
CA SER C 211 37.81 -8.63 24.76
C SER C 211 36.94 -7.88 23.78
N THR C 212 37.56 -7.02 22.98
CA THR C 212 36.87 -6.28 21.93
C THR C 212 36.76 -7.15 20.68
N VAL C 213 35.54 -7.36 20.22
CA VAL C 213 35.26 -8.22 19.08
C VAL C 213 34.72 -7.34 17.96
N GLN C 214 34.89 -7.79 16.72
CA GLN C 214 34.27 -7.10 15.59
C GLN C 214 32.76 -7.01 15.77
N CYS C 215 32.12 -8.15 16.02
CA CYS C 215 30.72 -8.22 16.43
C CYS C 215 30.41 -9.63 16.92
N THR C 216 29.16 -9.83 17.33
CA THR C 216 28.79 -10.98 18.15
C THR C 216 28.80 -12.27 17.34
N HIS C 217 28.69 -13.38 18.06
CA HIS C 217 28.67 -14.72 17.47
C HIS C 217 27.25 -15.02 16.96
N GLY C 218 27.03 -16.27 16.58
CA GLY C 218 25.76 -16.65 15.98
C GLY C 218 24.64 -16.60 17.00
N ILE C 219 23.54 -15.95 16.63
CA ILE C 219 22.33 -15.87 17.45
C ILE C 219 21.17 -16.48 16.67
N ARG C 220 20.41 -17.33 17.33
CA ARG C 220 19.23 -17.95 16.71
C ARG C 220 18.00 -17.14 17.08
N PRO C 221 17.33 -16.50 16.14
CA PRO C 221 16.14 -15.70 16.45
C PRO C 221 14.89 -16.57 16.60
N VAL C 222 14.91 -17.45 17.59
CA VAL C 222 13.81 -18.38 17.83
C VAL C 222 12.88 -17.80 18.89
N VAL C 223 11.58 -17.86 18.63
CA VAL C 223 10.57 -17.45 19.58
C VAL C 223 10.02 -18.68 20.29
N SER C 224 9.94 -18.61 21.61
CA SER C 224 9.51 -19.75 22.41
C SER C 224 8.96 -19.23 23.73
N THR C 225 8.51 -20.15 24.59
CA THR C 225 8.00 -19.80 25.90
C THR C 225 8.35 -20.94 26.86
N GLN C 226 8.79 -20.55 28.06
CA GLN C 226 9.04 -21.44 29.21
C GLN C 226 10.30 -22.28 29.04
N LEU C 227 10.86 -22.31 27.84
CA LEU C 227 12.13 -22.99 27.58
C LEU C 227 12.90 -22.21 26.53
N LEU C 228 14.20 -22.47 26.45
CA LEU C 228 15.08 -21.86 25.48
C LEU C 228 15.70 -22.96 24.62
N LEU C 229 15.57 -22.83 23.31
CA LEU C 229 15.97 -23.88 22.38
C LEU C 229 17.04 -23.37 21.43
N ASN C 230 17.96 -24.27 21.08
CA ASN C 230 19.04 -24.03 20.11
C ASN C 230 19.92 -22.84 20.53
N GLY C 231 20.09 -22.66 21.84
CA GLY C 231 20.88 -21.57 22.37
C GLY C 231 22.35 -21.91 22.50
N SER C 232 23.06 -21.10 23.27
CA SER C 232 24.49 -21.28 23.50
C SER C 232 24.70 -21.92 24.87
N LEU C 233 25.44 -23.01 24.90
CA LEU C 233 25.69 -23.75 26.13
C LEU C 233 26.63 -22.97 27.04
N ALA C 234 26.66 -23.38 28.31
CA ALA C 234 27.45 -22.69 29.31
C ALA C 234 28.94 -23.01 29.14
N GLU C 235 29.77 -22.24 29.85
CA GLU C 235 31.21 -22.38 29.74
C GLU C 235 31.72 -23.59 30.53
N GLU C 236 31.49 -23.59 31.84
CA GLU C 236 32.00 -24.67 32.67
C GLU C 236 30.93 -25.26 33.58
N GLU C 237 29.92 -24.48 33.94
CA GLU C 237 28.89 -24.93 34.86
C GLU C 237 27.64 -24.07 34.68
N VAL C 238 26.55 -24.51 35.32
CA VAL C 238 25.25 -23.85 35.15
C VAL C 238 25.27 -22.52 35.88
N VAL C 239 25.03 -21.44 35.15
CA VAL C 239 24.99 -20.10 35.72
C VAL C 239 23.54 -19.70 35.98
N ILE C 240 23.35 -18.90 37.02
CA ILE C 240 22.03 -18.40 37.41
C ILE C 240 22.14 -16.88 37.55
N ARG C 241 21.26 -16.16 36.86
CA ARG C 241 21.33 -14.70 36.84
C ARG C 241 19.95 -14.11 37.06
N SER C 242 19.88 -13.10 37.92
CA SER C 242 18.67 -12.33 38.14
C SER C 242 19.05 -10.97 38.71
N ASP C 243 18.13 -10.00 38.57
CA ASP C 243 18.41 -8.64 39.04
C ASP C 243 18.39 -8.54 40.56
N ASN C 244 17.40 -9.16 41.22
CA ASN C 244 17.47 -9.30 42.67
C ASN C 244 16.71 -10.56 43.09
N PHE C 245 17.37 -11.41 43.87
CA PHE C 245 16.73 -12.64 44.32
C PHE C 245 15.69 -12.39 45.41
N THR C 246 15.79 -11.27 46.13
CA THR C 246 14.85 -11.00 47.20
C THR C 246 13.47 -10.65 46.67
N ASN C 247 13.40 -9.98 45.52
CA ASN C 247 12.11 -9.64 44.93
C ASN C 247 11.39 -10.89 44.43
N ASN C 248 10.08 -10.93 44.65
CA ASN C 248 9.27 -12.10 44.33
C ASN C 248 8.54 -11.98 43.01
N ALA C 249 8.86 -10.98 42.19
CA ALA C 249 8.22 -10.75 40.91
C ALA C 249 9.25 -10.51 39.82
N LYS C 250 10.31 -11.31 39.81
CA LYS C 250 11.39 -11.18 38.84
C LYS C 250 11.64 -12.53 38.18
N THR C 251 12.19 -12.47 36.96
CA THR C 251 12.41 -13.65 36.14
C THR C 251 13.88 -14.07 36.24
N ILE C 252 14.10 -15.37 36.46
CA ILE C 252 15.44 -15.94 36.53
C ILE C 252 15.67 -16.70 35.23
N ILE C 253 16.68 -16.28 34.47
CA ILE C 253 17.04 -16.91 33.21
C ILE C 253 18.23 -17.81 33.49
N VAL C 254 17.96 -19.06 33.85
CA VAL C 254 18.99 -20.04 34.11
C VAL C 254 19.39 -20.70 32.79
N GLN C 255 20.67 -20.98 32.63
CA GLN C 255 21.21 -21.47 31.36
C GLN C 255 21.98 -22.76 31.63
N LEU C 256 21.66 -23.81 30.88
CA LEU C 256 22.18 -25.14 31.13
C LEU C 256 23.65 -25.25 30.74
N LYS C 257 24.33 -26.21 31.36
CA LYS C 257 25.71 -26.53 31.04
C LYS C 257 25.82 -27.56 29.93
N GLU C 258 25.11 -28.68 30.08
CA GLU C 258 25.05 -29.72 29.06
C GLU C 258 23.65 -29.77 28.48
N SER C 259 23.56 -29.68 27.16
CA SER C 259 22.27 -29.59 26.49
C SER C 259 21.65 -30.98 26.38
N VAL C 260 20.45 -31.14 26.91
CA VAL C 260 19.68 -32.36 26.73
C VAL C 260 18.82 -32.21 25.48
N GLU C 261 18.83 -33.22 24.63
CA GLU C 261 18.17 -33.14 23.34
C GLU C 261 16.73 -33.64 23.43
N ILE C 262 15.88 -33.08 22.58
CA ILE C 262 14.50 -33.53 22.41
C ILE C 262 14.29 -33.83 20.94
N ASN C 263 13.34 -34.75 20.68
CA ASN C 263 13.04 -35.16 19.32
C ASN C 263 11.60 -35.64 19.23
N CYS C 264 10.85 -35.10 18.27
CA CYS C 264 9.44 -35.42 18.12
C CYS C 264 8.92 -34.92 16.77
N THR C 265 7.63 -35.14 16.54
CA THR C 265 6.99 -34.98 15.24
C THR C 265 5.48 -34.92 15.47
N ARG C 266 4.72 -35.03 14.37
CA ARG C 266 3.26 -35.06 14.40
C ARG C 266 2.74 -35.85 13.20
N PRO C 267 2.04 -36.97 13.41
CA PRO C 267 1.45 -37.68 12.27
C PRO C 267 0.26 -36.92 11.71
N ASN C 268 0.47 -36.22 10.59
CA ASN C 268 -0.59 -35.44 9.96
C ASN C 268 -0.47 -35.44 8.44
N ASN C 269 0.02 -36.53 7.84
CA ASN C 269 0.30 -36.54 6.41
C ASN C 269 -1.00 -36.45 5.62
N ASN C 270 -1.12 -35.41 4.81
CA ASN C 270 -2.35 -35.11 4.09
C ASN C 270 -2.03 -34.27 2.86
N THR C 271 -3.00 -34.18 1.96
CA THR C 271 -2.90 -33.32 0.79
C THR C 271 -3.65 -32.02 1.08
N ARG C 272 -2.95 -30.90 0.98
CA ARG C 272 -3.57 -29.60 1.24
C ARG C 272 -4.55 -29.25 0.12
N LYS C 273 -5.54 -28.45 0.47
CA LYS C 273 -6.60 -28.06 -0.46
C LYS C 273 -6.59 -26.56 -0.66
N SER C 274 -6.86 -26.14 -1.89
CA SER C 274 -6.93 -24.72 -2.24
C SER C 274 -8.40 -24.31 -2.33
N ILE C 275 -8.76 -23.27 -1.59
CA ILE C 275 -10.13 -22.78 -1.53
C ILE C 275 -10.18 -21.41 -2.22
N HIS C 276 -11.07 -21.29 -3.20
CA HIS C 276 -11.21 -20.06 -3.98
C HIS C 276 -11.96 -19.03 -3.13
N ILE C 277 -11.19 -18.27 -2.34
CA ILE C 277 -11.79 -17.22 -1.51
C ILE C 277 -12.33 -16.09 -2.38
N GLY C 278 -11.53 -15.64 -3.34
CA GLY C 278 -11.91 -14.55 -4.19
C GLY C 278 -10.99 -14.39 -5.38
N PRO C 279 -10.79 -13.14 -5.82
CA PRO C 279 -9.96 -12.88 -7.01
C PRO C 279 -8.48 -13.06 -6.72
N GLY C 280 -7.89 -14.13 -7.25
CA GLY C 280 -6.46 -14.36 -7.14
C GLY C 280 -5.95 -14.60 -5.74
N ARG C 281 -6.63 -15.44 -4.96
CA ARG C 281 -6.20 -15.71 -3.60
C ARG C 281 -6.54 -17.16 -3.25
N ALA C 282 -5.77 -17.73 -2.34
CA ALA C 282 -5.90 -19.12 -1.95
C ALA C 282 -5.88 -19.25 -0.43
N PHE C 283 -6.49 -20.33 0.05
CA PHE C 283 -6.62 -20.60 1.49
C PHE C 283 -6.29 -22.07 1.73
N TYR C 284 -5.04 -22.33 2.12
CA TYR C 284 -4.55 -23.69 2.26
C TYR C 284 -4.98 -24.27 3.59
N THR C 285 -5.70 -25.38 3.55
CA THR C 285 -6.13 -26.08 4.76
C THR C 285 -6.26 -27.56 4.47
N THR C 286 -5.90 -28.39 5.44
CA THR C 286 -6.04 -29.82 5.30
C THR C 286 -7.51 -30.22 5.29
N GLY C 287 -7.87 -31.14 4.40
CA GLY C 287 -9.20 -31.69 4.38
C GLY C 287 -9.26 -33.15 3.98
N GLU C 288 -8.11 -33.82 3.96
CA GLU C 288 -8.02 -35.13 3.33
C GLU C 288 -7.05 -36.04 4.07
N ILE C 289 -6.95 -35.93 5.40
CA ILE C 289 -5.93 -36.62 6.20
C ILE C 289 -5.94 -38.13 5.97
N ILE C 290 -4.75 -38.69 5.71
CA ILE C 290 -4.58 -40.08 5.32
C ILE C 290 -3.87 -40.82 6.45
N GLY C 291 -4.39 -41.98 6.81
CA GLY C 291 -3.77 -42.80 7.83
C GLY C 291 -4.60 -42.90 9.09
N ASP C 292 -3.93 -42.94 10.24
CA ASP C 292 -4.58 -43.05 11.52
C ASP C 292 -4.24 -41.82 12.37
N ILE C 293 -5.23 -41.29 13.07
CA ILE C 293 -5.06 -40.07 13.83
C ILE C 293 -4.29 -40.37 15.12
N ARG C 294 -3.47 -39.42 15.55
CA ARG C 294 -2.72 -39.55 16.78
C ARG C 294 -2.49 -38.17 17.38
N GLN C 295 -2.25 -38.14 18.68
CA GLN C 295 -1.90 -36.91 19.37
C GLN C 295 -0.39 -36.71 19.33
N ALA C 296 0.03 -35.48 19.06
CA ALA C 296 1.44 -35.17 18.94
C ALA C 296 2.10 -35.23 20.32
N HIS C 297 3.05 -36.15 20.46
CA HIS C 297 3.82 -36.33 21.69
C HIS C 297 5.24 -35.85 21.46
N CYS C 298 5.99 -35.66 22.55
CA CYS C 298 7.39 -35.33 22.44
C CYS C 298 8.17 -36.02 23.55
N ASN C 299 9.36 -36.53 23.21
CA ASN C 299 10.20 -37.21 24.18
C ASN C 299 11.13 -36.21 24.87
N ILE C 300 11.27 -36.35 26.18
CA ILE C 300 12.39 -35.80 26.93
C ILE C 300 12.93 -36.93 27.80
N SER C 301 14.22 -37.22 27.63
CA SER C 301 14.80 -38.43 28.20
C SER C 301 14.89 -38.34 29.72
N ARG C 302 14.40 -39.38 30.40
CA ARG C 302 14.60 -39.51 31.84
C ARG C 302 16.05 -39.92 32.12
N ALA C 303 16.43 -39.85 33.39
CA ALA C 303 17.79 -40.05 33.90
C ALA C 303 18.80 -39.05 33.36
N LYS C 304 18.35 -38.07 32.58
CA LYS C 304 19.13 -36.95 32.08
C LYS C 304 18.48 -35.61 32.37
N TRP C 305 17.15 -35.53 32.32
CA TRP C 305 16.47 -34.28 32.65
C TRP C 305 16.50 -34.03 34.16
N ASN C 306 16.21 -35.06 34.95
CA ASN C 306 16.32 -34.91 36.40
C ASN C 306 17.76 -34.83 36.85
N ASP C 307 18.69 -35.36 36.06
CA ASP C 307 20.11 -35.10 36.29
C ASP C 307 20.40 -33.62 36.11
N THR C 308 19.83 -33.01 35.07
CA THR C 308 19.96 -31.57 34.89
C THR C 308 19.25 -30.80 36.01
N LEU C 309 18.04 -31.24 36.37
CA LEU C 309 17.27 -30.56 37.41
C LEU C 309 17.99 -30.62 38.76
N LYS C 310 18.71 -31.72 39.03
CA LYS C 310 19.54 -31.78 40.22
C LYS C 310 20.66 -30.74 40.16
N GLN C 311 21.25 -30.57 38.98
CA GLN C 311 22.32 -29.58 38.82
C GLN C 311 21.80 -28.16 38.92
N ILE C 312 20.55 -27.92 38.55
CA ILE C 312 19.97 -26.59 38.64
C ILE C 312 19.87 -26.15 40.09
N VAL C 313 19.40 -27.03 40.97
CA VAL C 313 19.18 -26.63 42.35
C VAL C 313 20.48 -26.63 43.15
N ILE C 314 21.50 -27.37 42.70
CA ILE C 314 22.75 -27.47 43.47
C ILE C 314 23.45 -26.13 43.51
N LYS C 315 23.54 -25.45 42.37
CA LYS C 315 24.12 -24.11 42.34
C LYS C 315 23.16 -23.05 42.86
N LEU C 316 21.91 -23.42 43.12
CA LEU C 316 20.97 -22.53 43.78
C LEU C 316 21.00 -22.66 45.29
N ARG C 317 21.72 -23.67 45.82
CA ARG C 317 21.89 -23.86 47.26
C ARG C 317 22.75 -22.79 47.92
N GLU C 318 23.21 -21.79 47.16
CA GLU C 318 24.05 -20.72 47.71
C GLU C 318 23.20 -19.69 48.46
N GLN C 319 23.76 -18.52 48.73
CA GLN C 319 23.13 -17.53 49.59
C GLN C 319 22.02 -16.74 48.90
N PHE C 320 21.15 -17.45 48.18
CA PHE C 320 19.93 -16.86 47.64
C PHE C 320 18.70 -17.53 48.24
N GLU C 321 18.58 -18.85 48.12
CA GLU C 321 17.58 -19.65 48.81
C GLU C 321 18.25 -20.95 49.24
N ASN C 322 18.15 -21.28 50.53
CA ASN C 322 18.99 -22.36 51.04
C ASN C 322 18.43 -23.74 50.73
N LYS C 323 17.24 -24.06 51.25
CA LYS C 323 16.75 -25.43 51.20
C LYS C 323 15.25 -25.42 50.91
N THR C 324 14.64 -26.59 51.08
CA THR C 324 13.21 -26.89 50.93
C THR C 324 12.56 -26.16 49.75
N ILE C 325 13.16 -26.34 48.58
CA ILE C 325 12.65 -25.79 47.34
C ILE C 325 11.99 -26.89 46.54
N VAL C 326 10.94 -26.53 45.81
CA VAL C 326 10.17 -27.48 45.01
C VAL C 326 9.54 -26.74 43.84
N PHE C 327 9.55 -27.38 42.66
CA PHE C 327 8.93 -26.80 41.48
C PHE C 327 7.42 -27.06 41.49
N ASN C 328 6.74 -26.42 40.54
CA ASN C 328 5.30 -26.60 40.37
C ASN C 328 4.96 -26.30 38.91
N HIS C 329 3.70 -26.51 38.55
CA HIS C 329 3.24 -26.26 37.20
C HIS C 329 2.91 -24.78 37.04
N SER C 330 2.37 -24.41 35.88
CA SER C 330 2.00 -23.03 35.62
C SER C 330 0.74 -22.66 36.39
N SER C 331 0.47 -21.35 36.46
CA SER C 331 -0.70 -20.86 37.17
C SER C 331 -1.99 -21.28 36.49
N GLY C 332 -2.03 -21.23 35.16
CA GLY C 332 -3.24 -21.57 34.43
C GLY C 332 -4.02 -20.36 33.97
N GLY C 333 -5.34 -20.48 33.91
CA GLY C 333 -6.17 -19.38 33.47
C GLY C 333 -6.19 -19.23 31.96
N ASP C 334 -5.50 -18.21 31.46
CA ASP C 334 -5.43 -17.97 30.03
C ASP C 334 -4.52 -19.03 29.40
N PRO C 335 -5.03 -19.86 28.48
CA PRO C 335 -4.25 -21.03 28.04
C PRO C 335 -3.00 -20.72 27.22
N GLU C 336 -3.17 -20.00 26.11
CA GLU C 336 -2.08 -19.72 25.12
C GLU C 336 -0.72 -19.32 25.69
N ILE C 337 -0.61 -18.87 26.93
CA ILE C 337 0.64 -18.35 27.47
C ILE C 337 1.32 -19.37 28.39
N VAL C 338 0.52 -20.12 29.15
CA VAL C 338 1.07 -20.92 30.26
C VAL C 338 1.85 -22.14 29.76
N MET C 339 1.53 -22.67 28.58
CA MET C 339 2.26 -23.84 28.14
C MET C 339 3.50 -23.43 27.35
N HIS C 340 4.37 -24.41 27.10
CA HIS C 340 5.61 -24.21 26.38
C HIS C 340 5.31 -24.02 24.89
N SER C 341 5.60 -22.83 24.37
CA SER C 341 5.47 -22.59 22.94
C SER C 341 6.65 -23.18 22.19
N PHE C 342 6.40 -23.58 20.94
CA PHE C 342 7.40 -24.33 20.17
C PHE C 342 7.11 -24.18 18.68
N ASN C 343 8.12 -23.85 17.89
CA ASN C 343 7.98 -23.62 16.46
C ASN C 343 9.07 -24.39 15.73
N CYS C 344 8.69 -25.50 15.09
CA CYS C 344 9.61 -26.29 14.29
C CYS C 344 8.92 -26.71 12.99
N GLY C 345 9.68 -26.67 11.89
CA GLY C 345 9.18 -27.10 10.60
C GLY C 345 8.03 -26.27 10.07
N GLY C 346 7.96 -24.99 10.44
CA GLY C 346 6.86 -24.15 10.00
C GLY C 346 5.55 -24.44 10.69
N GLU C 347 5.57 -25.07 11.86
CA GLU C 347 4.36 -25.39 12.61
C GLU C 347 4.53 -24.93 14.05
N PHE C 348 3.43 -24.47 14.64
CA PHE C 348 3.42 -23.94 16.00
C PHE C 348 2.93 -25.00 16.96
N PHE C 349 3.72 -25.30 17.98
CA PHE C 349 3.39 -26.31 18.98
C PHE C 349 3.17 -25.64 20.33
N TYR C 350 2.20 -26.15 21.08
CA TYR C 350 1.84 -25.59 22.37
C TYR C 350 1.94 -26.65 23.47
N CYS C 351 3.07 -27.35 23.52
CA CYS C 351 3.18 -28.58 24.29
C CYS C 351 3.04 -28.35 25.79
N ASN C 352 2.23 -29.20 26.42
CA ASN C 352 2.06 -29.22 27.86
C ASN C 352 3.36 -29.63 28.55
N SER C 353 3.65 -28.99 29.68
CA SER C 353 4.89 -29.27 30.40
C SER C 353 4.65 -29.35 31.90
N THR C 354 3.53 -29.93 32.34
CA THR C 354 3.26 -30.07 33.76
C THR C 354 4.17 -31.10 34.41
N GLN C 355 4.44 -32.21 33.71
CA GLN C 355 5.22 -33.30 34.29
C GLN C 355 6.70 -32.98 34.42
N LEU C 356 7.18 -31.89 33.81
CA LEU C 356 8.60 -31.54 33.88
C LEU C 356 8.97 -30.89 35.21
N PHE C 357 7.99 -30.39 35.96
CA PHE C 357 8.24 -29.63 37.18
C PHE C 357 7.37 -30.15 38.32
N ASN C 358 7.36 -31.47 38.50
CA ASN C 358 6.54 -32.12 39.50
C ASN C 358 7.37 -32.76 40.62
N SER C 359 8.67 -32.49 40.66
CA SER C 359 9.57 -33.14 41.59
C SER C 359 9.91 -32.23 42.76
N THR C 360 10.22 -32.84 43.89
CA THR C 360 10.63 -32.14 45.11
C THR C 360 12.08 -32.47 45.41
N TRP C 361 12.89 -31.43 45.65
CA TRP C 361 14.31 -31.60 45.92
C TRP C 361 14.59 -31.14 47.35
N ASN C 362 14.92 -32.09 48.22
CA ASN C 362 15.23 -31.78 49.60
C ASN C 362 16.20 -32.83 50.13
N ASN C 363 16.93 -32.46 51.18
CA ASN C 363 17.90 -33.36 51.80
C ASN C 363 17.94 -33.17 53.31
N GLU C 372 8.45 -43.51 35.00
CA GLU C 372 8.48 -44.96 35.12
C GLU C 372 9.16 -45.60 33.91
N GLY C 373 9.16 -44.89 32.80
CA GLY C 373 9.73 -45.35 31.55
C GLY C 373 11.13 -44.83 31.33
N ASN C 374 11.50 -44.69 30.04
CA ASN C 374 12.82 -44.22 29.66
C ASN C 374 12.84 -42.74 29.31
N THR C 375 11.78 -42.20 28.73
CA THR C 375 11.68 -40.78 28.44
C THR C 375 10.37 -40.25 29.03
N ILE C 376 10.10 -38.97 28.81
CA ILE C 376 8.88 -38.32 29.27
C ILE C 376 8.08 -37.90 28.05
N THR C 377 6.81 -38.32 28.00
CA THR C 377 5.94 -38.07 26.86
C THR C 377 5.06 -36.86 27.16
N LEU C 378 5.18 -35.82 26.31
CA LEU C 378 4.48 -34.57 26.54
C LEU C 378 3.25 -34.50 25.64
N PRO C 379 2.04 -34.45 26.21
CA PRO C 379 0.85 -34.26 25.36
C PRO C 379 0.79 -32.86 24.77
N CYS C 380 1.02 -32.75 23.46
CA CYS C 380 1.26 -31.46 22.82
C CYS C 380 0.15 -31.20 21.82
N ARG C 381 -0.48 -30.03 21.92
CA ARG C 381 -1.55 -29.61 21.03
C ARG C 381 -1.07 -28.49 20.12
N ILE C 382 -1.75 -28.36 18.98
CA ILE C 382 -1.31 -27.50 17.89
C ILE C 382 -2.45 -26.57 17.49
N LYS C 383 -2.05 -25.32 17.29
CA LYS C 383 -3.02 -24.32 16.85
C LYS C 383 -2.40 -23.66 15.64
N GLN C 384 -3.20 -22.94 14.90
CA GLN C 384 -2.68 -22.20 13.74
C GLN C 384 -2.76 -20.69 13.94
N ILE C 385 -3.95 -20.17 14.23
CA ILE C 385 -4.12 -18.73 14.37
C ILE C 385 -3.53 -18.28 15.71
N ILE C 386 -2.64 -17.30 15.67
CA ILE C 386 -1.97 -16.80 16.85
C ILE C 386 -2.29 -15.32 17.04
N ASN C 387 -2.47 -14.92 18.30
CA ASN C 387 -2.69 -13.53 18.68
C ASN C 387 -1.49 -12.98 19.44
N MET C 388 -0.30 -13.43 19.06
CA MET C 388 0.90 -13.14 19.84
C MET C 388 1.37 -11.70 19.65
N TRP C 389 1.14 -11.12 18.48
CA TRP C 389 1.63 -9.79 18.17
C TRP C 389 0.57 -8.70 18.13
N GLN C 390 -0.72 -9.05 18.22
CA GLN C 390 -1.75 -8.02 18.32
C GLN C 390 -1.68 -7.28 19.65
N GLU C 391 -1.42 -8.00 20.74
CA GLU C 391 -1.43 -7.40 22.06
C GLU C 391 -0.20 -6.51 22.30
N VAL C 392 0.91 -6.79 21.63
CA VAL C 392 2.16 -6.09 21.94
C VAL C 392 2.43 -4.99 20.92
N GLY C 393 1.99 -5.19 19.68
CA GLY C 393 2.29 -4.23 18.64
C GLY C 393 1.11 -3.81 17.79
N GLY C 394 -0.01 -4.51 17.93
CA GLY C 394 -1.17 -4.22 17.12
C GLY C 394 -1.02 -4.62 15.66
N CYS C 395 -0.13 -5.55 15.36
CA CYS C 395 0.08 -5.97 13.98
C CYS C 395 -1.11 -6.74 13.45
N GLY C 396 -1.72 -7.58 14.30
CA GLY C 396 -2.86 -8.39 13.87
C GLY C 396 -2.60 -9.87 14.01
N ALA C 397 -3.66 -10.66 13.97
CA ALA C 397 -3.53 -12.10 14.08
C ALA C 397 -2.89 -12.67 12.81
N MET C 398 -2.22 -13.82 12.97
CA MET C 398 -1.45 -14.43 11.89
C MET C 398 -1.85 -15.89 11.75
N TYR C 399 -2.16 -16.30 10.53
CA TYR C 399 -2.53 -17.67 10.23
C TYR C 399 -1.30 -18.51 9.93
N ALA C 400 -1.36 -19.79 10.31
CA ALA C 400 -0.27 -20.72 10.06
C ALA C 400 -0.70 -21.76 9.05
N PRO C 401 -0.23 -21.69 7.80
CA PRO C 401 -0.62 -22.70 6.81
C PRO C 401 -0.01 -24.04 7.14
N PRO C 402 -0.68 -25.14 6.82
CA PRO C 402 -0.14 -26.47 7.09
C PRO C 402 0.90 -26.87 6.07
N ILE C 403 1.56 -28.00 6.35
CA ILE C 403 2.61 -28.54 5.50
C ILE C 403 2.26 -29.99 5.15
N ARG C 404 2.56 -30.37 3.92
CA ARG C 404 2.26 -31.74 3.46
C ARG C 404 3.21 -32.74 4.10
N GLY C 405 2.65 -33.84 4.58
CA GLY C 405 3.43 -34.95 5.08
C GLY C 405 3.94 -34.74 6.50
N GLN C 406 4.47 -35.82 7.05
CA GLN C 406 5.03 -35.79 8.39
C GLN C 406 6.34 -35.00 8.41
N ILE C 407 6.55 -34.26 9.50
CA ILE C 407 7.77 -33.49 9.70
C ILE C 407 8.35 -33.82 11.06
N ARG C 408 9.65 -34.15 11.07
CA ARG C 408 10.36 -34.48 12.30
C ARG C 408 11.34 -33.35 12.63
N CYS C 409 11.30 -32.88 13.86
CA CYS C 409 12.18 -31.82 14.31
C CYS C 409 12.85 -32.21 15.61
N SER C 410 14.15 -31.93 15.72
CA SER C 410 14.92 -32.19 16.91
C SER C 410 15.72 -30.95 17.27
N SER C 411 15.95 -30.76 18.57
CA SER C 411 16.60 -29.55 19.06
C SER C 411 17.23 -29.83 20.41
N ASN C 412 18.05 -28.88 20.86
CA ASN C 412 18.75 -28.97 22.13
C ASN C 412 18.14 -27.97 23.12
N ILE C 413 18.02 -28.39 24.37
CA ILE C 413 17.55 -27.52 25.44
C ILE C 413 18.75 -26.82 26.06
N THR C 414 18.72 -25.48 26.10
CA THR C 414 19.85 -24.70 26.56
C THR C 414 19.54 -23.77 27.72
N GLY C 415 18.28 -23.41 27.96
CA GLY C 415 17.96 -22.49 29.03
C GLY C 415 16.52 -22.62 29.44
N LEU C 416 16.24 -22.22 30.69
CA LEU C 416 14.89 -22.20 31.23
C LEU C 416 14.55 -20.79 31.69
N LEU C 417 13.27 -20.58 31.99
CA LEU C 417 12.77 -19.30 32.48
C LEU C 417 11.96 -19.59 33.74
N LEU C 418 12.65 -19.66 34.88
CA LEU C 418 12.02 -19.99 36.16
C LEU C 418 11.69 -18.71 36.91
N THR C 419 10.44 -18.61 37.36
CA THR C 419 9.98 -17.46 38.12
C THR C 419 9.44 -17.92 39.47
N ARG C 420 9.79 -17.20 40.53
CA ARG C 420 9.29 -17.52 41.86
C ARG C 420 7.87 -17.01 42.02
N ASP C 421 7.15 -17.60 42.96
CA ASP C 421 5.75 -17.31 43.19
C ASP C 421 5.57 -16.43 44.42
N GLY C 422 4.68 -15.45 44.32
CA GLY C 422 4.35 -14.59 45.43
C GLY C 422 3.39 -15.24 46.41
N GLY C 423 3.85 -15.50 47.62
CA GLY C 423 3.00 -16.14 48.62
C GLY C 423 3.73 -16.19 49.95
N ILE C 424 3.04 -16.77 50.93
CA ILE C 424 3.54 -16.89 52.28
C ILE C 424 3.63 -18.37 52.64
N ASN C 425 4.79 -18.78 53.18
CA ASN C 425 4.99 -20.16 53.62
C ASN C 425 6.07 -20.14 54.70
N GLU C 426 5.66 -20.26 55.95
CA GLU C 426 6.62 -20.23 57.06
C GLU C 426 7.46 -21.51 57.10
N ASN C 427 6.84 -22.66 56.85
CA ASN C 427 7.54 -23.93 57.00
C ASN C 427 8.55 -24.15 55.88
N GLY C 428 8.22 -23.77 54.64
CA GLY C 428 9.06 -24.09 53.51
C GLY C 428 9.26 -22.90 52.59
N THR C 429 10.30 -23.02 51.76
CA THR C 429 10.59 -22.01 50.75
C THR C 429 9.56 -22.09 49.63
N GLU C 430 9.27 -20.93 49.03
CA GLU C 430 8.26 -20.83 47.98
C GLU C 430 8.67 -21.63 46.74
N ILE C 431 7.76 -21.72 45.79
CA ILE C 431 7.91 -22.56 44.63
C ILE C 431 8.43 -21.72 43.46
N PHE C 432 8.94 -22.40 42.43
CA PHE C 432 9.44 -21.76 41.22
C PHE C 432 8.54 -22.13 40.06
N ARG C 433 7.73 -21.18 39.60
CA ARG C 433 6.82 -21.43 38.49
C ARG C 433 7.49 -21.06 37.19
N PRO C 434 7.73 -22.06 36.28
CA PRO C 434 8.45 -21.84 35.03
C PRO C 434 7.84 -20.91 34.00
N GLY C 435 6.89 -20.07 34.39
CA GLY C 435 6.22 -19.16 33.43
C GLY C 435 7.18 -18.16 32.80
N GLY C 436 6.94 -17.82 31.53
CA GLY C 436 7.84 -16.87 30.82
C GLY C 436 7.36 -15.46 31.00
N GLY C 437 8.12 -14.62 31.69
CA GLY C 437 7.67 -13.24 31.97
C GLY C 437 7.55 -12.32 30.76
N ASP C 438 8.55 -12.26 29.89
CA ASP C 438 8.48 -11.25 28.79
C ASP C 438 9.21 -11.76 27.56
N MET C 439 8.65 -11.57 26.36
CA MET C 439 9.29 -12.08 25.14
C MET C 439 10.67 -11.46 25.11
N ARG C 440 10.92 -10.52 26.02
CA ARG C 440 12.22 -9.84 26.00
C ARG C 440 13.29 -10.65 26.70
N ASP C 441 12.90 -11.54 27.63
CA ASP C 441 13.86 -12.37 28.34
C ASP C 441 14.47 -13.46 27.47
N ASN C 442 13.90 -13.74 26.29
CA ASN C 442 14.44 -14.77 25.41
C ASN C 442 15.82 -14.40 24.90
N TRP C 443 16.02 -13.13 24.52
CA TRP C 443 17.27 -12.68 23.94
C TRP C 443 18.25 -12.13 24.96
N ARG C 444 17.87 -12.10 26.25
CA ARG C 444 18.80 -11.72 27.29
C ARG C 444 19.67 -12.89 27.73
N SER C 445 19.40 -14.10 27.24
CA SER C 445 20.26 -15.25 27.50
C SER C 445 21.33 -15.43 26.44
N GLU C 446 21.33 -14.60 25.40
CA GLU C 446 22.36 -14.65 24.36
C GLU C 446 23.19 -13.38 24.28
N LEU C 447 22.59 -12.21 24.52
CA LEU C 447 23.32 -10.95 24.56
C LEU C 447 23.68 -10.54 25.98
N TYR C 448 23.86 -11.52 26.87
CA TYR C 448 24.19 -11.22 28.26
C TYR C 448 25.64 -10.78 28.45
N LYS C 449 26.50 -11.02 27.46
CA LYS C 449 27.91 -10.68 27.57
C LYS C 449 28.36 -9.71 26.47
N TYR C 450 27.43 -8.98 25.87
CA TYR C 450 27.75 -8.05 24.80
C TYR C 450 27.24 -6.66 25.14
N LYS C 451 28.00 -5.66 24.69
CA LYS C 451 27.66 -4.27 24.93
C LYS C 451 28.35 -3.44 23.85
N VAL C 452 27.72 -2.33 23.47
CA VAL C 452 28.20 -1.47 22.40
C VAL C 452 28.74 -0.18 22.99
N VAL C 453 29.91 0.23 22.52
CA VAL C 453 30.55 1.47 22.94
C VAL C 453 30.98 2.24 21.69
N LYS C 454 31.25 3.52 21.88
CA LYS C 454 31.66 4.40 20.79
C LYS C 454 33.07 4.92 21.07
N ILE C 455 33.99 4.67 20.13
CA ILE C 455 35.33 5.21 20.27
C ILE C 455 35.33 6.69 19.91
N GLU C 456 35.96 7.50 20.76
CA GLU C 456 36.25 8.90 20.44
C GLU C 456 37.76 9.08 20.45
N PRO C 457 38.35 9.56 19.36
CA PRO C 457 39.81 9.65 19.29
C PRO C 457 40.39 10.91 19.91
N LEU C 458 39.56 11.84 20.37
CA LEU C 458 40.08 13.09 20.91
C LEU C 458 40.52 12.93 22.36
N GLY C 459 41.55 13.68 22.73
CA GLY C 459 42.05 13.65 24.09
C GLY C 459 43.25 14.55 24.31
N VAL C 460 43.36 15.13 25.50
CA VAL C 460 44.45 16.03 25.85
C VAL C 460 45.24 15.44 27.00
N ALA C 461 46.46 15.95 27.18
CA ALA C 461 47.36 15.48 28.22
C ALA C 461 48.45 16.51 28.44
N PRO C 462 48.92 16.70 29.67
CA PRO C 462 50.02 17.63 29.92
C PRO C 462 51.35 17.08 29.43
N THR C 463 52.20 17.97 28.92
CA THR C 463 53.53 17.60 28.48
C THR C 463 54.40 18.85 28.47
N LYS C 464 55.71 18.64 28.39
CA LYS C 464 56.67 19.73 28.29
C LYS C 464 57.04 19.91 26.81
N ALA C 465 56.10 20.50 26.06
CA ALA C 465 56.30 20.72 24.64
C ALA C 465 55.43 21.88 24.20
N LYS C 466 56.05 22.99 23.81
CA LYS C 466 55.35 24.19 23.39
C LYS C 466 55.68 24.48 21.92
N ARG C 467 54.66 24.91 21.17
CA ARG C 467 54.85 25.21 19.77
C ARG C 467 55.70 26.46 19.59
N ARG C 468 56.45 26.50 18.49
CA ARG C 468 57.37 27.60 18.22
C ARG C 468 56.60 28.91 18.04
N VAL C 469 55.42 28.85 17.41
CA VAL C 469 54.48 29.97 17.31
C VAL C 469 55.09 31.21 16.66
N PHE D 8 41.74 -4.17 12.68
CA PHE D 8 41.18 -5.41 13.23
C PHE D 8 42.22 -6.13 14.10
N LEU D 9 43.50 -5.93 13.78
CA LEU D 9 44.56 -6.55 14.57
C LEU D 9 44.67 -5.91 15.95
N GLY D 10 44.56 -4.59 16.03
CA GLY D 10 44.67 -3.90 17.29
C GLY D 10 43.62 -2.84 17.50
N PHE D 11 42.43 -3.05 16.93
CA PHE D 11 41.31 -2.14 17.13
C PHE D 11 40.89 -2.17 18.59
N LEU D 12 40.92 -1.00 19.24
CA LEU D 12 40.76 -0.86 20.68
C LEU D 12 41.75 -1.78 21.41
N GLY D 13 43.03 -1.46 21.20
CA GLY D 13 44.08 -2.39 21.58
C GLY D 13 44.53 -2.22 23.02
N ALA D 14 45.75 -1.77 23.24
CA ALA D 14 46.29 -1.69 24.59
C ALA D 14 45.68 -0.53 25.36
N ALA D 15 44.39 -0.61 25.65
CA ALA D 15 43.69 0.42 26.39
C ALA D 15 43.88 0.34 27.89
N GLY D 16 44.33 -0.80 28.42
CA GLY D 16 44.62 -0.94 29.82
C GLY D 16 46.09 -0.92 30.18
N SER D 17 46.97 -0.58 29.24
CA SER D 17 48.40 -0.61 29.46
C SER D 17 48.87 0.75 29.97
N THR D 18 50.19 0.94 29.97
CA THR D 18 50.78 2.21 30.38
C THR D 18 50.35 3.32 29.44
N MET D 19 50.09 4.51 30.01
CA MET D 19 49.70 5.67 29.22
C MET D 19 50.78 6.07 28.22
N GLY D 20 52.05 5.81 28.53
CA GLY D 20 53.14 6.05 27.62
C GLY D 20 53.33 4.99 26.56
N ALA D 21 52.52 3.93 26.58
CA ALA D 21 52.52 2.92 25.53
C ALA D 21 51.54 3.25 24.42
N ALA D 22 50.87 4.40 24.51
CA ALA D 22 50.00 4.88 23.45
C ALA D 22 50.75 5.65 22.38
N SER D 23 52.09 5.65 22.44
CA SER D 23 52.89 6.35 21.44
C SER D 23 52.77 5.68 20.07
N MET D 24 52.64 4.36 20.05
CA MET D 24 52.69 3.59 18.81
C MET D 24 51.35 3.06 18.34
N THR D 25 50.33 3.04 19.20
CA THR D 25 49.07 2.39 18.87
C THR D 25 48.00 3.35 18.36
N LEU D 26 48.34 4.60 18.07
CA LEU D 26 47.34 5.55 17.58
C LEU D 26 46.87 5.18 16.17
N THR D 27 47.78 4.71 15.32
CA THR D 27 47.45 4.48 13.91
C THR D 27 46.48 3.32 13.74
N VAL D 28 46.61 2.28 14.57
CA VAL D 28 45.81 1.07 14.41
C VAL D 28 44.36 1.33 14.81
N GLN D 29 44.12 2.43 15.52
CA GLN D 29 42.77 2.84 15.89
C GLN D 29 42.24 3.96 14.99
N ALA D 30 43.07 4.95 14.66
CA ALA D 30 42.65 6.05 13.82
C ALA D 30 42.34 5.61 12.39
N ARG D 31 42.84 4.45 11.97
CA ARG D 31 42.59 3.94 10.63
C ARG D 31 41.15 3.45 10.45
N LEU D 32 40.44 3.19 11.54
CA LEU D 32 39.13 2.54 11.45
C LEU D 32 38.00 3.37 12.05
N LEU D 33 37.93 4.66 11.72
CA LEU D 33 36.79 5.48 12.12
C LEU D 33 35.69 5.51 11.07
N LEU D 34 35.92 4.98 9.88
CA LEU D 34 34.85 4.88 8.88
C LEU D 34 34.88 3.55 8.15
N SER D 35 35.71 2.60 8.58
CA SER D 35 35.82 1.25 8.01
C SER D 35 36.13 1.27 6.51
N THR D 58 12.01 0.99 0.03
CA THR D 58 12.10 0.24 1.27
C THR D 58 12.67 1.10 2.40
N VAL D 59 11.99 1.10 3.54
CA VAL D 59 12.44 1.90 4.68
C VAL D 59 13.62 1.25 5.39
N TRP D 60 13.89 -0.04 5.15
CA TRP D 60 15.06 -0.68 5.75
C TRP D 60 16.35 -0.13 5.18
N GLY D 61 16.37 0.14 3.87
CA GLY D 61 17.53 0.77 3.28
C GLY D 61 17.76 2.19 3.78
N ILE D 62 16.68 2.91 4.07
CA ILE D 62 16.79 4.25 4.63
C ILE D 62 17.42 4.21 6.02
N LYS D 63 17.01 3.25 6.86
CA LYS D 63 17.61 3.09 8.17
C LYS D 63 19.07 2.68 8.07
N GLN D 64 19.39 1.80 7.11
CA GLN D 64 20.77 1.41 6.90
C GLN D 64 21.61 2.55 6.33
N LEU D 65 21.00 3.39 5.49
CA LEU D 65 21.71 4.53 4.94
C LEU D 65 21.96 5.60 5.98
N GLN D 66 21.04 5.79 6.93
CA GLN D 66 21.20 6.80 7.95
C GLN D 66 22.36 6.48 8.88
N ALA D 67 22.69 5.20 9.05
CA ALA D 67 23.88 4.85 9.81
C ALA D 67 25.15 5.09 9.02
N ARG D 68 25.09 4.96 7.69
CA ARG D 68 26.26 5.22 6.87
C ARG D 68 26.63 6.69 6.86
N VAL D 69 25.63 7.58 6.77
CA VAL D 69 25.89 9.01 6.84
C VAL D 69 26.20 9.45 8.27
N LEU D 70 25.84 8.65 9.26
CA LEU D 70 26.19 8.98 10.64
C LEU D 70 27.69 8.83 10.85
N ALA D 71 28.29 7.76 10.31
CA ALA D 71 29.74 7.57 10.43
C ALA D 71 30.49 8.63 9.65
N VAL D 72 29.90 9.18 8.60
CA VAL D 72 30.44 10.32 7.89
C VAL D 72 30.43 11.58 8.76
N GLU D 73 29.58 11.61 9.79
CA GLU D 73 29.53 12.73 10.72
C GLU D 73 30.41 12.53 11.95
N ARG D 74 30.54 11.30 12.45
CA ARG D 74 31.43 11.04 13.59
C ARG D 74 32.88 11.36 13.24
N TYR D 75 33.44 10.66 12.26
CA TYR D 75 34.64 11.16 11.62
C TYR D 75 34.29 12.43 10.86
N LEU D 76 35.28 13.32 10.72
CA LEU D 76 35.21 14.61 10.05
C LEU D 76 34.39 15.61 10.86
N GLY D 77 33.72 15.19 11.93
CA GLY D 77 33.15 16.11 12.89
C GLY D 77 34.20 16.39 13.95
N ASP D 78 35.13 15.45 14.12
CA ASP D 78 36.31 15.66 14.93
C ASP D 78 37.51 16.09 14.11
N GLN D 79 37.55 15.75 12.82
CA GLN D 79 38.63 16.22 11.96
C GLN D 79 38.48 17.71 11.66
N GLN D 80 37.24 18.21 11.60
CA GLN D 80 37.03 19.66 11.54
C GLN D 80 37.57 20.34 12.79
N LEU D 81 37.35 19.73 13.96
CA LEU D 81 37.94 20.24 15.18
C LEU D 81 39.45 20.20 15.10
N LEU D 82 40.02 19.04 14.73
CA LEU D 82 41.47 18.93 14.58
C LEU D 82 41.98 19.87 13.50
N GLY D 83 41.23 20.01 12.41
CA GLY D 83 41.59 20.95 11.36
C GLY D 83 41.51 22.40 11.76
N ILE D 84 40.94 22.71 12.93
CA ILE D 84 40.91 24.09 13.39
C ILE D 84 42.22 24.47 14.08
N TRP D 85 42.56 23.79 15.18
CA TRP D 85 43.49 24.46 16.08
C TRP D 85 44.93 24.24 15.63
N GLY D 86 45.41 23.00 15.74
CA GLY D 86 46.76 22.70 15.30
C GLY D 86 46.95 21.49 14.40
N CYS D 87 46.06 20.50 14.51
CA CYS D 87 46.30 19.19 13.89
C CYS D 87 45.54 19.08 12.57
N SER D 88 46.08 19.77 11.56
CA SER D 88 45.45 19.74 10.23
C SER D 88 45.58 18.36 9.60
N GLY D 89 46.78 17.78 9.64
CA GLY D 89 47.01 16.49 9.02
C GLY D 89 47.94 15.58 9.79
N LYS D 90 48.08 15.81 11.09
CA LYS D 90 48.95 14.99 11.92
C LYS D 90 48.26 14.68 13.24
N LEU D 91 48.86 13.77 14.01
CA LEU D 91 48.24 13.23 15.20
C LEU D 91 48.59 14.00 16.46
N ILE D 92 49.83 14.46 16.59
CA ILE D 92 50.32 15.11 17.80
C ILE D 92 50.72 16.53 17.44
N CYS D 93 49.94 17.50 17.91
CA CYS D 93 50.27 18.92 17.76
C CYS D 93 50.20 19.60 19.12
N THR D 94 51.23 20.38 19.42
CA THR D 94 51.34 21.03 20.72
C THR D 94 50.69 22.41 20.70
N THR D 95 50.33 22.89 21.88
CA THR D 95 49.66 24.17 22.03
C THR D 95 50.28 24.92 23.21
N ALA D 96 50.28 26.26 23.11
CA ALA D 96 50.92 27.13 24.10
C ALA D 96 49.93 27.67 25.14
N VAL D 97 48.92 26.89 25.50
CA VAL D 97 47.99 27.28 26.56
C VAL D 97 48.67 27.09 27.90
N PRO D 98 48.33 27.87 28.94
CA PRO D 98 49.12 27.82 30.19
C PRO D 98 48.97 26.54 30.99
N TRP D 99 47.80 25.88 30.94
CA TRP D 99 47.51 24.68 31.72
C TRP D 99 47.68 24.94 33.22
N ASN D 100 46.76 25.76 33.75
CA ASN D 100 46.78 26.19 35.14
C ASN D 100 46.58 25.03 36.12
N ALA D 101 46.67 25.31 37.43
CA ALA D 101 46.69 24.28 38.45
C ALA D 101 45.39 24.22 39.26
N SER D 102 44.29 24.76 38.72
CA SER D 102 43.00 24.62 39.40
C SER D 102 42.55 23.17 39.43
N TRP D 103 42.73 22.45 38.33
CA TRP D 103 42.47 21.02 38.23
C TRP D 103 43.64 20.22 38.79
N SER D 104 43.69 18.92 38.48
CA SER D 104 44.68 18.03 39.06
C SER D 104 46.11 18.45 38.72
N ASN D 105 47.00 18.31 39.69
CA ASN D 105 48.39 18.76 39.58
C ASN D 105 49.38 17.60 39.48
N LYS D 106 48.95 16.48 38.90
CA LYS D 106 49.85 15.35 38.73
C LYS D 106 50.95 15.69 37.73
N SER D 107 52.17 15.26 38.05
CA SER D 107 53.34 15.60 37.24
C SER D 107 53.42 14.67 36.03
N LEU D 108 54.53 14.75 35.29
CA LEU D 108 54.71 13.92 34.10
C LEU D 108 54.85 12.45 34.47
N ASP D 109 55.60 12.15 35.54
CA ASP D 109 55.78 10.76 35.95
C ASP D 109 54.50 10.18 36.53
N ARG D 110 53.73 11.00 37.27
CA ARG D 110 52.49 10.53 37.88
C ARG D 110 51.38 10.33 36.87
N ILE D 111 51.55 10.79 35.63
CA ILE D 111 50.52 10.70 34.59
C ILE D 111 50.87 9.64 33.55
N TRP D 112 52.07 9.71 32.99
CA TRP D 112 52.40 8.94 31.81
C TRP D 112 52.82 7.51 32.11
N ASN D 113 53.02 7.13 33.37
CA ASN D 113 53.48 5.79 33.70
C ASN D 113 52.44 4.97 34.46
N ASN D 114 52.01 5.43 35.63
CA ASN D 114 51.09 4.66 36.46
C ASN D 114 49.65 5.13 36.27
N MET D 115 49.19 5.10 35.03
CA MET D 115 47.83 5.51 34.71
C MET D 115 47.49 5.01 33.31
N THR D 116 46.21 4.76 33.09
CA THR D 116 45.69 4.44 31.76
C THR D 116 44.84 5.61 31.27
N TRP D 117 44.59 5.62 29.96
CA TRP D 117 43.88 6.75 29.37
C TRP D 117 42.41 6.75 29.78
N MET D 118 41.85 5.57 30.03
CA MET D 118 40.48 5.49 30.53
C MET D 118 40.34 6.15 31.90
N GLU D 119 41.30 5.90 32.79
CA GLU D 119 41.28 6.57 34.09
C GLU D 119 41.61 8.05 33.96
N TRP D 120 42.49 8.39 33.02
CA TRP D 120 42.89 9.79 32.85
C TRP D 120 41.74 10.66 32.38
N GLU D 121 40.96 10.17 31.40
CA GLU D 121 39.85 10.96 30.89
C GLU D 121 38.69 11.02 31.86
N ARG D 122 38.66 10.14 32.86
CA ARG D 122 37.63 10.19 33.89
C ARG D 122 37.88 11.27 34.93
N GLU D 123 39.09 11.82 34.97
CA GLU D 123 39.42 12.87 35.93
C GLU D 123 39.20 14.27 35.39
N ILE D 124 39.39 14.47 34.08
CA ILE D 124 39.18 15.76 33.45
C ILE D 124 37.95 15.75 32.55
N ASP D 125 36.99 14.85 32.83
CA ASP D 125 35.80 14.75 32.00
C ASP D 125 34.92 16.00 32.12
N ASN D 126 34.75 16.52 33.33
CA ASN D 126 33.91 17.69 33.54
C ASN D 126 34.63 19.00 33.31
N TYR D 127 35.93 18.97 33.02
CA TYR D 127 36.70 20.17 32.75
C TYR D 127 37.07 20.35 31.29
N THR D 128 36.89 19.33 30.45
CA THR D 128 37.30 19.41 29.05
C THR D 128 36.40 20.34 28.23
N SER D 129 35.20 20.65 28.73
CA SER D 129 34.34 21.60 28.03
C SER D 129 34.93 23.00 28.08
N GLU D 130 35.43 23.42 29.25
CA GLU D 130 36.12 24.70 29.36
C GLU D 130 37.52 24.64 28.78
N ILE D 131 38.09 23.44 28.64
CA ILE D 131 39.43 23.31 28.05
C ILE D 131 39.38 23.61 26.57
N TYR D 132 38.38 23.06 25.85
CA TYR D 132 38.37 23.10 24.39
C TYR D 132 38.29 24.52 23.87
N THR D 133 37.55 25.40 24.55
CA THR D 133 37.50 26.80 24.14
C THR D 133 38.78 27.55 24.49
N LEU D 134 39.61 27.02 25.39
CA LEU D 134 40.84 27.71 25.77
C LEU D 134 41.92 27.59 24.71
N ILE D 135 42.01 26.46 24.01
CA ILE D 135 42.94 26.34 22.89
C ILE D 135 42.52 27.27 21.76
N GLU D 136 41.21 27.45 21.56
CA GLU D 136 40.73 28.38 20.55
C GLU D 136 41.15 29.82 20.89
N GLU D 137 41.16 30.16 22.16
CA GLU D 137 41.78 31.41 22.57
C GLU D 137 43.28 31.36 22.31
N SER D 138 43.82 32.50 21.85
CA SER D 138 45.20 32.62 21.39
C SER D 138 45.50 31.66 20.24
N GLN D 139 44.49 31.34 19.44
CA GLN D 139 44.67 30.61 18.18
C GLN D 139 44.20 31.43 16.99
N ASN D 140 43.01 32.01 17.05
CA ASN D 140 42.61 33.01 16.07
C ASN D 140 43.48 34.25 16.19
N GLN D 141 43.88 34.59 17.41
CA GLN D 141 44.88 35.63 17.62
C GLN D 141 46.23 35.20 17.04
N GLN D 142 46.55 33.90 17.16
CA GLN D 142 47.77 33.39 16.54
C GLN D 142 47.70 33.43 15.03
N GLU D 143 46.50 33.31 14.46
CA GLU D 143 46.33 33.44 13.02
C GLU D 143 46.46 34.88 12.54
N LYS D 144 46.42 35.85 13.45
CA LYS D 144 46.48 37.26 13.06
C LYS D 144 47.89 37.70 12.69
N ASN D 145 48.92 37.11 13.30
CA ASN D 145 50.29 37.59 13.07
C ASN D 145 50.78 37.26 11.67
N GLU D 146 50.36 36.12 11.12
CA GLU D 146 50.73 35.80 9.73
C GLU D 146 50.10 36.78 8.76
N GLN D 147 48.84 37.17 8.99
CA GLN D 147 48.22 38.22 8.20
C GLN D 147 48.92 39.56 8.43
N GLU D 148 49.28 39.85 9.69
CA GLU D 148 49.98 41.09 10.01
C GLU D 148 51.37 41.13 9.36
N LEU D 149 52.08 40.01 9.38
CA LEU D 149 53.40 39.96 8.75
C LEU D 149 53.30 40.07 7.24
N LEU D 150 52.31 39.43 6.64
CA LEU D 150 52.12 39.48 5.20
C LEU D 150 51.05 40.50 4.82
N GLU E 2 73.36 3.67 -3.12
CA GLU E 2 72.17 4.11 -3.86
C GLU E 2 70.91 3.56 -3.23
N LYS E 3 70.68 3.88 -1.96
CA LYS E 3 69.48 3.43 -1.27
C LYS E 3 68.25 4.13 -1.82
N LEU E 4 67.17 3.37 -1.96
CA LEU E 4 65.92 3.88 -2.49
C LEU E 4 64.86 3.93 -1.40
N TRP E 5 64.13 5.04 -1.35
CA TRP E 5 63.02 5.23 -0.44
C TRP E 5 61.72 5.03 -1.20
N VAL E 6 60.59 5.36 -0.56
CA VAL E 6 59.29 5.25 -1.19
C VAL E 6 58.56 6.59 -1.07
N THR E 7 57.73 6.89 -2.05
CA THR E 7 56.90 8.08 -2.05
C THR E 7 55.49 7.71 -2.51
N VAL E 8 54.52 8.50 -2.09
CA VAL E 8 53.12 8.25 -2.42
C VAL E 8 52.73 9.14 -3.58
N TYR E 9 51.58 8.82 -4.20
CA TYR E 9 51.11 9.56 -5.36
C TYR E 9 49.59 9.59 -5.32
N TYR E 10 49.02 10.80 -5.35
CA TYR E 10 47.57 10.99 -5.33
C TYR E 10 47.14 11.45 -6.71
N GLY E 11 46.37 10.60 -7.40
CA GLY E 11 45.95 10.88 -8.76
C GLY E 11 46.38 9.80 -9.73
N VAL E 12 46.55 8.59 -9.23
CA VAL E 12 47.01 7.45 -10.04
C VAL E 12 45.80 6.76 -10.68
N PRO E 13 45.78 6.62 -12.01
CA PRO E 13 44.65 5.95 -12.67
C PRO E 13 44.77 4.42 -12.57
N VAL E 14 43.93 3.83 -11.73
CA VAL E 14 43.80 2.38 -11.60
C VAL E 14 42.32 2.04 -11.66
N TRP E 15 41.96 1.03 -12.45
CA TRP E 15 40.54 0.74 -12.70
C TRP E 15 39.99 -0.40 -11.84
N LYS E 16 40.52 -1.63 -12.01
CA LYS E 16 40.12 -2.84 -11.28
C LYS E 16 38.61 -2.94 -11.05
N GLU E 17 37.84 -3.08 -12.13
CA GLU E 17 36.41 -2.76 -12.19
C GLU E 17 35.60 -3.44 -11.09
N ALA E 18 34.50 -2.81 -10.72
CA ALA E 18 33.62 -3.30 -9.67
C ALA E 18 32.20 -2.88 -10.00
N THR E 19 31.30 -2.96 -9.02
CA THR E 19 29.88 -2.73 -9.21
C THR E 19 29.42 -1.60 -8.28
N THR E 20 28.62 -0.69 -8.82
CA THR E 20 28.13 0.46 -8.07
C THR E 20 26.68 0.72 -8.45
N THR E 21 26.15 1.85 -7.99
CA THR E 21 24.78 2.29 -8.29
C THR E 21 24.86 3.53 -9.16
N LEU E 22 24.07 3.54 -10.24
CA LEU E 22 24.19 4.55 -11.29
C LEU E 22 23.10 5.62 -11.15
N PHE E 23 23.32 6.73 -11.84
CA PHE E 23 22.44 7.90 -11.79
C PHE E 23 21.33 7.75 -12.82
N CYS E 24 20.60 8.84 -13.06
CA CYS E 24 19.69 8.98 -14.18
C CYS E 24 19.77 10.40 -14.71
N ALA E 25 19.92 10.54 -16.02
CA ALA E 25 20.03 11.85 -16.65
C ALA E 25 19.15 11.89 -17.88
N SER E 26 18.61 13.07 -18.17
CA SER E 26 17.74 13.29 -19.31
C SER E 26 18.26 14.47 -20.13
N ASP E 27 17.75 14.58 -21.36
CA ASP E 27 18.15 15.66 -22.24
C ASP E 27 17.39 16.95 -21.98
N ALA E 28 16.44 16.95 -21.03
CA ALA E 28 15.64 18.11 -20.65
C ALA E 28 14.87 18.70 -21.83
N LYS E 29 14.46 17.84 -22.76
CA LYS E 29 13.66 18.25 -23.91
C LYS E 29 12.17 18.03 -23.70
N ALA E 30 11.76 17.60 -22.50
CA ALA E 30 10.36 17.36 -22.20
C ALA E 30 9.70 18.69 -21.85
N TYR E 31 9.40 19.47 -22.90
CA TYR E 31 8.75 20.75 -22.72
C TYR E 31 7.30 20.61 -22.27
N ASP E 32 6.67 19.47 -22.56
CA ASP E 32 5.30 19.22 -22.13
C ASP E 32 5.29 18.98 -20.63
N THR E 33 4.87 19.99 -19.87
CA THR E 33 4.84 19.88 -18.42
C THR E 33 3.62 19.09 -17.96
N GLU E 34 3.69 18.60 -16.72
CA GLU E 34 2.62 17.84 -16.07
C GLU E 34 2.23 16.60 -16.87
N VAL E 35 3.24 15.93 -17.44
CA VAL E 35 3.01 14.66 -18.12
C VAL E 35 3.36 13.54 -17.15
N HIS E 36 4.59 13.55 -16.64
CA HIS E 36 5.05 12.66 -15.56
C HIS E 36 4.89 11.19 -15.96
N ASN E 37 5.69 10.78 -16.94
CA ASN E 37 5.60 9.44 -17.50
C ASN E 37 6.09 8.40 -16.50
N VAL E 38 6.12 7.14 -16.95
CA VAL E 38 6.30 6.00 -16.06
C VAL E 38 7.69 6.01 -15.43
N TRP E 39 8.72 6.24 -16.23
CA TRP E 39 10.09 6.10 -15.77
C TRP E 39 10.61 7.32 -15.02
N ALA E 40 9.73 8.27 -14.68
CA ALA E 40 10.07 9.44 -13.87
C ALA E 40 11.22 10.24 -14.49
N THR E 41 11.10 10.53 -15.79
CA THR E 41 12.10 11.32 -16.47
C THR E 41 12.14 12.74 -15.91
N HIS E 42 11.03 13.22 -15.36
CA HIS E 42 11.04 14.48 -14.63
C HIS E 42 11.91 14.38 -13.38
N ALA E 43 11.91 13.23 -12.73
CA ALA E 43 12.70 13.01 -11.51
C ALA E 43 14.09 12.46 -11.83
N CYS E 44 14.79 13.12 -12.75
CA CYS E 44 16.18 12.85 -13.05
C CYS E 44 16.90 14.18 -13.26
N VAL E 45 18.20 14.18 -13.04
CA VAL E 45 18.95 15.44 -13.03
C VAL E 45 19.05 15.99 -14.45
N PRO E 46 18.63 17.24 -14.68
CA PRO E 46 18.74 17.83 -16.03
C PRO E 46 20.10 18.49 -16.26
N THR E 47 20.23 19.18 -17.39
CA THR E 47 21.33 20.10 -17.70
C THR E 47 22.68 19.38 -17.68
N ASP E 48 22.85 18.48 -18.63
CA ASP E 48 24.13 17.82 -18.88
C ASP E 48 24.53 17.96 -20.35
N PRO E 49 24.87 19.18 -20.79
CA PRO E 49 25.23 19.39 -22.19
C PRO E 49 26.72 19.18 -22.43
N ASN E 50 27.08 19.19 -23.72
CA ASN E 50 28.45 19.04 -24.21
C ASN E 50 29.13 17.80 -23.64
N PRO E 51 28.77 16.59 -24.09
CA PRO E 51 29.40 15.39 -23.56
C PRO E 51 30.84 15.25 -24.02
N GLN E 52 31.75 15.95 -23.33
CA GLN E 52 33.14 16.02 -23.74
C GLN E 52 33.86 14.71 -23.49
N GLU E 53 33.91 13.86 -24.50
CA GLU E 53 34.65 12.61 -24.40
C GLU E 53 36.15 12.87 -24.51
N VAL E 54 36.95 11.97 -23.95
CA VAL E 54 38.40 12.06 -24.00
C VAL E 54 38.93 10.77 -24.62
N VAL E 55 39.96 10.90 -25.44
CA VAL E 55 40.55 9.77 -26.15
C VAL E 55 41.66 9.17 -25.30
N LEU E 56 41.80 7.85 -25.35
CA LEU E 56 42.84 7.13 -24.64
C LEU E 56 43.72 6.41 -25.64
N GLU E 57 45.03 6.46 -25.40
CA GLU E 57 46.02 5.93 -26.33
C GLU E 57 47.10 5.20 -25.55
N ASN E 58 47.78 4.27 -26.25
CA ASN E 58 48.72 3.33 -25.64
C ASN E 58 48.07 2.54 -24.51
N VAL E 59 46.82 2.12 -24.71
CA VAL E 59 46.05 1.45 -23.67
C VAL E 59 45.37 0.22 -24.24
N THR E 60 45.42 -0.89 -23.48
CA THR E 60 44.72 -2.12 -23.81
C THR E 60 44.04 -2.65 -22.55
N GLU E 61 42.77 -3.00 -22.66
CA GLU E 61 42.06 -3.66 -21.58
C GLU E 61 40.88 -4.43 -22.14
N HIS E 62 40.36 -5.36 -21.35
CA HIS E 62 39.40 -6.35 -21.80
C HIS E 62 37.98 -5.85 -21.56
N PHE E 63 37.18 -5.76 -22.63
CA PHE E 63 35.76 -5.50 -22.54
C PHE E 63 34.98 -6.81 -22.54
N ASN E 64 33.85 -6.80 -21.82
CA ASN E 64 32.96 -7.94 -21.78
C ASN E 64 31.52 -7.45 -21.85
N MET E 65 30.65 -8.28 -22.42
CA MET E 65 29.23 -7.96 -22.53
C MET E 65 28.34 -9.04 -21.94
N TRP E 66 28.67 -10.31 -22.12
CA TRP E 66 27.86 -11.38 -21.55
C TRP E 66 28.05 -11.50 -20.05
N LYS E 67 29.22 -11.11 -19.55
CA LYS E 67 29.51 -11.14 -18.11
C LYS E 67 29.27 -9.79 -17.46
N ASN E 68 28.66 -8.85 -18.16
CA ASN E 68 28.36 -7.54 -17.59
C ASN E 68 27.29 -7.66 -16.52
N ASN E 69 27.46 -6.87 -15.45
CA ASN E 69 26.46 -6.78 -14.39
C ASN E 69 25.75 -5.43 -14.35
N MET E 70 26.16 -4.46 -15.16
CA MET E 70 25.44 -3.19 -15.23
C MET E 70 24.10 -3.36 -15.92
N VAL E 71 24.02 -4.26 -16.91
CA VAL E 71 22.74 -4.52 -17.58
C VAL E 71 21.76 -5.18 -16.62
N GLU E 72 22.26 -5.85 -15.57
CA GLU E 72 21.38 -6.38 -14.54
C GLU E 72 20.71 -5.24 -13.77
N GLN E 73 21.44 -4.15 -13.53
CA GLN E 73 20.83 -2.97 -12.91
C GLN E 73 19.79 -2.34 -13.84
N MET E 74 20.06 -2.36 -15.15
CA MET E 74 19.07 -1.86 -16.10
C MET E 74 17.81 -2.71 -16.08
N GLN E 75 17.95 -4.05 -16.02
CA GLN E 75 16.79 -4.91 -15.97
C GLN E 75 16.09 -4.83 -14.60
N GLU E 76 16.85 -4.56 -13.54
CA GLU E 76 16.25 -4.43 -12.21
C GLU E 76 15.42 -3.15 -12.09
N ASP E 77 15.85 -2.06 -12.74
CA ASP E 77 15.11 -0.81 -12.66
C ASP E 77 13.75 -0.92 -13.33
N ILE E 78 13.71 -1.50 -14.54
CA ILE E 78 12.48 -1.55 -15.31
C ILE E 78 11.42 -2.40 -14.61
N ILE E 79 11.83 -3.44 -13.89
CA ILE E 79 10.90 -4.17 -13.04
C ILE E 79 10.36 -3.26 -11.94
N SER E 80 11.24 -2.50 -11.30
CA SER E 80 10.82 -1.61 -10.23
C SER E 80 10.15 -0.34 -10.75
N LEU E 81 10.58 0.17 -11.91
CA LEU E 81 10.00 1.39 -12.45
C LEU E 81 8.53 1.20 -12.84
N TRP E 82 8.22 0.06 -13.46
CA TRP E 82 6.84 -0.20 -13.86
C TRP E 82 5.97 -0.59 -12.67
N CYS E 83 6.54 -1.30 -11.70
CA CYS E 83 5.75 -1.76 -10.55
C CYS E 83 5.32 -0.59 -9.67
N GLN E 84 6.22 0.38 -9.44
CA GLN E 84 5.89 1.51 -8.59
C GLN E 84 4.91 2.47 -9.25
N SER E 85 4.88 2.51 -10.59
CA SER E 85 3.96 3.42 -11.26
C SER E 85 2.52 2.91 -11.19
N LEU E 86 2.34 1.59 -11.27
CA LEU E 86 1.01 1.00 -11.27
C LEU E 86 0.38 0.93 -9.89
N LYS E 87 1.12 1.25 -8.83
CA LYS E 87 0.56 1.14 -7.47
C LYS E 87 -0.47 2.23 -7.18
N PRO E 88 -0.14 3.57 -7.23
CA PRO E 88 -1.05 4.59 -6.69
C PRO E 88 -2.10 5.09 -7.67
N CYS E 89 -2.84 4.16 -8.28
CA CYS E 89 -4.03 4.53 -9.03
C CYS E 89 -5.03 3.37 -8.95
N VAL E 90 -6.02 3.39 -9.84
CA VAL E 90 -7.24 2.61 -9.63
C VAL E 90 -6.99 1.13 -9.84
N LYS E 91 -7.44 0.31 -8.90
CA LYS E 91 -7.51 -1.13 -9.06
C LYS E 91 -8.89 -1.52 -9.56
N LEU E 92 -8.94 -2.63 -10.32
CA LEU E 92 -10.18 -3.13 -10.88
C LEU E 92 -10.43 -4.59 -10.49
N THR E 93 -9.93 -5.00 -9.32
CA THR E 93 -10.03 -6.37 -8.84
C THR E 93 -11.43 -6.97 -8.65
N PRO E 94 -12.55 -6.19 -8.43
CA PRO E 94 -13.85 -6.88 -8.36
C PRO E 94 -14.46 -7.21 -9.72
N LEU E 95 -13.66 -7.17 -10.79
CA LEU E 95 -14.14 -7.49 -12.12
C LEU E 95 -14.00 -8.95 -12.47
N CYS E 96 -13.57 -9.80 -11.53
CA CYS E 96 -13.46 -11.25 -11.77
C CYS E 96 -14.85 -11.89 -11.64
N VAL E 97 -15.71 -11.52 -12.58
CA VAL E 97 -17.10 -11.96 -12.61
C VAL E 97 -17.35 -12.66 -13.95
N THR E 98 -18.25 -13.63 -13.94
CA THR E 98 -18.65 -14.27 -15.19
C THR E 98 -19.34 -13.26 -16.11
N LEU E 99 -18.96 -13.29 -17.38
CA LEU E 99 -19.46 -12.34 -18.37
C LEU E 99 -20.33 -13.05 -19.38
N ASN E 100 -21.54 -12.53 -19.58
CA ASN E 100 -22.47 -13.06 -20.60
C ASN E 100 -22.28 -12.23 -21.86
N CYS E 101 -21.37 -12.68 -22.72
CA CYS E 101 -20.97 -11.94 -23.90
C CYS E 101 -21.73 -12.40 -25.13
N LYS E 102 -21.67 -11.59 -26.18
CA LYS E 102 -22.22 -11.92 -27.48
C LYS E 102 -21.28 -11.39 -28.55
N ASP E 103 -21.13 -12.14 -29.63
CA ASP E 103 -20.21 -11.76 -30.70
C ASP E 103 -20.71 -10.53 -31.44
N VAL E 104 -19.82 -9.57 -31.65
CA VAL E 104 -20.18 -8.33 -32.34
C VAL E 104 -19.23 -8.09 -33.51
N GLY E 120 -16.22 -12.20 -34.56
CA GLY E 120 -15.66 -10.86 -34.56
C GLY E 120 -14.45 -10.74 -33.65
N GLU E 121 -13.59 -9.75 -33.94
CA GLU E 121 -12.40 -9.54 -33.14
C GLU E 121 -12.75 -9.07 -31.73
N ILE E 122 -13.67 -8.12 -31.61
CA ILE E 122 -14.07 -7.58 -30.34
C ILE E 122 -15.37 -8.25 -29.91
N LYS E 123 -15.72 -8.09 -28.63
CA LYS E 123 -16.92 -8.69 -28.07
C LYS E 123 -17.70 -7.63 -27.29
N ASN E 124 -18.99 -7.91 -27.10
CA ASN E 124 -19.93 -7.01 -26.44
C ASN E 124 -20.26 -7.47 -25.03
N CYS E 125 -19.23 -7.91 -24.29
CA CYS E 125 -19.41 -8.52 -22.98
C CYS E 125 -20.17 -7.61 -22.01
N SER E 126 -21.15 -8.19 -21.33
CA SER E 126 -21.96 -7.49 -20.34
C SER E 126 -22.00 -8.30 -19.06
N PHE E 127 -22.18 -7.60 -17.94
CA PHE E 127 -22.13 -8.26 -16.64
C PHE E 127 -22.91 -7.42 -15.63
N ASN E 128 -23.28 -8.06 -14.53
CA ASN E 128 -23.85 -7.36 -13.40
C ASN E 128 -22.72 -6.75 -12.56
N ILE E 129 -22.85 -5.48 -12.23
CA ILE E 129 -21.84 -4.77 -11.47
C ILE E 129 -22.50 -4.07 -10.29
N THR E 130 -21.72 -3.81 -9.25
CA THR E 130 -22.15 -3.07 -8.08
C THR E 130 -21.43 -1.72 -8.06
N THR E 131 -22.20 -0.64 -7.91
CA THR E 131 -21.65 0.71 -7.95
C THR E 131 -21.00 1.04 -6.61
N SER E 132 -20.68 2.32 -6.42
CA SER E 132 -20.11 2.77 -5.15
C SER E 132 -21.08 2.54 -4.00
N ILE E 133 -22.38 2.74 -4.25
CA ILE E 133 -23.39 2.41 -3.27
C ILE E 133 -23.58 0.90 -3.23
N ARG E 134 -23.47 0.33 -2.03
CA ARG E 134 -23.53 -1.13 -1.89
C ARG E 134 -24.97 -1.63 -2.08
N ASP E 135 -25.08 -2.94 -2.35
CA ASP E 135 -26.35 -3.63 -2.56
C ASP E 135 -27.15 -3.04 -3.73
N LYS E 136 -26.45 -2.54 -4.74
CA LYS E 136 -27.06 -1.99 -5.94
C LYS E 136 -26.57 -2.76 -7.15
N VAL E 137 -27.48 -3.07 -8.07
CA VAL E 137 -27.17 -3.84 -9.27
C VAL E 137 -27.39 -2.95 -10.48
N GLN E 138 -26.36 -2.79 -11.30
CA GLN E 138 -26.44 -2.01 -12.53
C GLN E 138 -25.98 -2.88 -13.70
N LYS E 139 -26.72 -2.79 -14.81
CA LYS E 139 -26.41 -3.58 -16.00
C LYS E 139 -25.50 -2.74 -16.89
N GLU E 140 -24.19 -2.98 -16.77
CA GLU E 140 -23.18 -2.27 -17.54
C GLU E 140 -22.43 -3.25 -18.43
N TYR E 141 -21.99 -2.76 -19.58
CA TYR E 141 -21.32 -3.58 -20.59
C TYR E 141 -20.04 -2.90 -21.06
N ALA E 142 -19.07 -3.71 -21.46
CA ALA E 142 -17.79 -3.22 -21.94
C ALA E 142 -17.41 -4.03 -23.17
N LEU E 143 -16.19 -3.83 -23.65
CA LEU E 143 -15.66 -4.57 -24.81
C LEU E 143 -14.34 -5.21 -24.43
N PHE E 144 -14.21 -6.50 -24.72
CA PHE E 144 -12.99 -7.25 -24.44
C PHE E 144 -12.62 -8.07 -25.67
N TYR E 145 -11.35 -8.46 -25.71
CA TYR E 145 -10.81 -9.29 -26.79
C TYR E 145 -10.73 -10.74 -26.35
N LYS E 146 -10.44 -11.62 -27.31
CA LYS E 146 -10.29 -13.04 -26.99
C LYS E 146 -9.07 -13.31 -26.11
N LEU E 147 -8.01 -12.52 -26.26
CA LEU E 147 -6.80 -12.75 -25.49
C LEU E 147 -6.93 -12.33 -24.03
N ASP E 148 -8.01 -11.64 -23.66
CA ASP E 148 -8.23 -11.23 -22.29
C ASP E 148 -9.23 -12.09 -21.53
N VAL E 149 -10.10 -12.82 -22.24
CA VAL E 149 -11.15 -13.61 -21.61
C VAL E 149 -10.99 -15.07 -22.00
N VAL E 150 -11.26 -15.96 -21.05
CA VAL E 150 -11.27 -17.40 -21.32
C VAL E 150 -12.56 -17.99 -20.76
N PRO E 151 -13.12 -19.02 -21.39
CA PRO E 151 -14.32 -19.66 -20.83
C PRO E 151 -14.00 -20.87 -19.97
N ILE E 152 -14.84 -21.16 -18.99
CA ILE E 152 -14.83 -22.43 -18.27
C ILE E 152 -16.23 -23.03 -18.38
N ASP E 153 -16.43 -23.78 -19.47
CA ASP E 153 -17.71 -24.38 -19.85
C ASP E 153 -17.44 -25.37 -20.97
N ASN E 154 -18.52 -25.88 -21.57
CA ASN E 154 -18.43 -26.70 -22.77
C ASN E 154 -18.79 -25.88 -24.01
N ASN E 155 -19.99 -25.31 -24.03
CA ASN E 155 -20.40 -24.44 -25.14
C ASN E 155 -21.10 -23.17 -24.66
N ASN E 156 -21.29 -22.99 -23.35
CA ASN E 156 -21.93 -21.78 -22.85
C ASN E 156 -21.01 -20.59 -23.05
N THR E 157 -21.63 -19.41 -23.24
CA THR E 157 -20.93 -18.20 -23.59
C THR E 157 -20.40 -17.44 -22.37
N SER E 158 -20.28 -18.10 -21.22
CA SER E 158 -19.71 -17.47 -20.04
C SER E 158 -18.22 -17.21 -20.24
N TYR E 159 -17.76 -16.07 -19.70
CA TYR E 159 -16.37 -15.66 -19.89
C TYR E 159 -15.86 -15.04 -18.59
N ARG E 160 -14.55 -15.13 -18.40
CA ARG E 160 -13.89 -14.55 -17.25
C ARG E 160 -12.49 -14.10 -17.67
N LEU E 161 -11.94 -13.16 -16.91
CA LEU E 161 -10.66 -12.56 -17.26
C LEU E 161 -9.53 -13.60 -17.18
N ILE E 162 -8.48 -13.36 -17.96
CA ILE E 162 -7.45 -14.37 -18.18
C ILE E 162 -6.62 -14.63 -16.92
N SER E 163 -6.34 -13.60 -16.12
CA SER E 163 -5.40 -13.71 -15.01
C SER E 163 -6.08 -13.60 -13.66
N CYS E 164 -7.35 -13.99 -13.56
CA CYS E 164 -8.06 -13.90 -12.29
C CYS E 164 -7.65 -14.99 -11.31
N ASN E 165 -6.85 -15.96 -11.71
CA ASN E 165 -6.42 -17.05 -10.83
C ASN E 165 -5.01 -16.75 -10.34
N THR E 166 -4.86 -16.66 -9.02
CA THR E 166 -3.58 -16.45 -8.34
C THR E 166 -2.84 -15.21 -8.84
N SER E 167 -3.60 -14.16 -9.14
CA SER E 167 -3.01 -12.90 -9.58
C SER E 167 -4.01 -11.78 -9.32
N VAL E 168 -3.48 -10.55 -9.27
CA VAL E 168 -4.27 -9.35 -9.08
C VAL E 168 -4.14 -8.48 -10.32
N ILE E 169 -5.27 -8.07 -10.88
CA ILE E 169 -5.30 -7.26 -12.10
C ILE E 169 -5.57 -5.83 -11.69
N THR E 170 -4.62 -4.94 -11.95
CA THR E 170 -4.79 -3.52 -11.70
C THR E 170 -4.84 -2.76 -13.02
N GLN E 171 -5.40 -1.56 -12.95
CA GLN E 171 -5.53 -0.71 -14.13
C GLN E 171 -4.31 0.19 -14.24
N ALA E 172 -3.77 0.29 -15.45
CA ALA E 172 -2.69 1.24 -15.70
C ALA E 172 -3.21 2.66 -15.49
N CYS E 173 -2.35 3.50 -14.92
CA CYS E 173 -2.75 4.86 -14.58
C CYS E 173 -3.06 5.65 -15.84
N PRO E 174 -4.21 6.32 -15.92
CA PRO E 174 -4.66 6.87 -17.21
C PRO E 174 -3.91 8.12 -17.68
N LYS E 175 -3.54 8.99 -16.74
CA LYS E 175 -2.92 10.26 -17.10
C LYS E 175 -1.41 10.17 -17.25
N ILE E 176 -0.84 8.98 -17.08
CA ILE E 176 0.59 8.75 -17.25
C ILE E 176 0.81 7.93 -18.52
N SER E 177 1.59 8.48 -19.44
CA SER E 177 1.75 7.91 -20.77
C SER E 177 2.92 6.93 -20.82
N PHE E 178 3.00 6.19 -21.93
CA PHE E 178 3.99 5.16 -22.14
C PHE E 178 5.01 5.54 -23.22
N GLU E 179 5.29 6.83 -23.38
CA GLU E 179 6.17 7.28 -24.46
C GLU E 179 7.61 6.89 -24.17
N PRO E 180 8.30 6.23 -25.10
CA PRO E 180 9.71 5.83 -24.90
C PRO E 180 10.72 6.93 -25.23
N ILE E 181 10.87 7.87 -24.32
CA ILE E 181 11.88 8.92 -24.47
C ILE E 181 13.19 8.42 -23.89
N PRO E 182 14.34 8.80 -24.44
CA PRO E 182 15.61 8.27 -23.94
C PRO E 182 16.02 8.87 -22.61
N ILE E 183 16.83 8.10 -21.87
CA ILE E 183 17.43 8.54 -20.63
C ILE E 183 18.91 8.20 -20.68
N HIS E 184 19.68 8.89 -19.83
CA HIS E 184 21.13 8.72 -19.78
C HIS E 184 21.53 8.21 -18.41
N TYR E 185 22.28 7.11 -18.39
CA TYR E 185 22.82 6.56 -17.15
C TYR E 185 24.17 7.19 -16.85
N CYS E 186 24.45 7.43 -15.57
CA CYS E 186 25.75 7.97 -15.19
C CYS E 186 26.25 7.34 -13.90
N ALA E 187 27.54 7.03 -13.89
CA ALA E 187 28.19 6.55 -12.68
C ALA E 187 28.41 7.71 -11.71
N PRO E 188 28.48 7.44 -10.41
CA PRO E 188 28.80 8.51 -9.45
C PRO E 188 30.23 8.99 -9.61
N ALA E 189 30.52 10.12 -8.97
CA ALA E 189 31.83 10.73 -9.08
C ALA E 189 32.91 9.83 -8.48
N GLY E 190 34.04 9.74 -9.16
CA GLY E 190 35.06 8.79 -8.82
C GLY E 190 34.95 7.46 -9.53
N PHE E 191 33.82 7.20 -10.19
CA PHE E 191 33.61 6.00 -10.99
C PHE E 191 33.56 6.39 -12.46
N ALA E 192 34.39 5.78 -13.27
CA ALA E 192 34.47 6.09 -14.68
C ALA E 192 33.77 5.03 -15.51
N ILE E 193 33.20 5.46 -16.63
CA ILE E 193 32.55 4.56 -17.59
C ILE E 193 33.38 4.57 -18.86
N LEU E 194 33.84 3.40 -19.27
CA LEU E 194 34.66 3.24 -20.46
C LEU E 194 33.79 2.82 -21.63
N LYS E 195 34.28 3.06 -22.85
CA LYS E 195 33.56 2.63 -24.04
C LYS E 195 34.54 2.23 -25.12
N CYS E 196 34.09 1.33 -25.99
CA CYS E 196 34.85 0.88 -27.15
C CYS E 196 34.00 1.06 -28.40
N ASN E 197 34.50 1.87 -29.33
CA ASN E 197 33.87 2.01 -30.64
C ASN E 197 34.82 1.62 -31.76
N ASP E 198 35.66 0.62 -31.51
CA ASP E 198 36.49 0.06 -32.55
C ASP E 198 35.61 -0.63 -33.59
N LYS E 199 36.03 -0.53 -34.85
CA LYS E 199 35.23 -1.07 -35.95
C LYS E 199 35.18 -2.58 -35.90
N THR E 200 33.98 -3.13 -36.09
CA THR E 200 33.70 -4.57 -36.04
C THR E 200 34.18 -5.19 -34.73
N PHE E 201 33.59 -4.71 -33.64
CA PHE E 201 33.94 -5.22 -32.31
C PHE E 201 33.43 -6.65 -32.14
N ASN E 202 34.29 -7.50 -31.57
CA ASN E 202 33.94 -8.91 -31.39
C ASN E 202 32.83 -9.09 -30.36
N GLY E 203 32.87 -8.34 -29.27
CA GLY E 203 31.91 -8.49 -28.21
C GLY E 203 32.56 -8.85 -26.89
N THR E 204 33.60 -9.67 -26.94
CA THR E 204 34.37 -10.07 -25.75
C THR E 204 35.84 -10.14 -26.15
N GLY E 205 36.55 -9.04 -25.95
CA GLY E 205 37.95 -8.96 -26.29
C GLY E 205 38.56 -7.62 -25.98
N PRO E 206 39.89 -7.52 -26.10
CA PRO E 206 40.56 -6.23 -25.88
C PRO E 206 40.20 -5.22 -26.96
N CYS E 207 40.27 -3.95 -26.58
CA CYS E 207 39.91 -2.84 -27.44
C CYS E 207 41.11 -1.93 -27.66
N LYS E 208 41.01 -1.06 -28.67
CA LYS E 208 42.09 -0.13 -28.98
C LYS E 208 41.58 1.31 -29.05
N ASN E 209 40.35 1.49 -29.53
CA ASN E 209 39.73 2.82 -29.61
C ASN E 209 38.96 3.11 -28.32
N VAL E 210 39.66 2.97 -27.21
CA VAL E 210 39.08 3.16 -25.89
C VAL E 210 38.99 4.65 -25.60
N SER E 211 37.82 5.08 -25.14
CA SER E 211 37.59 6.49 -24.82
C SER E 211 36.78 6.59 -23.55
N THR E 212 37.37 7.15 -22.50
CA THR E 212 36.63 7.41 -21.28
C THR E 212 35.60 8.50 -21.53
N VAL E 213 34.41 8.31 -20.98
CA VAL E 213 33.33 9.29 -21.10
C VAL E 213 32.92 9.70 -19.69
N GLN E 214 32.39 10.93 -19.56
CA GLN E 214 31.84 11.36 -18.28
C GLN E 214 30.70 10.45 -17.86
N CYS E 215 29.74 10.22 -18.76
CA CYS E 215 28.76 9.15 -18.59
C CYS E 215 28.13 8.86 -19.94
N THR E 216 27.48 7.69 -20.01
CA THR E 216 27.10 7.08 -21.28
C THR E 216 25.99 7.87 -21.98
N HIS E 217 25.73 7.47 -23.22
CA HIS E 217 24.76 8.15 -24.08
C HIS E 217 23.35 7.70 -23.74
N GLY E 218 22.38 8.10 -24.56
CA GLY E 218 20.99 7.86 -24.28
C GLY E 218 20.50 6.45 -24.57
N ILE E 219 20.22 5.69 -23.52
CA ILE E 219 19.58 4.39 -23.66
C ILE E 219 18.10 4.57 -23.94
N ARG E 220 17.54 3.69 -24.76
CA ARG E 220 16.11 3.70 -25.03
C ARG E 220 15.45 2.60 -24.21
N PRO E 221 14.68 2.92 -23.18
CA PRO E 221 14.08 1.89 -22.31
C PRO E 221 12.76 1.33 -22.85
N VAL E 222 12.76 0.97 -24.12
CA VAL E 222 11.59 0.38 -24.76
C VAL E 222 11.65 -1.13 -24.58
N VAL E 223 10.49 -1.74 -24.35
CA VAL E 223 10.38 -3.19 -24.19
C VAL E 223 9.86 -3.78 -25.49
N SER E 224 10.48 -4.85 -25.95
CA SER E 224 10.09 -5.49 -27.19
C SER E 224 10.50 -6.96 -27.15
N THR E 225 9.86 -7.74 -28.02
CA THR E 225 10.18 -9.15 -28.19
C THR E 225 10.37 -9.41 -29.67
N GLN E 226 11.34 -10.28 -29.98
CA GLN E 226 11.62 -10.85 -31.31
C GLN E 226 12.25 -9.84 -32.27
N LEU E 227 12.27 -8.56 -31.89
CA LEU E 227 12.91 -7.52 -32.68
C LEU E 227 13.43 -6.44 -31.74
N LEU E 228 14.12 -5.46 -32.30
CA LEU E 228 14.60 -4.30 -31.58
C LEU E 228 14.23 -3.04 -32.34
N LEU E 229 13.75 -2.03 -31.62
CA LEU E 229 13.23 -0.81 -32.22
C LEU E 229 13.90 0.41 -31.62
N ASN E 230 14.13 1.42 -32.46
CA ASN E 230 14.73 2.71 -32.06
C ASN E 230 16.07 2.53 -31.35
N GLY E 231 16.89 1.64 -31.89
CA GLY E 231 18.25 1.47 -31.41
C GLY E 231 19.23 2.35 -32.17
N SER E 232 20.51 2.13 -31.89
CA SER E 232 21.58 2.84 -32.56
C SER E 232 22.11 2.01 -33.72
N LEU E 233 22.25 2.66 -34.88
CA LEU E 233 22.72 1.96 -36.06
C LEU E 233 24.20 1.60 -35.95
N ALA E 234 24.62 0.64 -36.76
CA ALA E 234 26.01 0.22 -36.77
C ALA E 234 26.90 1.31 -37.36
N GLU E 235 28.19 1.23 -37.02
CA GLU E 235 29.15 2.24 -37.46
C GLU E 235 29.64 1.97 -38.88
N GLU E 236 30.00 0.74 -39.19
CA GLU E 236 30.50 0.38 -40.51
C GLU E 236 29.58 -0.56 -41.25
N GLU E 237 29.28 -1.73 -40.68
CA GLU E 237 28.59 -2.78 -41.43
C GLU E 237 27.87 -3.68 -40.43
N VAL E 238 27.10 -4.63 -40.96
CA VAL E 238 26.21 -5.46 -40.15
C VAL E 238 27.03 -6.42 -39.31
N VAL E 239 26.97 -6.26 -38.00
CA VAL E 239 27.76 -7.05 -37.06
C VAL E 239 26.86 -8.03 -36.33
N ILE E 240 27.39 -9.22 -36.06
CA ILE E 240 26.68 -10.27 -35.33
C ILE E 240 27.59 -10.74 -34.20
N ARG E 241 27.06 -10.73 -32.97
CA ARG E 241 27.83 -11.08 -31.80
C ARG E 241 27.07 -12.07 -30.93
N SER E 242 27.81 -12.99 -30.32
CA SER E 242 27.25 -13.98 -29.41
C SER E 242 28.40 -14.52 -28.55
N ASP E 243 28.05 -15.43 -27.63
CA ASP E 243 29.05 -16.06 -26.77
C ASP E 243 29.65 -17.30 -27.43
N ASN E 244 28.81 -18.23 -27.87
CA ASN E 244 29.25 -19.38 -28.63
C ASN E 244 28.19 -19.74 -29.67
N PHE E 245 28.62 -19.95 -30.91
CA PHE E 245 27.71 -20.32 -31.97
C PHE E 245 27.42 -21.83 -31.99
N THR E 246 28.19 -22.62 -31.25
CA THR E 246 28.01 -24.07 -31.24
C THR E 246 26.89 -24.54 -30.32
N ASN E 247 26.39 -23.66 -29.44
CA ASN E 247 25.36 -24.04 -28.48
C ASN E 247 23.98 -23.68 -29.06
N ASN E 248 22.98 -24.48 -28.69
CA ASN E 248 21.64 -24.32 -29.22
C ASN E 248 20.79 -23.34 -28.40
N ALA E 249 21.00 -23.27 -27.10
CA ALA E 249 20.15 -22.48 -26.21
C ALA E 249 20.63 -21.05 -26.02
N LYS E 250 21.72 -20.65 -26.68
CA LYS E 250 22.25 -19.30 -26.53
C LYS E 250 21.69 -18.38 -27.60
N THR E 251 21.38 -17.14 -27.21
CA THR E 251 20.78 -16.18 -28.10
C THR E 251 21.81 -15.56 -29.03
N ILE E 252 21.31 -14.92 -30.09
CA ILE E 252 22.13 -14.21 -31.06
C ILE E 252 21.59 -12.79 -31.17
N ILE E 253 22.48 -11.81 -31.08
CA ILE E 253 22.12 -10.39 -31.16
C ILE E 253 22.81 -9.80 -32.37
N VAL E 254 22.04 -9.16 -33.25
CA VAL E 254 22.55 -8.59 -34.49
C VAL E 254 22.35 -7.08 -34.45
N GLN E 255 23.05 -6.39 -35.35
CA GLN E 255 22.94 -4.94 -35.49
C GLN E 255 23.00 -4.58 -36.96
N LEU E 256 22.19 -3.61 -37.36
CA LEU E 256 21.96 -3.29 -38.76
C LEU E 256 22.66 -1.99 -39.15
N LYS E 257 23.02 -1.89 -40.43
CA LYS E 257 23.55 -0.66 -41.00
C LYS E 257 22.43 0.26 -41.47
N GLU E 258 21.57 -0.24 -42.34
CA GLU E 258 20.42 0.50 -42.85
C GLU E 258 19.19 0.13 -42.04
N SER E 259 18.56 1.12 -41.42
CA SER E 259 17.41 0.86 -40.58
C SER E 259 16.20 0.52 -41.43
N VAL E 260 15.51 -0.55 -41.05
CA VAL E 260 14.23 -0.92 -41.67
C VAL E 260 13.13 -0.17 -40.93
N GLU E 261 12.27 0.50 -41.68
CA GLU E 261 11.23 1.34 -41.10
C GLU E 261 9.86 0.74 -41.34
N ILE E 262 8.92 1.06 -40.44
CA ILE E 262 7.54 0.61 -40.53
C ILE E 262 6.63 1.84 -40.42
N ASN E 263 5.74 2.00 -41.41
CA ASN E 263 4.71 3.03 -41.41
C ASN E 263 3.38 2.34 -41.15
N CYS E 264 3.02 2.18 -39.88
CA CYS E 264 1.80 1.45 -39.58
C CYS E 264 1.02 2.10 -38.45
N THR E 265 -0.23 1.68 -38.33
CA THR E 265 -1.23 2.28 -37.48
C THR E 265 -2.15 1.18 -36.97
N ARG E 266 -3.30 1.58 -36.45
CA ARG E 266 -4.31 0.66 -35.93
C ARG E 266 -5.67 1.32 -36.07
N PRO E 267 -6.37 1.14 -37.21
CA PRO E 267 -7.67 1.79 -37.36
C PRO E 267 -8.75 1.07 -36.58
N ASN E 268 -9.05 1.60 -35.40
CA ASN E 268 -10.09 1.01 -34.55
C ASN E 268 -10.84 2.14 -33.82
N ASN E 269 -11.24 3.16 -34.58
CA ASN E 269 -11.81 4.38 -34.01
C ASN E 269 -13.02 4.08 -33.14
N ASN E 270 -13.01 4.65 -31.94
CA ASN E 270 -14.04 4.38 -30.94
C ASN E 270 -14.03 5.51 -29.92
N THR E 271 -14.84 5.36 -28.88
CA THR E 271 -14.93 6.32 -27.80
C THR E 271 -14.74 5.60 -26.47
N ARG E 272 -14.20 6.34 -25.49
CA ARG E 272 -13.98 5.81 -24.15
C ARG E 272 -15.13 6.19 -23.24
N LYS E 273 -15.62 5.22 -22.48
CA LYS E 273 -16.75 5.41 -21.58
C LYS E 273 -16.33 5.05 -20.17
N SER E 274 -16.60 5.94 -19.22
CA SER E 274 -16.19 5.76 -17.83
C SER E 274 -17.25 4.97 -17.10
N ILE E 275 -16.91 3.74 -16.70
CA ILE E 275 -17.79 2.88 -15.93
C ILE E 275 -17.31 2.87 -14.49
N HIS E 276 -18.18 3.28 -13.57
CA HIS E 276 -17.83 3.24 -12.15
C HIS E 276 -17.78 1.80 -11.67
N ILE E 277 -16.81 1.51 -10.81
CA ILE E 277 -16.62 0.15 -10.30
C ILE E 277 -17.76 -0.24 -9.38
N GLY E 278 -17.34 2.54 -7.86
CA GLY E 278 -16.54 2.23 -6.69
C GLY E 278 -16.26 3.44 -5.84
N PRO E 279 -15.70 3.23 -4.65
CA PRO E 279 -15.41 4.36 -3.76
C PRO E 279 -14.23 5.19 -4.24
N GLY E 280 -14.45 5.98 -5.30
CA GLY E 280 -13.42 6.81 -5.86
C GLY E 280 -12.60 6.17 -6.96
N ARG E 281 -12.81 4.89 -7.24
CA ARG E 281 -12.09 4.18 -8.28
C ARG E 281 -12.94 4.12 -9.55
N ALA E 282 -12.32 4.34 -10.70
CA ALA E 282 -13.01 4.42 -11.97
C ALA E 282 -12.41 3.45 -12.98
N PHE E 283 -13.27 2.69 -13.65
CA PHE E 283 -12.86 1.72 -14.65
C PHE E 283 -13.08 2.30 -16.04
N TYR E 284 -12.01 2.37 -16.83
CA TYR E 284 -12.08 2.91 -18.18
C TYR E 284 -12.12 1.78 -19.20
N THR E 285 -13.02 1.92 -20.17
CA THR E 285 -13.14 0.94 -21.25
C THR E 285 -13.75 1.64 -22.47
N THR E 286 -13.55 1.02 -23.62
CA THR E 286 -14.13 1.54 -24.84
C THR E 286 -15.63 1.25 -24.89
N GLY E 287 -16.37 2.16 -25.52
CA GLY E 287 -17.81 2.02 -25.57
C GLY E 287 -18.36 1.82 -26.98
N GLU E 288 -19.10 2.81 -27.46
CA GLU E 288 -19.72 2.74 -28.79
C GLU E 288 -18.65 2.93 -29.84
N ILE E 289 -18.23 1.82 -30.46
CA ILE E 289 -17.25 1.89 -31.54
C ILE E 289 -17.88 2.55 -32.76
N ILE E 290 -17.10 3.38 -33.45
CA ILE E 290 -17.57 4.20 -34.55
C ILE E 290 -16.81 3.81 -35.80
N GLY E 291 -17.53 3.50 -36.88
CA GLY E 291 -16.91 3.25 -38.16
C GLY E 291 -16.74 1.78 -38.48
N ASP E 292 -16.16 1.55 -39.66
CA ASP E 292 -15.94 0.18 -40.13
C ASP E 292 -14.81 -0.44 -39.31
N ILE E 293 -15.05 -1.63 -38.78
CA ILE E 293 -14.10 -2.29 -37.90
C ILE E 293 -12.97 -2.90 -38.73
N ARG E 294 -11.75 -2.77 -38.22
CA ARG E 294 -10.57 -3.32 -38.88
C ARG E 294 -9.60 -3.80 -37.81
N GLN E 295 -8.68 -4.66 -38.23
CA GLN E 295 -7.72 -5.26 -37.32
C GLN E 295 -6.39 -4.51 -37.37
N ALA E 296 -5.54 -4.78 -36.38
CA ALA E 296 -4.23 -4.15 -36.29
C ALA E 296 -3.27 -4.84 -37.26
N HIS E 297 -2.59 -4.03 -38.08
CA HIS E 297 -1.66 -4.54 -39.07
C HIS E 297 -0.45 -3.62 -39.15
N CYS E 298 0.65 -4.15 -39.66
CA CYS E 298 1.81 -3.33 -39.96
C CYS E 298 2.46 -3.73 -41.28
N ASN E 299 2.81 -2.73 -42.07
CA ASN E 299 3.51 -2.92 -43.34
C ASN E 299 5.01 -2.94 -43.08
N ILE E 300 5.70 -3.91 -43.66
CA ILE E 300 7.16 -3.90 -43.75
C ILE E 300 7.51 -3.94 -45.23
N SER E 301 8.26 -2.94 -45.70
CA SER E 301 8.51 -2.80 -47.13
C SER E 301 9.50 -3.85 -47.62
N ARG E 302 9.14 -4.57 -48.67
CA ARG E 302 10.10 -5.42 -49.36
C ARG E 302 11.05 -4.57 -50.19
N ALA E 303 12.13 -5.22 -50.65
CA ALA E 303 13.32 -4.62 -51.25
C ALA E 303 14.05 -3.73 -50.24
N LYS E 304 13.65 -3.84 -48.97
CA LYS E 304 14.35 -3.25 -47.85
C LYS E 304 14.45 -4.21 -46.67
N TRP E 305 13.80 -5.36 -46.74
CA TRP E 305 13.90 -6.41 -45.73
C TRP E 305 14.68 -7.62 -46.23
N ASN E 306 14.34 -8.14 -47.41
CA ASN E 306 15.14 -9.22 -47.98
C ASN E 306 16.48 -8.70 -48.48
N ASP E 307 16.54 -7.44 -48.90
CA ASP E 307 17.83 -6.81 -49.14
C ASP E 307 18.63 -6.66 -47.85
N THR E 308 17.94 -6.30 -46.75
CA THR E 308 18.58 -6.28 -45.44
C THR E 308 19.01 -7.67 -45.02
N LEU E 309 18.15 -8.67 -45.24
CA LEU E 309 18.49 -10.05 -44.91
C LEU E 309 19.65 -10.56 -45.77
N LYS E 310 19.81 -10.01 -46.98
CA LYS E 310 20.96 -10.36 -47.81
C LYS E 310 22.26 -9.90 -47.17
N GLN E 311 22.25 -8.71 -46.55
CA GLN E 311 23.45 -8.22 -45.88
C GLN E 311 23.76 -9.02 -44.63
N ILE E 312 22.72 -9.49 -43.93
CA ILE E 312 22.92 -10.26 -42.71
C ILE E 312 23.58 -11.60 -43.02
N VAL E 313 23.13 -12.28 -44.07
CA VAL E 313 23.68 -13.59 -44.41
C VAL E 313 25.02 -13.52 -45.10
N ILE E 314 25.55 -12.32 -45.34
CA ILE E 314 26.88 -12.20 -45.96
C ILE E 314 27.95 -12.71 -45.01
N LYS E 315 27.93 -12.26 -43.76
CA LYS E 315 28.87 -12.75 -42.75
C LYS E 315 28.24 -13.72 -41.77
N LEU E 316 26.98 -14.09 -41.98
CA LEU E 316 26.44 -15.28 -41.31
C LEU E 316 26.98 -16.54 -41.96
N ARG E 317 27.54 -16.42 -43.16
CA ARG E 317 28.25 -17.49 -43.85
C ARG E 317 29.72 -17.55 -43.48
N GLU E 318 30.16 -16.70 -42.54
CA GLU E 318 31.56 -16.65 -42.12
C GLU E 318 31.88 -17.80 -41.18
N GLN E 319 33.02 -17.74 -40.49
CA GLN E 319 33.52 -18.89 -39.75
C GLN E 319 32.81 -19.11 -38.42
N PHE E 320 31.48 -19.07 -38.44
CA PHE E 320 30.68 -19.53 -37.32
C PHE E 320 29.75 -20.66 -37.76
N GLU E 321 28.99 -20.42 -38.83
CA GLU E 321 28.24 -21.47 -39.54
C GLU E 321 28.69 -21.51 -40.98
N ASN E 322 28.79 -22.72 -41.54
CA ASN E 322 29.42 -22.89 -42.85
C ASN E 322 28.47 -22.50 -43.98
N LYS E 323 27.37 -23.22 -44.14
CA LYS E 323 26.52 -23.07 -45.32
C LYS E 323 25.10 -23.54 -44.97
N THR E 324 24.28 -23.68 -46.02
CA THR E 324 22.90 -24.20 -46.03
C THR E 324 22.08 -23.78 -44.81
N ILE E 325 21.98 -22.46 -44.63
CA ILE E 325 21.15 -21.89 -43.58
C ILE E 325 19.75 -21.66 -44.12
N VAL E 326 18.79 -21.56 -43.20
CA VAL E 326 17.39 -21.35 -43.57
C VAL E 326 16.69 -20.63 -42.42
N PHE E 327 15.76 -19.74 -42.76
CA PHE E 327 14.98 -19.00 -41.78
C PHE E 327 13.63 -19.67 -41.57
N ASN E 328 13.22 -19.77 -40.31
CA ASN E 328 11.97 -20.40 -39.93
C ASN E 328 11.24 -19.51 -38.94
N HIS E 329 9.95 -19.79 -38.75
CA HIS E 329 9.13 -19.02 -37.82
C HIS E 329 9.34 -19.54 -36.40
N SER E 330 8.50 -19.06 -35.47
CA SER E 330 8.64 -19.43 -34.07
C SER E 330 8.24 -20.88 -33.84
N SER E 331 8.67 -21.41 -32.69
CA SER E 331 8.39 -22.81 -32.37
C SER E 331 6.90 -23.04 -32.11
N GLY E 332 6.24 -22.09 -31.47
CA GLY E 332 4.84 -22.25 -31.12
C GLY E 332 4.65 -22.67 -29.68
N GLY E 333 3.40 -22.99 -29.36
CA GLY E 333 3.05 -23.39 -28.01
C GLY E 333 2.48 -22.26 -27.18
N ASP E 334 3.29 -21.69 -26.31
CA ASP E 334 2.85 -20.57 -25.47
C ASP E 334 2.74 -19.32 -26.32
N PRO E 335 1.55 -18.70 -26.44
CA PRO E 335 1.42 -17.56 -27.36
C PRO E 335 2.14 -16.31 -26.90
N GLU E 336 2.27 -16.07 -25.59
CA GLU E 336 2.80 -14.82 -25.09
C GLU E 336 4.28 -14.59 -25.42
N ILE E 337 4.98 -15.62 -25.89
CA ILE E 337 6.40 -15.50 -26.22
C ILE E 337 6.63 -15.51 -27.73
N VAL E 338 5.90 -16.35 -28.46
CA VAL E 338 6.25 -16.64 -29.84
C VAL E 338 5.99 -15.46 -30.77
N MET E 339 4.92 -14.69 -30.53
CA MET E 339 4.69 -13.53 -31.36
C MET E 339 5.61 -12.36 -30.97
N HIS E 340 5.49 -11.27 -31.72
CA HIS E 340 6.35 -10.11 -31.59
C HIS E 340 5.62 -9.04 -30.79
N SER E 341 6.14 -8.72 -29.61
CA SER E 341 5.55 -7.68 -28.78
C SER E 341 5.79 -6.31 -29.40
N PHE E 342 4.92 -5.36 -29.05
CA PHE E 342 4.93 -4.05 -29.67
C PHE E 342 4.18 -3.10 -28.74
N ASN E 343 4.55 -1.82 -28.81
CA ASN E 343 3.96 -0.83 -27.90
C ASN E 343 4.13 0.56 -28.49
N CYS E 344 3.02 1.24 -28.77
CA CYS E 344 3.06 2.64 -29.17
C CYS E 344 1.72 3.28 -28.86
N GLY E 345 1.74 4.46 -28.27
CA GLY E 345 0.53 5.18 -27.94
C GLY E 345 -0.22 4.69 -26.72
N GLY E 346 0.33 3.72 -25.99
CA GLY E 346 -0.34 3.15 -24.84
C GLY E 346 -1.07 1.85 -25.09
N GLU E 347 -0.85 1.20 -26.22
CA GLU E 347 -1.51 -0.06 -26.56
C GLU E 347 -0.47 -1.12 -26.84
N PHE E 348 -0.72 -2.33 -26.37
CA PHE E 348 0.20 -3.46 -26.49
C PHE E 348 -0.26 -4.38 -27.61
N PHE E 349 0.63 -4.67 -28.54
CA PHE E 349 0.32 -5.49 -29.70
C PHE E 349 1.02 -6.85 -29.61
N TYR E 350 0.33 -7.88 -30.11
CA TYR E 350 0.88 -9.24 -30.20
C TYR E 350 0.61 -9.72 -31.62
N CYS E 351 1.66 -9.78 -32.43
CA CYS E 351 1.51 -9.82 -33.88
C CYS E 351 2.05 -11.10 -34.50
N ASN E 352 1.24 -11.71 -35.36
CA ASN E 352 1.64 -12.64 -36.42
C ASN E 352 2.88 -12.13 -37.14
N SER E 353 3.94 -12.94 -37.14
CA SER E 353 5.20 -12.49 -37.71
C SER E 353 5.93 -13.60 -38.46
N THR E 354 5.19 -14.53 -39.07
CA THR E 354 5.84 -15.61 -39.81
C THR E 354 6.23 -15.23 -41.22
N GLN E 355 5.71 -14.11 -41.74
CA GLN E 355 5.90 -13.78 -43.14
C GLN E 355 7.26 -13.16 -43.41
N LEU E 356 7.99 -12.74 -42.36
CA LEU E 356 9.33 -12.22 -42.53
C LEU E 356 10.39 -13.30 -42.54
N PHE E 357 10.03 -14.55 -42.25
CA PHE E 357 10.98 -15.65 -42.20
C PHE E 357 10.52 -16.84 -43.03
N ASN E 358 9.65 -16.62 -44.01
CA ASN E 358 9.18 -17.68 -44.90
C ASN E 358 10.01 -17.71 -46.18
N SER E 359 11.30 -18.00 -46.02
CA SER E 359 12.23 -18.01 -47.14
C SER E 359 13.40 -18.92 -46.82
N THR E 360 14.13 -19.29 -47.87
CA THR E 360 15.32 -20.12 -47.75
C THR E 360 16.47 -19.45 -48.49
N TRP E 361 17.60 -19.32 -47.82
CA TRP E 361 18.79 -18.67 -48.39
C TRP E 361 19.82 -19.76 -48.69
N ASN E 362 20.03 -20.04 -49.99
CA ASN E 362 20.97 -21.05 -50.41
C ASN E 362 21.57 -20.66 -51.75
N ASN E 363 22.75 -21.20 -52.04
CA ASN E 363 23.43 -20.93 -53.30
C ASN E 363 23.96 -22.22 -53.92
N GLU E 372 5.60 -11.16 -54.96
CA GLU E 372 5.68 -9.98 -55.79
C GLU E 372 4.95 -8.81 -55.13
N GLY E 373 4.68 -8.95 -53.83
CA GLY E 373 4.04 -7.89 -53.08
C GLY E 373 5.02 -6.76 -52.80
N ASN E 374 4.53 -5.53 -52.85
CA ASN E 374 5.39 -4.38 -52.56
C ASN E 374 5.77 -4.35 -51.07
N THR E 375 4.80 -4.56 -50.18
CA THR E 375 5.02 -4.47 -48.75
C THR E 375 4.50 -5.74 -48.08
N ILE E 376 5.04 -6.05 -46.91
CA ILE E 376 4.65 -7.23 -46.14
C ILE E 376 3.61 -6.82 -45.11
N THR E 377 2.41 -7.40 -45.20
CA THR E 377 1.31 -7.09 -44.31
C THR E 377 1.30 -8.11 -43.18
N LEU E 378 1.65 -7.66 -41.98
CA LEU E 378 1.62 -8.52 -40.81
C LEU E 378 0.30 -8.35 -40.08
N PRO E 379 -0.54 -9.38 -40.00
CA PRO E 379 -1.72 -9.28 -39.13
C PRO E 379 -1.29 -9.24 -37.67
N CYS E 380 -2.13 -8.66 -36.83
CA CYS E 380 -1.75 -8.47 -35.44
C CYS E 380 -3.00 -8.28 -34.59
N ARG E 381 -3.04 -8.93 -33.43
CA ARG E 381 -4.14 -8.78 -32.49
C ARG E 381 -3.73 -7.88 -31.33
N ILE E 382 -4.72 -7.47 -30.54
CA ILE E 382 -4.53 -6.52 -29.46
C ILE E 382 -4.85 -7.21 -28.15
N LYS E 383 -3.95 -7.10 -27.18
CA LYS E 383 -4.11 -7.69 -25.86
C LYS E 383 -4.11 -6.57 -24.82
N GLN E 384 -5.30 -6.29 -24.27
CA GLN E 384 -5.40 -5.18 -23.30
C GLN E 384 -4.80 -5.57 -21.95
N ILE E 385 -5.06 -6.78 -21.48
CA ILE E 385 -4.55 -7.23 -20.19
C ILE E 385 -3.26 -8.00 -20.45
N ILE E 386 -2.12 -7.41 -20.06
CA ILE E 386 -0.83 -8.04 -20.25
C ILE E 386 -0.40 -8.67 -18.94
N ASN E 387 0.57 -9.59 -19.04
CA ASN E 387 1.07 -10.30 -17.88
C ASN E 387 2.59 -10.39 -17.91
N MET E 388 3.26 -9.40 -18.53
CA MET E 388 4.68 -9.55 -18.86
C MET E 388 5.56 -9.41 -17.62
N TRP E 389 5.28 -8.44 -16.76
CA TRP E 389 6.13 -8.20 -15.60
C TRP E 389 5.82 -9.13 -14.43
N GLN E 390 4.67 -9.79 -14.43
CA GLN E 390 4.29 -10.66 -13.31
C GLN E 390 5.14 -11.91 -13.27
N GLU E 391 5.41 -12.51 -14.42
CA GLU E 391 6.13 -13.78 -14.46
C GLU E 391 7.63 -13.64 -14.20
N VAL E 392 8.14 -12.41 -14.06
CA VAL E 392 9.54 -12.21 -13.70
C VAL E 392 9.64 -11.42 -12.40
N GLY E 393 8.61 -10.64 -12.08
CA GLY E 393 8.67 -9.77 -10.92
C GLY E 393 7.63 -10.05 -9.86
N GLY E 394 6.46 -10.54 -10.28
CA GLY E 394 5.39 -10.82 -9.32
C GLY E 394 4.68 -9.60 -8.80
N CYS E 395 4.84 -8.44 -9.46
CA CYS E 395 4.18 -7.22 -8.99
C CYS E 395 2.67 -7.28 -9.25
N GLY E 396 2.26 -7.84 -10.38
CA GLY E 396 0.85 -7.94 -10.70
C GLY E 396 0.57 -7.78 -12.18
N ALA E 397 -0.70 -7.91 -12.56
CA ALA E 397 -1.10 -7.77 -13.96
C ALA E 397 -1.24 -6.29 -14.30
N MET E 398 -1.68 -6.00 -15.51
CA MET E 398 -1.85 -4.62 -15.95
C MET E 398 -2.96 -4.56 -16.98
N TYR E 399 -3.97 -3.72 -16.73
CA TYR E 399 -5.04 -3.47 -17.70
C TYR E 399 -4.70 -2.19 -18.43
N ALA E 400 -4.33 -2.31 -19.70
CA ALA E 400 -4.05 -1.13 -20.50
C ALA E 400 -5.36 -0.46 -20.90
N PRO E 401 -5.57 0.80 -20.53
CA PRO E 401 -6.82 1.46 -20.91
C PRO E 401 -6.86 1.71 -22.41
N PRO E 402 -8.05 1.74 -23.01
CA PRO E 402 -8.14 2.05 -24.44
C PRO E 402 -7.78 3.49 -24.72
N ILE E 403 -7.29 3.73 -25.95
CA ILE E 403 -6.84 5.04 -26.38
C ILE E 403 -7.86 5.59 -27.37
N ARG E 404 -8.29 6.83 -27.16
CA ARG E 404 -9.29 7.44 -28.02
C ARG E 404 -8.75 7.66 -29.43
N GLY E 405 -9.62 7.50 -30.42
CA GLY E 405 -9.25 7.73 -31.80
C GLY E 405 -8.37 6.63 -32.38
N GLN E 406 -7.81 6.94 -33.54
CA GLN E 406 -6.92 6.03 -34.26
C GLN E 406 -5.49 6.47 -34.05
N ILE E 407 -4.63 5.53 -33.68
CA ILE E 407 -3.23 5.81 -33.36
C ILE E 407 -2.35 5.32 -34.50
N ARG E 408 -1.27 6.07 -34.74
CA ARG E 408 -0.29 5.72 -35.77
C ARG E 408 1.11 5.94 -35.20
N CYS E 409 1.98 4.97 -35.39
CA CYS E 409 3.33 5.02 -34.87
C CYS E 409 4.31 4.45 -35.88
N SER E 410 5.42 5.16 -36.08
CA SER E 410 6.47 4.73 -37.00
C SER E 410 7.76 4.53 -36.22
N SER E 411 8.44 3.42 -36.49
CA SER E 411 9.67 3.07 -35.79
C SER E 411 10.66 2.46 -36.77
N ASN E 412 11.93 2.44 -36.37
CA ASN E 412 13.00 1.84 -37.15
C ASN E 412 13.40 0.52 -36.51
N ILE E 413 13.44 -0.54 -37.30
CA ILE E 413 13.99 -1.82 -36.84
C ILE E 413 15.51 -1.73 -36.92
N THR E 414 16.17 -1.89 -35.78
CA THR E 414 17.62 -1.78 -35.70
C THR E 414 18.29 -3.07 -35.25
N GLY E 415 17.52 -4.09 -34.85
CA GLY E 415 18.12 -5.32 -34.40
C GLY E 415 17.10 -6.44 -34.40
N LEU E 416 17.63 -7.67 -34.44
CA LEU E 416 16.82 -8.88 -34.42
C LEU E 416 17.39 -9.83 -33.38
N LEU E 417 16.51 -10.67 -32.84
CA LEU E 417 16.89 -11.71 -31.88
C LEU E 417 16.62 -13.06 -32.53
N LEU E 418 17.68 -13.81 -32.80
CA LEU E 418 17.58 -15.11 -33.46
C LEU E 418 18.11 -16.20 -32.52
N THR E 419 17.53 -17.39 -32.65
CA THR E 419 17.93 -18.52 -31.84
C THR E 419 17.82 -19.79 -32.67
N ARG E 420 18.91 -20.54 -32.78
CA ARG E 420 18.88 -21.79 -33.53
C ARG E 420 18.10 -22.85 -32.77
N ASP E 421 17.70 -23.89 -33.50
CA ASP E 421 16.92 -24.98 -32.95
C ASP E 421 17.80 -26.21 -32.77
N GLY E 422 17.77 -26.79 -31.58
CA GLY E 422 18.54 -27.99 -31.32
C GLY E 422 17.94 -29.19 -32.02
N GLY E 423 18.82 -30.04 -32.54
CA GLY E 423 18.37 -31.24 -33.24
C GLY E 423 19.51 -31.85 -34.03
N ILE E 424 19.15 -32.77 -34.90
CA ILE E 424 20.09 -33.46 -35.78
C ILE E 424 19.68 -33.25 -37.22
N ASN E 425 20.65 -32.91 -38.07
CA ASN E 425 20.37 -32.71 -39.50
C ASN E 425 21.70 -32.93 -40.23
N GLU E 426 21.85 -34.11 -40.84
CA GLU E 426 23.10 -34.43 -41.53
C GLU E 426 23.26 -33.63 -42.82
N ASN E 427 22.17 -33.47 -43.57
CA ASN E 427 22.26 -32.84 -44.89
C ASN E 427 22.44 -31.32 -44.78
N GLY E 428 21.73 -30.67 -43.85
CA GLY E 428 21.71 -29.23 -43.79
C GLY E 428 21.97 -28.71 -42.38
N THR E 429 22.25 -27.41 -42.31
CA THR E 429 22.43 -26.72 -41.05
C THR E 429 21.07 -26.52 -40.38
N GLU E 430 21.07 -26.52 -39.04
CA GLU E 430 19.84 -26.37 -38.27
C GLU E 430 19.19 -25.01 -38.54
N ILE E 431 17.86 -24.98 -38.40
CA ILE E 431 17.05 -23.81 -38.74
C ILE E 431 17.28 -22.70 -37.73
N PHE E 432 16.82 -21.50 -38.08
CA PHE E 432 16.91 -20.32 -37.20
C PHE E 432 15.51 -19.89 -36.80
N ARG E 433 15.28 -19.78 -35.49
CA ARG E 433 14.01 -19.33 -34.97
C ARG E 433 14.17 -17.97 -34.30
N PRO E 434 13.20 -17.07 -34.45
CA PRO E 434 13.33 -15.72 -33.87
C PRO E 434 12.83 -15.59 -32.45
N GLY E 435 12.33 -16.66 -31.83
CA GLY E 435 11.76 -16.58 -30.51
C GLY E 435 12.80 -16.61 -29.40
N GLY E 436 13.49 -15.49 -29.19
CA GLY E 436 14.46 -15.42 -28.10
C GLY E 436 13.80 -15.55 -26.73
N GLY E 437 12.71 -14.80 -26.53
CA GLY E 437 11.92 -14.92 -25.31
C GLY E 437 12.65 -14.53 -24.04
N ASP E 438 13.45 -13.47 -24.10
CA ASP E 438 14.20 -13.01 -22.93
C ASP E 438 14.11 -11.50 -22.82
N MET E 439 14.29 -11.00 -21.61
CA MET E 439 14.23 -9.57 -21.32
C MET E 439 15.60 -8.91 -21.26
N ARG E 440 16.59 -9.59 -20.69
CA ARG E 440 17.91 -9.00 -20.52
C ARG E 440 18.62 -8.79 -21.86
N ASP E 441 18.29 -9.61 -22.86
CA ASP E 441 18.92 -9.47 -24.17
C ASP E 441 18.51 -8.21 -24.90
N ASN E 442 17.37 -7.61 -24.54
CA ASN E 442 16.90 -6.40 -25.21
C ASN E 442 17.76 -5.18 -24.87
N TRP E 443 18.49 -5.20 -23.76
CA TRP E 443 19.29 -4.07 -23.36
C TRP E 443 20.78 -4.29 -23.58
N ARG E 444 21.22 -5.52 -23.87
CA ARG E 444 22.61 -5.78 -24.16
C ARG E 444 23.00 -5.40 -25.58
N SER E 445 22.02 -5.08 -26.45
CA SER E 445 22.33 -4.68 -27.80
C SER E 445 22.76 -3.22 -27.90
N GLU E 446 22.52 -2.43 -26.87
CA GLU E 446 22.95 -1.03 -26.83
C GLU E 446 24.00 -0.76 -25.77
N LEU E 447 23.99 -1.50 -24.65
CA LEU E 447 25.03 -1.41 -23.63
C LEU E 447 26.16 -2.39 -23.90
N TYR E 448 26.38 -2.77 -25.16
CA TYR E 448 27.38 -3.77 -25.52
C TYR E 448 28.81 -3.25 -25.40
N LYS E 449 29.00 -1.95 -25.25
CA LYS E 449 30.32 -1.34 -25.29
C LYS E 449 30.50 -0.38 -24.12
N TYR E 450 30.14 -0.80 -22.92
CA TYR E 450 30.26 0.06 -21.75
C TYR E 450 30.68 -0.77 -20.53
N LYS E 451 31.51 -0.17 -19.68
CA LYS E 451 32.12 -0.86 -18.55
C LYS E 451 32.42 0.15 -17.47
N VAL E 452 32.03 -0.16 -16.24
CA VAL E 452 32.18 0.75 -15.11
C VAL E 452 33.36 0.30 -14.25
N VAL E 453 34.19 1.26 -13.84
CA VAL E 453 35.38 1.01 -13.03
C VAL E 453 35.38 1.99 -11.86
N LYS E 454 36.22 1.69 -10.87
CA LYS E 454 36.41 2.56 -9.72
C LYS E 454 37.83 3.09 -9.71
N ILE E 455 37.98 4.39 -9.50
CA ILE E 455 39.27 5.04 -9.57
C ILE E 455 39.79 5.25 -8.15
N GLU E 456 40.80 4.48 -7.76
CA GLU E 456 41.52 4.75 -6.53
C GLU E 456 42.79 5.50 -6.87
N PRO E 457 42.91 6.77 -6.47
CA PRO E 457 44.06 7.58 -6.91
C PRO E 457 45.37 7.27 -6.18
N LEU E 458 45.37 6.31 -5.25
CA LEU E 458 46.57 6.01 -4.49
C LEU E 458 47.57 5.23 -5.35
N GLY E 459 48.80 5.16 -4.84
CA GLY E 459 49.89 4.49 -5.52
C GLY E 459 51.23 4.87 -4.94
N VAL E 460 52.18 3.93 -4.94
CA VAL E 460 53.50 4.16 -4.38
C VAL E 460 54.56 3.83 -5.42
N ALA E 461 55.69 4.51 -5.33
CA ALA E 461 56.78 4.32 -6.28
C ALA E 461 58.07 4.81 -5.64
N PRO E 462 59.20 4.16 -5.91
CA PRO E 462 60.47 4.60 -5.33
C PRO E 462 61.10 5.74 -6.12
N THR E 463 61.91 6.51 -5.40
CA THR E 463 62.67 7.63 -5.97
C THR E 463 63.80 7.96 -4.99
N LYS E 464 64.45 9.09 -5.20
CA LYS E 464 65.52 9.57 -4.33
C LYS E 464 65.01 10.78 -3.55
N ALA E 465 64.43 10.52 -2.39
CA ALA E 465 63.97 11.57 -1.50
C ALA E 465 63.96 11.03 -0.08
N LYS E 466 64.35 11.86 0.88
CA LYS E 466 64.62 11.38 2.23
C LYS E 466 63.70 11.96 3.30
N ARG E 467 62.85 12.93 2.97
CA ARG E 467 61.98 13.61 3.94
C ARG E 467 62.81 14.25 5.06
N ARG E 468 63.54 15.29 4.64
CA ARG E 468 64.58 15.94 5.45
C ARG E 468 64.17 16.24 6.88
N VAL E 469 62.96 16.76 7.06
CA VAL E 469 62.39 17.08 8.38
C VAL E 469 63.28 18.04 9.18
N PHE F 8 45.97 20.27 -21.81
CA PHE F 8 44.71 19.81 -21.24
C PHE F 8 44.30 18.46 -21.83
N LEU F 9 44.82 17.38 -21.24
CA LEU F 9 44.50 16.04 -21.70
C LEU F 9 43.14 15.56 -21.21
N GLY F 10 42.49 16.30 -20.31
CA GLY F 10 41.19 15.92 -19.80
C GLY F 10 41.27 14.90 -18.68
N PHE F 11 40.10 14.57 -18.13
CA PHE F 11 40.01 13.55 -17.11
C PHE F 11 40.39 12.19 -17.67
N LEU F 12 41.26 11.48 -16.96
CA LEU F 12 41.86 10.22 -17.42
C LEU F 12 42.52 10.41 -18.79
N GLY F 13 43.56 11.22 -18.79
CA GLY F 13 44.25 11.58 -20.01
C GLY F 13 45.41 10.64 -20.25
N ALA F 14 46.63 11.07 -19.95
CA ALA F 14 47.80 10.20 -20.09
C ALA F 14 47.75 9.15 -18.98
N ALA F 15 46.91 8.14 -19.19
CA ALA F 15 46.73 7.05 -18.24
C ALA F 15 47.44 5.78 -18.67
N GLY F 16 47.45 5.46 -19.95
CA GLY F 16 48.26 4.39 -20.49
C GLY F 16 49.59 4.86 -21.04
N SER F 17 49.98 6.11 -20.75
CA SER F 17 51.17 6.71 -21.31
C SER F 17 52.37 6.47 -20.39
N THR F 18 53.44 7.21 -20.65
CA THR F 18 54.71 7.06 -19.93
C THR F 18 54.53 7.41 -18.45
N MET F 19 55.33 6.75 -17.61
CA MET F 19 55.35 7.05 -16.18
C MET F 19 55.75 8.50 -15.92
N GLY F 20 56.76 8.98 -16.64
CA GLY F 20 57.22 10.34 -16.44
C GLY F 20 56.18 11.37 -16.85
N ALA F 21 55.47 11.13 -17.95
CA ALA F 21 54.40 12.03 -18.35
C ALA F 21 53.24 11.98 -17.37
N ALA F 22 52.94 10.80 -16.83
CA ALA F 22 51.89 10.65 -15.83
C ALA F 22 52.28 11.25 -14.48
N SER F 23 53.55 11.58 -14.27
CA SER F 23 53.99 12.24 -13.04
C SER F 23 53.77 13.75 -13.08
N MET F 24 53.26 14.28 -14.19
CA MET F 24 53.00 15.71 -14.33
C MET F 24 51.53 16.07 -14.18
N THR F 25 50.61 15.13 -14.41
CA THR F 25 49.19 15.41 -14.41
C THR F 25 48.45 14.62 -13.34
N LEU F 26 49.00 14.57 -12.13
CA LEU F 26 48.30 13.93 -11.02
C LEU F 26 47.01 14.67 -10.67
N THR F 27 47.05 16.00 -10.72
CA THR F 27 45.97 16.83 -10.21
C THR F 27 44.79 16.94 -11.16
N VAL F 28 44.95 16.57 -12.43
CA VAL F 28 43.80 16.61 -13.34
C VAL F 28 42.81 15.48 -13.02
N GLN F 29 43.24 14.45 -12.32
CA GLN F 29 42.36 13.40 -11.83
C GLN F 29 41.86 13.66 -10.41
N ALA F 30 42.18 14.82 -9.83
CA ALA F 30 41.80 15.14 -8.46
C ALA F 30 40.67 16.15 -8.36
N ARG F 31 40.62 17.14 -9.25
CA ARG F 31 39.55 18.14 -9.17
C ARG F 31 38.21 17.58 -9.65
N LEU F 32 38.23 16.71 -10.65
CA LEU F 32 37.02 16.03 -11.11
C LEU F 32 36.99 14.63 -10.52
N LEU F 33 36.81 14.57 -9.20
CA LEU F 33 36.83 13.30 -8.49
C LEU F 33 35.58 13.15 -7.65
N LEU F 34 35.05 14.26 -7.13
CA LEU F 34 33.90 14.19 -6.25
C LEU F 34 32.81 15.17 -6.71
N SER F 35 33.20 16.22 -7.42
CA SER F 35 32.26 17.20 -7.95
C SER F 35 31.93 16.83 -9.39
N GLY F 36 30.73 16.30 -9.60
CA GLY F 36 30.30 15.92 -10.93
C GLY F 36 29.19 16.81 -11.46
N ILE F 37 27.96 16.30 -11.45
CA ILE F 37 26.82 17.11 -11.88
C ILE F 37 26.23 17.89 -10.70
N VAL F 38 26.10 17.25 -9.55
CA VAL F 38 25.56 17.92 -8.37
C VAL F 38 26.39 17.54 -7.14
N THR F 58 9.86 7.90 -6.14
CA THR F 58 11.20 8.34 -5.76
C THR F 58 12.22 7.23 -5.98
N VAL F 59 11.96 6.38 -6.96
CA VAL F 59 12.88 5.28 -7.25
C VAL F 59 14.20 5.79 -7.80
N TRP F 60 14.16 6.86 -8.60
CA TRP F 60 15.40 7.51 -9.01
C TRP F 60 15.97 8.38 -7.90
N GLY F 61 15.12 8.89 -7.02
CA GLY F 61 15.60 9.71 -5.92
C GLY F 61 16.46 8.95 -4.93
N ILE F 62 16.03 7.74 -4.56
CA ILE F 62 16.84 6.93 -3.66
C ILE F 62 18.11 6.46 -4.34
N LYS F 63 18.05 6.16 -5.64
CA LYS F 63 19.27 5.83 -6.37
C LYS F 63 20.18 7.04 -6.52
N GLN F 64 19.60 8.24 -6.60
CA GLN F 64 20.40 9.46 -6.61
C GLN F 64 21.12 9.67 -5.28
N LEU F 65 20.41 9.49 -4.17
CA LEU F 65 20.98 9.77 -2.85
C LEU F 65 21.95 8.69 -2.41
N GLN F 66 21.63 7.42 -2.63
CA GLN F 66 22.49 6.34 -2.16
C GLN F 66 23.75 6.19 -3.00
N ALA F 67 23.83 6.85 -4.14
CA ALA F 67 25.06 6.85 -4.94
C ALA F 67 25.86 8.14 -4.80
N ARG F 68 25.21 9.26 -4.47
CA ARG F 68 25.95 10.48 -4.18
C ARG F 68 26.76 10.34 -2.91
N VAL F 69 26.17 9.78 -1.86
CA VAL F 69 26.88 9.57 -0.61
C VAL F 69 27.91 8.44 -0.75
N LEU F 70 27.76 7.58 -1.75
CA LEU F 70 28.74 6.54 -2.00
C LEU F 70 30.07 7.11 -2.49
N ALA F 71 30.04 8.28 -3.11
CA ALA F 71 31.27 8.95 -3.53
C ALA F 71 31.91 9.75 -2.41
N VAL F 72 31.11 10.28 -1.48
CA VAL F 72 31.64 11.07 -0.39
C VAL F 72 32.44 10.20 0.57
N GLU F 73 31.85 9.07 0.98
CA GLU F 73 32.52 8.20 1.95
C GLU F 73 33.65 7.39 1.32
N ARG F 74 33.61 7.15 0.01
CA ARG F 74 34.72 6.48 -0.65
C ARG F 74 35.93 7.41 -0.76
N TYR F 75 35.68 8.68 -1.02
CA TYR F 75 36.78 9.65 -1.04
C TYR F 75 37.40 9.81 0.35
N LEU F 76 36.57 9.88 1.39
CA LEU F 76 37.08 9.99 2.74
C LEU F 76 37.68 8.68 3.23
N GLY F 77 37.37 7.56 2.56
CA GLY F 77 37.99 6.30 2.93
C GLY F 77 39.49 6.26 2.67
N ASP F 78 39.93 6.92 1.60
CA ASP F 78 41.34 7.05 1.29
C ASP F 78 41.83 8.49 1.38
N GLN F 79 41.08 9.37 2.04
CA GLN F 79 41.58 10.68 2.41
C GLN F 79 42.29 10.65 3.76
N GLN F 80 41.85 9.78 4.67
CA GLN F 80 42.63 9.53 5.87
C GLN F 80 44.00 8.96 5.52
N LEU F 81 44.05 8.08 4.51
CA LEU F 81 45.29 7.40 4.16
C LEU F 81 46.35 8.40 3.70
N LEU F 82 45.96 9.43 2.96
CA LEU F 82 46.87 10.55 2.74
C LEU F 82 47.18 11.28 4.04
N GLY F 83 46.16 11.47 4.88
CA GLY F 83 46.29 12.30 6.06
C GLY F 83 46.97 11.68 7.26
N ILE F 84 47.36 10.41 7.19
CA ILE F 84 48.09 9.77 8.28
C ILE F 84 49.58 9.64 7.97
N TRP F 85 49.93 9.07 6.81
CA TRP F 85 51.30 8.66 6.58
C TRP F 85 52.31 9.80 6.55
N GLY F 86 52.31 10.59 5.49
CA GLY F 86 53.19 11.75 5.43
C GLY F 86 52.50 13.03 5.03
N CYS F 87 51.42 12.90 4.26
CA CYS F 87 50.77 14.05 3.65
C CYS F 87 49.80 14.70 4.63
N SER F 88 49.64 16.02 4.50
CA SER F 88 48.57 16.73 5.18
C SER F 88 47.41 17.03 4.23
N GLY F 89 47.68 17.76 3.16
CA GLY F 89 46.73 17.96 2.08
C GLY F 89 47.43 18.03 0.75
N LYS F 90 48.74 17.78 0.75
CA LYS F 90 49.55 17.89 -0.45
C LYS F 90 49.46 16.61 -1.27
N LEU F 91 50.10 16.65 -2.44
CA LEU F 91 49.98 15.57 -3.41
C LEU F 91 51.15 14.58 -3.34
N ILE F 92 52.38 15.07 -3.40
CA ILE F 92 53.56 14.22 -3.50
C ILE F 92 54.37 14.45 -2.22
N CYS F 93 54.15 13.62 -1.22
CA CYS F 93 54.87 13.71 0.05
C CYS F 93 55.72 12.47 0.26
N THR F 94 56.91 12.68 0.81
CA THR F 94 57.94 11.67 0.93
C THR F 94 57.76 10.89 2.24
N THR F 95 58.14 9.61 2.23
CA THR F 95 58.06 8.76 3.40
C THR F 95 59.43 8.13 3.61
N ALA F 96 59.76 7.83 4.87
CA ALA F 96 61.07 7.30 5.24
C ALA F 96 61.13 5.78 5.25
N VAL F 97 60.16 5.09 4.66
CA VAL F 97 60.24 3.63 4.55
C VAL F 97 61.38 3.27 3.60
N PRO F 98 62.29 2.38 3.98
CA PRO F 98 63.52 2.18 3.19
C PRO F 98 63.41 1.18 2.04
N TRP F 99 62.20 0.79 1.62
CA TRP F 99 61.99 -0.03 0.43
C TRP F 99 62.69 -1.38 0.52
N ASN F 100 62.19 -2.25 1.40
CA ASN F 100 62.73 -3.61 1.52
C ASN F 100 62.65 -4.35 0.19
N ALA F 101 63.65 -5.18 -0.08
CA ALA F 101 63.83 -5.80 -1.38
C ALA F 101 63.03 -7.09 -1.55
N SER F 102 62.02 -7.35 -0.71
CA SER F 102 61.22 -8.56 -0.86
C SER F 102 60.36 -8.50 -2.12
N TRP F 103 59.75 -7.35 -2.37
CA TRP F 103 58.88 -7.16 -3.53
C TRP F 103 59.72 -6.79 -4.75
N SER F 104 59.06 -6.31 -5.82
CA SER F 104 59.71 -6.10 -7.11
C SER F 104 60.88 -5.12 -7.00
N ASN F 105 61.97 -5.43 -7.69
CA ASN F 105 63.22 -4.71 -7.57
C ASN F 105 63.68 -4.13 -8.91
N LYS F 106 62.74 -3.65 -9.71
CA LYS F 106 63.10 -3.00 -10.97
C LYS F 106 63.74 -1.65 -10.70
N SER F 107 64.70 -1.27 -11.53
CA SER F 107 65.51 -0.08 -11.30
C SER F 107 64.74 1.18 -11.68
N LEU F 108 65.40 2.33 -11.49
CA LEU F 108 64.78 3.62 -11.79
C LEU F 108 64.54 3.80 -13.29
N ASP F 109 65.48 3.35 -14.12
CA ASP F 109 65.36 3.53 -15.56
C ASP F 109 64.37 2.57 -16.20
N ARG F 110 63.80 1.64 -15.44
CA ARG F 110 62.83 0.69 -15.96
C ARG F 110 61.39 1.12 -15.66
N ILE F 111 61.08 1.41 -14.39
CA ILE F 111 59.70 1.71 -14.01
C ILE F 111 59.27 3.08 -14.52
N TRP F 112 60.20 4.02 -14.64
CA TRP F 112 59.87 5.38 -15.06
C TRP F 112 59.96 5.58 -16.56
N ASN F 113 60.11 4.51 -17.34
CA ASN F 113 60.35 4.64 -18.77
C ASN F 113 59.27 4.02 -19.64
N ASN F 114 58.95 2.74 -19.44
CA ASN F 114 58.16 2.04 -20.46
C ASN F 114 57.06 1.18 -19.84
N MET F 115 56.46 1.63 -18.73
CA MET F 115 55.22 1.02 -18.26
C MET F 115 54.30 2.13 -17.74
N THR F 116 53.01 1.81 -17.72
CA THR F 116 51.99 2.72 -17.23
C THR F 116 51.63 2.40 -15.79
N TRP F 117 50.77 3.26 -15.21
CA TRP F 117 50.38 3.09 -13.81
C TRP F 117 49.52 1.84 -13.62
N MET F 118 48.67 1.51 -14.59
CA MET F 118 47.88 0.29 -14.50
C MET F 118 48.77 -0.95 -14.57
N GLU F 119 49.84 -0.90 -15.37
CA GLU F 119 50.78 -2.01 -15.43
C GLU F 119 51.53 -2.19 -14.13
N TRP F 120 51.91 -1.08 -13.49
CA TRP F 120 52.67 -1.15 -12.24
C TRP F 120 51.82 -1.68 -11.09
N GLU F 121 50.52 -1.38 -11.10
CA GLU F 121 49.64 -1.83 -10.02
C GLU F 121 49.44 -3.34 -10.02
N ARG F 122 49.65 -4.00 -11.15
CA ARG F 122 49.47 -5.45 -11.22
C ARG F 122 50.59 -6.23 -10.55
N GLU F 123 51.77 -5.63 -10.37
CA GLU F 123 52.91 -6.30 -9.79
C GLU F 123 53.08 -6.02 -8.30
N ILE F 124 52.20 -5.20 -7.70
CA ILE F 124 52.37 -4.77 -6.31
C ILE F 124 51.07 -4.89 -5.52
N ASP F 125 50.01 -5.42 -6.14
CA ASP F 125 48.66 -5.32 -5.55
C ASP F 125 48.54 -6.10 -4.24
N ASN F 126 49.11 -7.30 -4.17
CA ASN F 126 48.97 -8.08 -2.95
C ASN F 126 49.83 -7.55 -1.81
N TYR F 127 50.90 -6.82 -2.11
CA TYR F 127 51.78 -6.34 -1.05
C TYR F 127 51.22 -5.11 -0.32
N THR F 128 50.21 -4.44 -0.88
CA THR F 128 49.74 -3.18 -0.34
C THR F 128 49.16 -3.31 1.06
N SER F 129 48.73 -4.52 1.46
CA SER F 129 48.34 -4.73 2.86
C SER F 129 49.53 -4.56 3.79
N GLU F 130 50.69 -5.11 3.40
CA GLU F 130 51.91 -4.94 4.17
C GLU F 130 52.55 -3.58 3.94
N ILE F 131 52.40 -3.00 2.75
CA ILE F 131 53.01 -1.72 2.45
C ILE F 131 52.33 -0.60 3.23
N TYR F 132 51.00 -0.61 3.25
CA TYR F 132 50.26 0.50 3.87
C TYR F 132 50.45 0.53 5.38
N THR F 133 50.48 -0.63 6.03
CA THR F 133 50.71 -0.66 7.47
C THR F 133 52.14 -0.34 7.84
N LEU F 134 53.06 -0.31 6.88
CA LEU F 134 54.44 0.09 7.12
C LEU F 134 54.69 1.55 6.80
N ILE F 135 53.98 2.12 5.82
CA ILE F 135 54.11 3.55 5.53
C ILE F 135 53.54 4.37 6.68
N GLU F 136 52.42 3.93 7.26
CA GLU F 136 51.89 4.61 8.43
C GLU F 136 52.79 4.41 9.64
N GLU F 137 53.55 3.32 9.67
CA GLU F 137 54.61 3.17 10.65
C GLU F 137 55.75 4.12 10.31
N SER F 138 56.59 4.39 11.31
CA SER F 138 57.69 5.37 11.23
C SER F 138 57.17 6.79 10.98
N GLN F 139 55.91 7.04 11.35
CA GLN F 139 55.39 8.38 11.49
C GLN F 139 55.20 8.75 12.97
N ASN F 140 54.65 7.84 13.78
CA ASN F 140 54.68 8.03 15.21
C ASN F 140 56.11 8.06 15.74
N GLN F 141 56.99 7.27 15.11
CA GLN F 141 58.41 7.35 15.43
C GLN F 141 59.02 8.70 15.06
N GLN F 142 58.41 9.42 14.13
CA GLN F 142 58.86 10.75 13.73
C GLN F 142 58.23 11.85 14.57
N GLU F 143 56.95 11.68 14.94
CA GLU F 143 56.25 12.70 15.73
C GLU F 143 56.86 12.87 17.11
N LYS F 144 57.42 11.80 17.67
CA LYS F 144 58.14 11.92 18.93
C LYS F 144 59.38 12.79 18.79
N ASN F 145 60.11 12.62 17.67
CA ASN F 145 61.37 13.32 17.48
C ASN F 145 61.19 14.83 17.44
N GLU F 146 60.12 15.29 16.79
CA GLU F 146 59.80 16.71 16.79
C GLU F 146 59.22 17.15 18.14
N GLN F 147 58.51 16.26 18.82
CA GLN F 147 57.89 16.60 20.10
C GLN F 147 58.92 16.70 21.22
N GLU F 148 59.88 15.78 21.28
CA GLU F 148 60.86 15.82 22.37
C GLU F 148 61.89 16.93 22.17
N LEU F 149 62.11 17.34 20.92
CA LEU F 149 63.08 18.41 20.65
C LEU F 149 62.63 19.74 21.21
N LEU F 150 61.32 19.97 21.28
CA LEU F 150 60.78 21.21 21.84
C LEU F 150 60.74 21.15 23.37
N GLN G 1 -60.73 46.17 38.65
CA GLN G 1 -60.25 44.85 38.29
C GLN G 1 -61.06 44.28 37.12
N VAL G 2 -60.45 43.35 36.39
CA VAL G 2 -61.10 42.74 35.23
C VAL G 2 -61.94 41.57 35.70
N HIS G 3 -63.24 41.59 35.38
CA HIS G 3 -64.17 40.53 35.72
C HIS G 3 -64.77 39.96 34.46
N LEU G 4 -64.83 38.63 34.37
CA LEU G 4 -65.32 37.95 33.19
C LEU G 4 -66.48 37.03 33.57
N GLN G 5 -67.52 37.04 32.75
CA GLN G 5 -68.70 36.21 32.94
C GLN G 5 -69.06 35.52 31.64
N GLU G 6 -69.39 34.24 31.72
CA GLU G 6 -69.71 33.43 30.55
C GLU G 6 -71.17 33.01 30.57
N SER G 7 -71.79 32.99 29.38
CA SER G 7 -73.16 32.56 29.22
C SER G 7 -73.26 31.62 28.04
N GLY G 8 -74.23 30.70 28.11
CA GLY G 8 -74.43 29.72 27.07
C GLY G 8 -75.75 29.00 27.19
N PRO G 9 -76.03 28.10 26.24
CA PRO G 9 -77.31 27.37 26.28
C PRO G 9 -77.35 26.24 27.30
N GLY G 10 -76.19 25.75 27.75
CA GLY G 10 -76.16 24.68 28.73
C GLY G 10 -76.25 23.29 28.12
N LEU G 11 -77.37 22.98 27.47
CA LEU G 11 -77.60 21.69 26.84
C LEU G 11 -77.60 21.87 25.33
N VAL G 12 -76.74 21.11 24.65
CA VAL G 12 -76.57 21.21 23.20
C VAL G 12 -76.77 19.83 22.59
N LYS G 13 -77.61 19.75 21.56
CA LYS G 13 -77.81 18.51 20.84
C LYS G 13 -76.57 18.15 20.03
N PRO G 14 -76.37 16.87 19.73
CA PRO G 14 -75.23 16.48 18.90
C PRO G 14 -75.35 17.04 17.48
N SER G 15 -74.20 17.23 16.84
CA SER G 15 -74.05 17.78 15.50
C SER G 15 -74.64 19.19 15.37
N GLU G 16 -74.62 19.96 16.45
CA GLU G 16 -75.10 21.33 16.46
C GLU G 16 -73.92 22.29 16.60
N THR G 17 -74.19 23.57 16.35
CA THR G 17 -73.20 24.62 16.48
C THR G 17 -73.31 25.24 17.87
N LEU G 18 -72.24 25.15 18.65
CA LEU G 18 -72.22 25.66 20.02
C LEU G 18 -71.58 27.04 20.05
N SER G 19 -72.26 28.00 20.66
CA SER G 19 -71.79 29.37 20.75
C SER G 19 -71.71 29.80 22.21
N LEU G 20 -70.66 30.55 22.54
CA LEU G 20 -70.46 31.07 23.88
C LEU G 20 -70.35 32.59 23.83
N THR G 21 -70.67 33.23 24.95
CA THR G 21 -70.53 34.67 25.10
C THR G 21 -69.75 34.96 26.37
N CYS G 22 -68.67 35.73 26.23
CA CYS G 22 -67.77 36.05 27.35
C CYS G 22 -67.84 37.55 27.60
N ASN G 23 -68.53 37.94 28.67
CA ASN G 23 -68.64 39.35 29.03
C ASN G 23 -67.30 39.85 29.57
N VAL G 24 -66.86 41.00 29.08
CA VAL G 24 -65.59 41.61 29.47
C VAL G 24 -65.88 42.97 30.09
N SER G 25 -65.38 43.19 31.30
CA SER G 25 -65.56 44.45 32.00
C SER G 25 -64.23 44.92 32.58
N GLY G 26 -64.05 46.23 32.61
CA GLY G 26 -62.87 46.83 33.19
C GLY G 26 -61.69 46.98 32.26
N THR G 27 -61.77 46.48 31.03
CA THR G 27 -60.66 46.56 30.09
C THR G 27 -61.22 46.47 28.67
N LEU G 28 -60.37 46.80 27.70
CA LEU G 28 -60.72 46.74 26.29
C LEU G 28 -60.23 45.42 25.70
N VAL G 29 -61.08 44.82 24.86
CA VAL G 29 -60.74 43.52 24.27
C VAL G 29 -59.65 43.63 23.22
N ARG G 30 -59.42 44.84 22.68
CA ARG G 30 -58.44 45.00 21.62
C ARG G 30 -57.01 44.95 22.14
N ASP G 31 -56.79 45.35 23.39
CA ASP G 31 -55.44 45.52 23.93
C ASP G 31 -54.91 44.28 24.63
N ASN G 32 -55.66 43.18 24.65
CA ASN G 32 -55.23 41.98 25.35
C ASN G 32 -55.50 40.76 24.48
N TYR G 33 -54.72 39.71 24.71
CA TYR G 33 -54.94 38.42 24.07
C TYR G 33 -56.01 37.64 24.81
N TRP G 34 -56.80 36.87 24.07
CA TRP G 34 -57.91 36.11 24.63
C TRP G 34 -57.79 34.66 24.19
N SER G 35 -58.10 33.74 25.11
CA SER G 35 -58.03 32.32 24.83
C SER G 35 -59.15 31.60 25.58
N TRP G 36 -59.49 30.40 25.10
CA TRP G 36 -60.54 29.59 25.68
C TRP G 36 -59.98 28.23 26.06
N ILE G 37 -60.35 27.75 27.25
CA ILE G 37 -59.84 26.50 27.80
C ILE G 37 -61.02 25.60 28.13
N ARG G 38 -60.98 24.38 27.62
CA ARG G 38 -62.02 23.38 27.83
C ARG G 38 -61.47 22.30 28.76
N GLN G 39 -62.13 22.09 29.89
CA GLN G 39 -61.64 21.19 30.92
C GLN G 39 -62.61 20.03 31.15
N PRO G 40 -62.25 18.80 30.78
CA PRO G 40 -63.11 17.65 31.07
C PRO G 40 -63.17 17.35 32.56
N LEU G 41 -64.26 16.71 32.96
CA LEU G 41 -64.45 16.33 34.35
C LEU G 41 -63.47 15.22 34.73
N GLY G 42 -62.72 15.44 35.80
CA GLY G 42 -61.75 14.47 36.25
C GLY G 42 -60.50 14.38 35.41
N LYS G 43 -60.27 15.32 34.50
CA LYS G 43 -59.12 15.31 33.61
C LYS G 43 -58.44 16.66 33.65
N GLN G 44 -57.25 16.72 33.06
CA GLN G 44 -56.50 17.96 32.99
C GLN G 44 -57.18 18.93 32.00
N PRO G 45 -57.00 20.24 32.21
CA PRO G 45 -57.56 21.20 31.25
C PRO G 45 -56.91 21.08 29.88
N GLU G 46 -57.70 21.36 28.85
CA GLU G 46 -57.25 21.32 27.46
C GLU G 46 -57.33 22.70 26.86
N TRP G 47 -56.26 23.11 26.18
CA TRP G 47 -56.15 24.44 25.59
C TRP G 47 -56.59 24.38 24.13
N ILE G 48 -57.33 25.41 23.71
CA ILE G 48 -57.87 25.46 22.35
C ILE G 48 -56.98 26.35 21.49
N GLY G 49 -56.87 27.63 21.86
CA GLY G 49 -56.07 28.57 21.10
C GLY G 49 -56.26 30.01 21.56
N TYR G 50 -55.36 30.89 21.12
CA TYR G 50 -55.40 32.30 21.51
C TYR G 50 -55.69 33.15 20.28
N VAL G 51 -56.50 34.19 20.46
CA VAL G 51 -56.97 35.03 19.37
C VAL G 51 -56.68 36.48 19.69
N HIS G 52 -56.43 37.26 18.63
CA HIS G 52 -56.23 38.70 18.76
C HIS G 52 -56.73 39.39 17.49
N ASP G 53 -57.07 40.67 17.62
CA ASP G 53 -57.64 41.41 16.51
C ASP G 53 -56.63 41.69 15.41
N SER G 54 -55.33 41.74 15.76
CA SER G 54 -54.30 42.05 14.78
C SER G 54 -54.03 40.91 13.81
N GLY G 55 -54.58 39.72 14.06
CA GLY G 55 -54.38 38.59 13.19
C GLY G 55 -53.39 37.55 13.69
N ASP G 56 -52.68 37.83 14.78
CA ASP G 56 -51.76 36.87 15.38
C ASP G 56 -52.56 35.83 16.16
N THR G 57 -53.11 34.88 15.43
CA THR G 57 -54.02 33.88 16.01
C THR G 57 -53.63 32.50 15.49
N ASN G 58 -53.47 31.55 16.41
CA ASN G 58 -53.19 30.17 16.06
C ASN G 58 -54.17 29.26 16.78
N TYR G 59 -54.42 28.09 16.20
CA TYR G 59 -55.40 27.14 16.70
C TYR G 59 -54.74 25.79 16.94
N ASN G 60 -55.43 24.96 17.72
CA ASN G 60 -55.01 23.58 17.91
C ASN G 60 -55.17 22.82 16.60
N PRO G 61 -54.12 22.15 16.11
CA PRO G 61 -54.26 21.36 14.87
C PRO G 61 -55.29 20.24 14.98
N SER G 62 -55.53 19.71 16.17
CA SER G 62 -56.54 18.67 16.33
C SER G 62 -57.95 19.21 16.14
N LEU G 63 -58.18 20.49 16.45
CA LEU G 63 -59.50 21.10 16.35
C LEU G 63 -59.49 22.33 15.43
N LYS G 64 -58.55 22.39 14.48
CA LYS G 64 -58.43 23.55 13.62
C LYS G 64 -59.63 23.71 12.70
N SER G 65 -60.11 22.60 12.13
CA SER G 65 -61.14 22.65 11.11
C SER G 65 -62.55 22.79 11.66
N ARG G 66 -62.72 22.83 12.99
CA ARG G 66 -64.05 22.86 13.59
C ARG G 66 -64.30 24.06 14.49
N VAL G 67 -63.31 24.89 14.77
CA VAL G 67 -63.47 26.00 15.71
C VAL G 67 -63.39 27.32 14.93
N HIS G 68 -64.14 28.31 15.43
CA HIS G 68 -64.12 29.67 14.90
C HIS G 68 -64.17 30.65 16.05
N LEU G 69 -63.36 31.70 15.96
CA LEU G 69 -63.31 32.74 16.98
C LEU G 69 -63.62 34.09 16.36
N SER G 70 -64.27 34.95 17.14
CA SER G 70 -64.63 36.28 16.69
C SER G 70 -64.62 37.23 17.88
N LEU G 71 -64.50 38.51 17.59
CA LEU G 71 -64.49 39.56 18.60
C LEU G 71 -65.55 40.60 18.28
N ASP G 72 -66.26 41.06 19.31
CA ASP G 72 -67.29 42.07 19.18
C ASP G 72 -66.78 43.34 19.85
N LYS G 73 -66.27 44.28 19.03
CA LYS G 73 -65.73 45.52 19.56
C LYS G 73 -66.84 46.43 20.09
N SER G 74 -68.01 46.39 19.47
CA SER G 74 -69.11 47.26 19.89
C SER G 74 -69.65 46.86 21.26
N LYS G 75 -69.76 45.56 21.52
CA LYS G 75 -70.34 45.07 22.77
C LYS G 75 -69.30 44.60 23.77
N ASN G 76 -68.02 44.59 23.40
CA ASN G 76 -66.90 44.21 24.26
C ASN G 76 -67.09 42.79 24.83
N LEU G 77 -67.22 41.83 23.92
CA LEU G 77 -67.39 40.44 24.29
C LEU G 77 -66.63 39.56 23.31
N VAL G 78 -66.31 38.34 23.77
CA VAL G 78 -65.58 37.36 22.99
C VAL G 78 -66.47 36.15 22.79
N SER G 79 -66.58 35.69 21.55
CA SER G 79 -67.44 34.56 21.20
C SER G 79 -66.63 33.46 20.53
N LEU G 80 -67.09 32.22 20.72
CA LEU G 80 -66.48 31.05 20.11
C LEU G 80 -67.56 30.22 19.45
N ARG G 81 -67.23 29.61 18.32
CA ARG G 81 -68.13 28.73 17.59
C ARG G 81 -67.46 27.39 17.34
N LEU G 82 -68.21 26.32 17.56
CA LEU G 82 -67.69 24.96 17.37
C LEU G 82 -68.79 24.12 16.71
N THR G 83 -68.45 23.52 15.56
CA THR G 83 -69.39 22.70 14.82
C THR G 83 -68.98 21.24 14.89
N GLY G 84 -69.95 20.36 14.67
CA GLY G 84 -69.72 18.93 14.74
C GLY G 84 -69.35 18.45 16.12
N VAL G 85 -70.09 18.89 17.13
CA VAL G 85 -69.79 18.51 18.51
C VAL G 85 -70.14 17.04 18.72
N THR G 86 -69.37 16.38 19.58
CA THR G 86 -69.53 14.98 19.90
C THR G 86 -69.74 14.81 21.41
N ALA G 87 -69.87 13.56 21.84
CA ALA G 87 -70.02 13.27 23.27
C ALA G 87 -68.73 13.47 24.04
N ALA G 88 -67.58 13.44 23.36
CA ALA G 88 -66.31 13.68 24.02
C ALA G 88 -66.08 15.14 24.39
N ASP G 89 -66.93 16.04 23.89
CA ASP G 89 -66.81 17.46 24.17
C ASP G 89 -67.56 17.89 25.43
N SER G 90 -68.17 16.95 26.15
CA SER G 90 -68.88 17.26 27.39
C SER G 90 -67.87 17.67 28.45
N ALA G 91 -67.74 18.97 28.68
CA ALA G 91 -66.72 19.51 29.57
C ALA G 91 -67.18 20.89 30.02
N ILE G 92 -66.25 21.68 30.57
CA ILE G 92 -66.52 23.02 31.06
C ILE G 92 -65.66 24.01 30.28
N TYR G 93 -66.30 25.01 29.69
CA TYR G 93 -65.58 26.08 29.01
C TYR G 93 -65.06 27.11 30.02
N TYR G 94 -64.04 27.85 29.60
CA TYR G 94 -63.48 28.94 30.38
C TYR G 94 -63.02 30.06 29.47
N CYS G 95 -63.28 31.28 29.88
CA CYS G 95 -62.82 32.49 29.19
C CYS G 95 -61.81 33.19 30.09
N ALA G 96 -60.56 33.24 29.65
CA ALA G 96 -59.48 33.76 30.50
C ALA G 96 -58.58 34.67 29.70
N THR G 97 -57.90 35.56 30.41
CA THR G 97 -56.94 36.47 29.80
C THR G 97 -55.66 35.73 29.43
N THR G 98 -54.89 36.33 28.53
CA THR G 98 -53.64 35.75 28.05
C THR G 98 -52.61 36.85 27.87
N LYS G 99 -51.43 36.65 28.45
CA LYS G 99 -50.31 37.57 28.28
C LYS G 99 -49.13 36.83 27.69
N HIS G 100 -48.41 37.52 26.80
CA HIS G 100 -47.31 36.91 26.05
C HIS G 100 -45.97 37.18 26.72
N GLY G 101 -45.12 36.17 26.70
CA GLY G 101 -43.79 36.30 27.26
C GLY G 101 -42.73 35.86 26.27
N ARG G 102 -41.55 36.45 26.41
CA ARG G 102 -40.43 36.22 25.50
C ARG G 102 -39.32 35.48 26.24
N ARG G 103 -38.90 34.35 25.70
CA ARG G 103 -37.77 33.58 26.22
C ARG G 103 -36.63 33.70 25.23
N ILE G 104 -35.53 34.30 25.68
CA ILE G 104 -34.37 34.58 24.83
C ILE G 104 -33.20 33.80 25.40
N TYR G 105 -32.91 32.63 24.83
CA TYR G 105 -31.76 31.81 25.24
C TYR G 105 -30.92 31.54 23.99
N GLY G 106 -30.04 32.48 23.67
CA GLY G 106 -29.24 32.39 22.47
C GLY G 106 -29.11 33.76 21.83
N VAL G 107 -28.71 33.75 20.56
CA VAL G 107 -28.61 35.00 19.81
C VAL G 107 -30.02 35.54 19.56
N VAL G 108 -30.17 36.86 19.68
CA VAL G 108 -31.48 37.49 19.49
C VAL G 108 -31.91 37.39 18.03
N ALA G 109 -30.96 37.32 17.10
CA ALA G 109 -31.25 37.11 15.70
C ALA G 109 -31.32 35.60 15.43
N PHE G 110 -31.31 35.23 14.15
CA PHE G 110 -31.26 33.86 13.63
C PHE G 110 -32.51 33.05 13.95
N LYS G 111 -33.51 33.63 14.60
CA LYS G 111 -34.81 33.00 14.89
C LYS G 111 -34.65 31.69 15.67
N GLU G 112 -33.98 31.79 16.81
CA GLU G 112 -33.85 30.67 17.75
C GLU G 112 -34.84 30.75 18.90
N TRP G 113 -35.21 31.97 19.30
CA TRP G 113 -36.08 32.17 20.45
C TRP G 113 -37.49 31.65 20.18
N PHE G 114 -38.16 31.25 21.26
CA PHE G 114 -39.57 30.86 21.21
C PHE G 114 -40.33 31.63 22.28
N THR G 115 -41.56 32.03 21.93
CA THR G 115 -42.39 32.76 22.86
C THR G 115 -43.34 31.81 23.60
N TYR G 116 -43.86 32.28 24.73
CA TYR G 116 -44.76 31.50 25.55
C TYR G 116 -45.96 32.35 25.96
N PHE G 117 -47.02 31.69 26.40
CA PHE G 117 -48.24 32.35 26.81
C PHE G 117 -48.69 31.81 28.17
N TYR G 118 -49.19 32.71 29.01
CA TYR G 118 -49.69 32.34 30.32
C TYR G 118 -51.01 33.07 30.57
N MET G 119 -51.82 32.51 31.46
CA MET G 119 -53.16 33.02 31.76
C MET G 119 -53.11 33.77 33.09
N ASP G 120 -53.54 35.03 33.07
CA ASP G 120 -53.50 35.87 34.25
C ASP G 120 -54.83 35.87 35.01
N VAL G 121 -55.91 36.29 34.35
CA VAL G 121 -57.22 36.42 34.97
C VAL G 121 -58.16 35.42 34.31
N TRP G 122 -58.86 34.63 35.14
CA TRP G 122 -59.75 33.58 34.67
C TRP G 122 -61.20 33.95 34.95
N GLY G 123 -62.09 33.36 34.17
CA GLY G 123 -63.52 33.54 34.38
C GLY G 123 -64.08 32.53 35.37
N LYS G 124 -65.37 32.70 35.68
CA LYS G 124 -66.03 31.78 36.60
C LYS G 124 -66.29 30.43 35.95
N GLY G 125 -66.53 30.41 34.64
CA GLY G 125 -66.78 29.17 33.93
C GLY G 125 -68.25 28.84 33.83
N THR G 126 -68.61 28.15 32.75
CA THR G 126 -69.97 27.72 32.51
C THR G 126 -69.99 26.25 32.10
N SER G 127 -71.05 25.56 32.50
CA SER G 127 -71.17 24.12 32.25
C SER G 127 -71.91 23.88 30.95
N VAL G 128 -71.31 23.06 30.08
CA VAL G 128 -71.91 22.69 28.80
C VAL G 128 -72.03 21.18 28.75
N THR G 129 -73.25 20.70 28.50
CA THR G 129 -73.55 19.27 28.43
C THR G 129 -74.06 18.93 27.04
N VAL G 130 -73.45 17.94 26.41
CA VAL G 130 -73.83 17.49 25.07
C VAL G 130 -74.49 16.14 25.20
N SER G 131 -75.77 16.06 24.83
CA SER G 131 -76.52 14.81 24.90
C SER G 131 -77.66 14.87 23.90
N SER G 132 -78.18 13.70 23.55
CA SER G 132 -79.27 13.59 22.60
C SER G 132 -80.62 13.69 23.30
N THR H 1 -49.20 11.33 41.52
CA THR H 1 -49.14 10.40 42.64
C THR H 1 -49.78 11.00 43.89
N PHE H 2 -49.52 10.38 45.03
CA PHE H 2 -50.06 10.82 46.31
C PHE H 2 -48.93 11.24 47.23
N VAL H 3 -49.09 12.39 47.88
CA VAL H 3 -48.07 12.95 48.77
C VAL H 3 -48.73 13.22 50.12
N SER H 4 -48.12 12.70 51.19
CA SER H 4 -48.59 12.93 52.55
C SER H 4 -47.50 13.64 53.34
N VAL H 5 -47.85 14.75 53.98
CA VAL H 5 -46.89 15.54 54.74
C VAL H 5 -47.60 16.15 55.94
N ALA H 6 -46.85 16.28 57.04
CA ALA H 6 -47.39 16.92 58.23
C ALA H 6 -47.49 18.43 58.01
N PRO H 7 -48.44 19.10 58.68
CA PRO H 7 -48.52 20.56 58.60
C PRO H 7 -47.27 21.22 59.17
N GLY H 8 -46.85 22.32 58.54
CA GLY H 8 -45.67 23.03 58.95
C GLY H 8 -44.36 22.49 58.40
N GLN H 9 -44.40 21.41 57.62
CA GLN H 9 -43.21 20.81 57.05
C GLN H 9 -43.03 21.27 55.61
N THR H 10 -41.95 20.80 54.99
CA THR H 10 -41.64 21.13 53.60
C THR H 10 -41.95 19.95 52.71
N ALA H 11 -42.78 20.18 51.69
CA ALA H 11 -43.19 19.14 50.75
C ALA H 11 -42.68 19.45 49.36
N ARG H 12 -42.44 18.40 48.58
CA ARG H 12 -41.93 18.52 47.22
C ARG H 12 -42.86 17.79 46.26
N ILE H 13 -43.13 18.40 45.12
CA ILE H 13 -44.02 17.85 44.10
C ILE H 13 -43.23 17.74 42.80
N THR H 14 -43.16 16.53 42.25
CA THR H 14 -42.47 16.28 41.00
C THR H 14 -43.49 16.06 39.89
N CYS H 15 -43.35 16.82 38.80
CA CYS H 15 -44.27 16.74 37.68
C CYS H 15 -43.50 16.81 36.37
N GLY H 16 -44.02 16.15 35.35
CA GLY H 16 -43.44 16.19 34.03
C GLY H 16 -42.37 15.15 33.79
N GLU H 17 -41.95 15.06 32.54
CA GLU H 17 -40.94 14.11 32.09
C GLU H 17 -39.55 14.69 32.37
N GLU H 18 -38.51 13.90 32.15
CA GLU H 18 -37.13 14.35 32.34
C GLU H 18 -36.79 15.47 31.35
N SER H 19 -35.92 16.38 31.79
CA SER H 19 -35.58 17.55 31.00
C SER H 19 -34.77 17.16 29.77
N LEU H 20 -35.15 17.69 28.62
CA LEU H 20 -34.46 17.47 27.35
C LEU H 20 -33.86 18.74 26.78
N GLY H 21 -34.57 19.86 26.87
CA GLY H 21 -34.05 21.14 26.45
C GLY H 21 -34.28 22.19 27.52
N SER H 22 -34.27 23.46 27.14
CA SER H 22 -34.57 24.53 28.09
C SER H 22 -36.03 24.48 28.49
N ARG H 23 -36.29 24.72 29.78
CA ARG H 23 -37.62 24.64 30.36
C ARG H 23 -38.12 26.00 30.79
N SER H 24 -39.41 26.23 30.57
CA SER H 24 -40.16 27.35 31.14
C SER H 24 -41.45 26.74 31.67
N VAL H 25 -41.42 26.28 32.91
CA VAL H 25 -42.49 25.47 33.48
C VAL H 25 -43.50 26.38 34.17
N ILE H 26 -44.78 26.17 33.89
CA ILE H 26 -45.87 26.93 34.49
C ILE H 26 -46.62 26.02 35.44
N TRP H 27 -46.88 26.52 36.65
CA TRP H 27 -47.56 25.76 37.68
C TRP H 27 -48.88 26.41 38.03
N TYR H 28 -49.85 25.60 38.44
CA TYR H 28 -51.15 26.09 38.84
C TYR H 28 -51.63 25.34 40.07
N GLN H 29 -52.49 25.98 40.84
CA GLN H 29 -53.10 25.40 42.02
C GLN H 29 -54.62 25.51 41.90
N GLN H 30 -55.31 24.39 41.95
CA GLN H 30 -56.76 24.33 41.75
C GLN H 30 -57.41 23.74 42.98
N ARG H 31 -58.12 24.58 43.73
CA ARG H 31 -58.92 24.10 44.85
C ARG H 31 -60.13 23.33 44.32
N PRO H 32 -60.63 22.36 45.09
CA PRO H 32 -61.83 21.63 44.67
C PRO H 32 -63.04 22.56 44.56
N GLY H 33 -63.78 22.42 43.47
CA GLY H 33 -64.89 23.29 43.18
C GLY H 33 -64.53 24.66 42.67
N GLN H 34 -63.25 24.92 42.41
CA GLN H 34 -62.80 26.23 41.96
C GLN H 34 -61.99 26.05 40.68
N ALA H 35 -61.34 27.13 40.25
CA ALA H 35 -60.53 27.17 39.05
C ALA H 35 -59.08 27.39 39.43
N PRO H 36 -58.13 26.91 38.63
CA PRO H 36 -56.72 27.16 38.92
C PRO H 36 -56.36 28.63 38.76
N SER H 37 -55.26 29.02 39.40
CA SER H 37 -54.79 30.39 39.37
C SER H 37 -53.30 30.41 39.09
N LEU H 38 -52.80 31.61 38.75
CA LEU H 38 -51.38 31.79 38.46
C LEU H 38 -50.54 31.54 39.70
N ILE H 39 -49.56 30.64 39.58
CA ILE H 39 -48.70 30.26 40.70
C ILE H 39 -47.24 30.57 40.40
N ILE H 40 -46.66 29.95 39.38
CA ILE H 40 -45.25 30.13 39.05
C ILE H 40 -45.11 30.27 37.53
N TYR H 41 -44.37 31.29 37.10
CA TYR H 41 -43.92 31.42 35.72
C TYR H 41 -42.41 31.64 35.72
N ASN H 42 -41.76 31.19 34.64
CA ASN H 42 -40.30 31.30 34.45
C ASN H 42 -39.56 30.50 35.54
N ASN H 43 -40.27 29.53 36.14
CA ASN H 43 -39.78 28.51 37.07
C ASN H 43 -39.40 29.06 38.44
N ASN H 44 -39.30 30.38 38.59
CA ASN H 44 -39.09 30.95 39.92
C ASN H 44 -39.76 32.30 40.13
N ASP H 45 -40.50 32.83 39.16
CA ASP H 45 -41.04 34.17 39.25
C ASP H 45 -42.54 34.12 39.54
N ARG H 46 -43.00 35.06 40.34
CA ARG H 46 -44.39 35.12 40.78
C ARG H 46 -44.91 36.54 40.63
N PRO H 47 -46.20 36.71 40.35
CA PRO H 47 -46.80 38.05 40.35
C PRO H 47 -47.08 38.51 41.77
N SER H 48 -47.47 39.77 41.89
CA SER H 48 -47.75 40.35 43.20
C SER H 48 -49.03 39.75 43.79
N GLY H 49 -48.98 39.47 45.10
CA GLY H 49 -50.13 38.95 45.83
C GLY H 49 -49.87 37.68 46.60
N ILE H 50 -48.78 36.98 46.33
CA ILE H 50 -48.48 35.73 47.02
C ILE H 50 -47.08 35.81 47.63
N PRO H 51 -46.83 35.14 48.77
CA PRO H 51 -45.52 35.27 49.43
C PRO H 51 -44.41 34.47 48.77
N ASP H 52 -43.24 34.45 49.40
CA ASP H 52 -42.07 33.75 48.88
C ASP H 52 -42.00 32.30 49.35
N ARG H 53 -43.05 31.79 49.99
CA ARG H 53 -43.04 30.41 50.45
C ARG H 53 -43.09 29.40 49.30
N PHE H 54 -43.47 29.84 48.10
CA PHE H 54 -43.54 28.96 46.93
C PHE H 54 -42.23 29.07 46.15
N SER H 55 -41.56 27.94 45.97
CA SER H 55 -40.28 27.90 45.27
C SER H 55 -40.29 26.78 44.25
N GLY H 56 -39.57 27.00 43.15
CA GLY H 56 -39.49 26.02 42.09
C GLY H 56 -38.07 25.84 41.61
N SER H 57 -37.78 24.62 41.17
CA SER H 57 -36.45 24.30 40.69
C SER H 57 -36.20 24.97 39.34
N PRO H 58 -35.02 25.56 39.14
CA PRO H 58 -34.73 26.18 37.84
C PRO H 58 -34.53 25.15 36.75
N GLY H 59 -34.82 25.56 35.51
CA GLY H 59 -34.65 24.69 34.37
C GLY H 59 -33.27 24.77 33.76
N SER H 60 -32.25 24.46 34.55
CA SER H 60 -30.85 24.55 34.12
C SER H 60 -30.18 23.19 34.02
N THR H 61 -30.25 22.39 35.08
CA THR H 61 -29.61 21.07 35.10
C THR H 61 -30.38 20.12 34.19
N PHE H 62 -29.80 19.82 33.03
CA PHE H 62 -30.44 18.95 32.07
C PHE H 62 -30.41 17.50 32.54
N GLY H 63 -31.43 16.74 32.15
CA GLY H 63 -31.59 15.38 32.60
C GLY H 63 -32.31 15.22 33.92
N THR H 64 -32.94 16.27 34.42
CA THR H 64 -33.69 16.24 35.68
C THR H 64 -35.15 16.52 35.42
N THR H 65 -35.92 16.69 36.49
CA THR H 65 -37.35 16.96 36.41
C THR H 65 -37.67 18.26 37.14
N ALA H 66 -38.65 19.00 36.61
CA ALA H 66 -39.12 20.21 37.28
C ALA H 66 -39.81 19.84 38.59
N THR H 67 -39.51 20.61 39.64
CA THR H 67 -39.99 20.29 40.97
C THR H 67 -40.56 21.54 41.64
N LEU H 68 -41.67 21.36 42.34
CA LEU H 68 -42.28 22.41 43.16
C LEU H 68 -42.01 22.12 44.62
N THR H 69 -41.42 23.09 45.31
CA THR H 69 -41.09 22.97 46.73
C THR H 69 -41.85 24.03 47.50
N ILE H 70 -42.60 23.60 48.51
CA ILE H 70 -43.38 24.49 49.36
C ILE H 70 -42.89 24.34 50.80
N THR H 71 -42.59 25.45 51.44
CA THR H 71 -42.07 25.46 52.80
C THR H 71 -43.18 25.86 53.76
N SER H 72 -43.28 25.11 54.87
CA SER H 72 -44.28 25.32 55.92
C SER H 72 -45.71 25.24 55.37
N VAL H 73 -46.05 24.04 54.89
CA VAL H 73 -47.37 23.81 54.31
C VAL H 73 -48.41 23.81 55.42
N GLU H 74 -49.46 24.61 55.23
CA GLU H 74 -50.57 24.69 56.17
C GLU H 74 -51.80 24.02 55.56
N ALA H 75 -52.91 24.09 56.30
CA ALA H 75 -54.07 23.25 55.98
C ALA H 75 -54.77 23.69 54.70
N GLY H 76 -54.75 24.98 54.39
CA GLY H 76 -55.41 25.49 53.21
C GLY H 76 -54.69 25.27 51.89
N ASP H 77 -53.48 24.69 51.94
CA ASP H 77 -52.71 24.44 50.74
C ASP H 77 -53.09 23.13 50.04
N GLU H 78 -54.03 22.37 50.60
CA GLU H 78 -54.46 21.11 50.01
C GLU H 78 -55.31 21.36 48.76
N ALA H 79 -54.67 21.34 47.59
CA ALA H 79 -55.38 21.58 46.34
C ALA H 79 -54.62 20.88 45.22
N ASP H 80 -55.31 20.66 44.10
CA ASP H 80 -54.72 19.97 42.96
C ASP H 80 -53.71 20.86 42.26
N TYR H 81 -52.54 20.29 41.95
CA TYR H 81 -51.49 20.99 41.24
C TYR H 81 -51.26 20.36 39.87
N TYR H 82 -51.13 21.20 38.85
CA TYR H 82 -50.89 20.77 37.48
C TYR H 82 -49.71 21.54 36.91
N CYS H 83 -48.87 20.85 36.15
CA CYS H 83 -47.67 21.44 35.57
C CYS H 83 -47.84 21.60 34.07
N HIS H 84 -47.30 22.68 33.53
CA HIS H 84 -47.31 22.95 32.10
C HIS H 84 -45.88 23.02 31.59
N ILE H 85 -45.63 22.45 30.43
CA ILE H 85 -44.29 22.25 29.90
C ILE H 85 -44.12 23.08 28.64
N TRP H 86 -43.04 23.87 28.60
CA TRP H 86 -42.58 24.53 27.39
C TRP H 86 -41.12 24.17 27.20
N ASP H 87 -40.80 23.58 26.04
CA ASP H 87 -39.45 23.09 25.77
C ASP H 87 -39.02 23.55 24.39
N SER H 88 -37.72 23.85 24.25
CA SER H 88 -37.18 24.26 22.97
C SER H 88 -36.98 23.10 22.00
N ARG H 89 -36.90 21.87 22.51
CA ARG H 89 -36.74 20.70 21.66
C ARG H 89 -38.01 19.89 21.50
N ARG H 90 -38.97 20.03 22.41
CA ARG H 90 -40.26 19.36 22.35
C ARG H 90 -41.32 20.31 21.81
N PRO H 91 -42.34 19.80 21.12
CA PRO H 91 -43.40 20.67 20.61
C PRO H 91 -44.24 21.24 21.74
N THR H 92 -44.92 22.35 21.42
CA THR H 92 -45.72 23.07 22.40
C THR H 92 -46.88 22.19 22.88
N ASN H 93 -46.97 22.01 24.19
CA ASN H 93 -47.98 21.14 24.77
C ASN H 93 -49.32 21.87 24.83
N TRP H 94 -50.33 21.30 24.18
CA TRP H 94 -51.69 21.82 24.22
C TRP H 94 -52.54 21.15 25.30
N VAL H 95 -51.95 20.28 26.10
CA VAL H 95 -52.63 19.63 27.21
C VAL H 95 -51.74 19.72 28.44
N PHE H 96 -52.34 19.96 29.60
CA PHE H 96 -51.59 20.09 30.83
C PHE H 96 -51.06 18.73 31.29
N GLY H 97 -50.05 18.77 32.15
CA GLY H 97 -49.47 17.55 32.66
C GLY H 97 -50.35 16.86 33.67
N GLU H 98 -49.93 15.66 34.05
CA GLU H 98 -50.69 14.86 35.01
C GLU H 98 -50.63 15.51 36.39
N GLY H 99 -51.77 15.54 37.07
CA GLY H 99 -51.84 16.20 38.36
C GLY H 99 -51.22 15.39 39.48
N THR H 100 -50.90 16.09 40.56
CA THR H 100 -50.35 15.49 41.76
C THR H 100 -51.16 15.97 42.96
N THR H 101 -51.64 15.02 43.77
CA THR H 101 -52.47 15.32 44.92
C THR H 101 -51.63 15.19 46.20
N LEU H 102 -51.56 16.27 46.96
CA LEU H 102 -50.86 16.27 48.25
C LEU H 102 -51.89 16.23 49.37
N ILE H 103 -51.55 15.55 50.46
CA ILE H 103 -52.42 15.40 51.62
C ILE H 103 -51.76 16.05 52.81
N VAL H 104 -52.51 16.92 53.50
CA VAL H 104 -52.04 17.61 54.69
C VAL H 104 -52.71 16.96 55.89
N LEU H 105 -51.90 16.45 56.82
CA LEU H 105 -52.42 15.76 57.99
C LEU H 105 -52.64 16.73 59.14
N GLN I 1 -9.03 -81.76 26.10
CA GLN I 1 -9.44 -80.73 25.16
C GLN I 1 -10.80 -80.14 25.55
N VAL I 2 -10.99 -78.85 25.26
CA VAL I 2 -12.22 -78.15 25.62
C VAL I 2 -13.29 -78.46 24.59
N HIS I 3 -14.40 -79.04 25.04
CA HIS I 3 -15.52 -79.40 24.19
C HIS I 3 -16.77 -78.70 24.68
N LEU I 4 -17.50 -78.06 23.78
CA LEU I 4 -18.73 -77.36 24.11
C LEU I 4 -19.89 -78.03 23.38
N GLN I 5 -20.96 -78.31 24.13
CA GLN I 5 -22.17 -78.94 23.59
C GLN I 5 -23.36 -78.07 23.95
N GLU I 6 -24.19 -77.75 22.97
CA GLU I 6 -25.34 -76.90 23.16
C GLU I 6 -26.63 -77.71 23.16
N SER I 7 -27.67 -77.12 23.75
CA SER I 7 -28.99 -77.72 23.78
C SER I 7 -30.03 -76.62 23.93
N GLY I 8 -31.26 -76.93 23.56
CA GLY I 8 -32.34 -75.97 23.63
C GLY I 8 -33.68 -76.59 23.26
N PRO I 9 -34.74 -75.78 23.30
CA PRO I 9 -36.08 -76.30 22.97
C PRO I 9 -36.30 -76.54 21.49
N GLY I 10 -35.51 -75.92 20.62
CA GLY I 10 -35.65 -76.13 19.19
C GLY I 10 -36.68 -75.22 18.55
N LEU I 11 -37.94 -75.34 18.97
CA LEU I 11 -39.04 -74.56 18.43
C LEU I 11 -39.48 -73.56 19.49
N VAL I 12 -39.50 -72.28 19.12
CA VAL I 12 -39.85 -71.19 20.03
C VAL I 12 -41.04 -70.45 19.44
N LYS I 13 -42.08 -70.27 20.26
CA LYS I 13 -43.24 -69.49 19.84
C LYS I 13 -42.87 -68.00 19.77
N PRO I 14 -43.60 -67.22 18.97
CA PRO I 14 -43.36 -65.77 18.94
C PRO I 14 -43.66 -65.13 20.29
N SER I 15 -42.93 -64.06 20.58
CA SER I 15 -43.05 -63.29 21.83
C SER I 15 -42.79 -64.17 23.06
N GLU I 16 -41.87 -65.12 22.95
CA GLU I 16 -41.48 -65.98 24.05
C GLU I 16 -40.05 -65.66 24.48
N THR I 17 -39.62 -66.30 25.57
CA THR I 17 -38.28 -66.14 26.10
C THR I 17 -37.44 -67.33 25.68
N LEU I 18 -36.32 -67.06 25.01
CA LEU I 18 -35.43 -68.10 24.52
C LEU I 18 -34.39 -68.44 25.59
N SER I 19 -34.28 -69.73 25.92
CA SER I 19 -33.31 -70.23 26.87
C SER I 19 -32.40 -71.24 26.19
N LEU I 20 -31.10 -71.06 26.33
CA LEU I 20 -30.11 -71.93 25.70
C LEU I 20 -29.13 -72.42 26.76
N THR I 21 -28.69 -73.67 26.60
CA THR I 21 -27.78 -74.33 27.52
C THR I 21 -26.51 -74.72 26.78
N CYS I 22 -25.37 -74.27 27.29
CA CYS I 22 -24.05 -74.57 26.71
C CYS I 22 -23.25 -75.37 27.73
N ASN I 23 -23.17 -76.69 27.52
CA ASN I 23 -22.37 -77.54 28.39
C ASN I 23 -20.89 -77.27 28.15
N VAL I 24 -20.13 -77.10 29.22
CA VAL I 24 -18.72 -76.76 29.16
C VAL I 24 -17.93 -77.88 29.83
N SER I 25 -16.92 -78.39 29.13
CA SER I 25 -16.06 -79.44 29.65
C SER I 25 -14.60 -79.09 29.37
N GLY I 26 -13.74 -79.47 30.32
CA GLY I 26 -12.32 -79.28 30.18
C GLY I 26 -11.77 -77.94 30.62
N THR I 27 -12.63 -77.01 31.04
CA THR I 27 -12.17 -75.70 31.46
C THR I 27 -13.19 -75.11 32.44
N LEU I 28 -12.77 -74.06 33.13
CA LEU I 28 -13.62 -73.38 34.11
C LEU I 28 -14.22 -72.13 33.49
N VAL I 29 -15.49 -71.87 33.82
CA VAL I 29 -16.21 -70.75 33.23
C VAL I 29 -15.70 -69.41 33.74
N ARG I 30 -15.04 -69.37 34.90
CA ARG I 30 -14.62 -68.10 35.49
C ARG I 30 -13.39 -67.53 34.78
N ASP I 31 -12.55 -68.39 34.21
CA ASP I 31 -11.26 -67.96 33.68
C ASP I 31 -11.30 -67.54 32.22
N ASN I 32 -12.45 -67.62 31.55
CA ASN I 32 -12.53 -67.33 30.13
C ASN I 32 -13.69 -66.39 29.83
N TYR I 33 -13.50 -65.52 28.85
CA TYR I 33 -14.58 -64.70 28.32
C TYR I 33 -15.52 -65.58 27.49
N TRP I 34 -16.77 -65.12 27.35
CA TRP I 34 -17.80 -65.85 26.62
C TRP I 34 -18.52 -64.93 25.65
N SER I 35 -19.04 -65.52 24.57
CA SER I 35 -19.74 -64.78 23.53
C SER I 35 -20.77 -65.69 22.88
N TRP I 36 -21.72 -65.07 22.19
CA TRP I 36 -22.80 -65.77 21.50
C TRP I 36 -22.83 -65.35 20.04
N ILE I 37 -22.91 -66.32 19.14
CA ILE I 37 -22.94 -66.08 17.71
C ILE I 37 -24.13 -66.81 17.10
N ARG I 38 -24.90 -66.12 16.27
CA ARG I 38 -26.03 -66.69 15.57
C ARG I 38 -25.84 -66.53 14.07
N GLN I 39 -26.48 -67.43 13.32
CA GLN I 39 -26.40 -67.41 11.86
C GLN I 39 -27.78 -67.60 11.25
N PRO I 40 -28.30 -66.61 10.51
CA PRO I 40 -29.70 -66.68 10.07
C PRO I 40 -29.94 -67.55 8.84
N LEU I 41 -28.96 -68.40 8.50
CA LEU I 41 -29.06 -69.37 7.39
C LEU I 41 -29.31 -68.64 6.06
N GLY I 42 -28.28 -67.91 5.64
CA GLY I 42 -28.35 -67.19 4.39
C GLY I 42 -27.65 -65.85 4.43
N LYS I 43 -27.13 -65.47 5.59
CA LYS I 43 -26.39 -64.23 5.76
C LYS I 43 -25.16 -64.51 6.61
N GLN I 44 -24.35 -63.47 6.80
CA GLN I 44 -23.16 -63.60 7.62
C GLN I 44 -23.55 -63.76 9.10
N PRO I 45 -22.70 -64.45 9.89
CA PRO I 45 -23.00 -64.59 11.31
C PRO I 45 -22.97 -63.25 12.03
N GLU I 46 -23.79 -63.16 13.08
CA GLU I 46 -23.96 -61.93 13.84
C GLU I 46 -23.45 -62.11 15.27
N TRP I 47 -23.06 -60.99 15.87
CA TRP I 47 -22.57 -60.95 17.24
C TRP I 47 -23.49 -60.06 18.06
N ILE I 48 -23.86 -60.52 19.26
CA ILE I 48 -24.78 -59.77 20.11
C ILE I 48 -24.12 -59.20 21.36
N GLY I 49 -23.14 -59.89 21.94
CA GLY I 49 -22.47 -59.36 23.12
C GLY I 49 -21.45 -60.35 23.64
N TYR I 50 -20.67 -59.87 24.61
CA TYR I 50 -19.66 -60.68 25.28
C TYR I 50 -19.76 -60.44 26.78
N VAL I 51 -19.54 -61.51 27.56
CA VAL I 51 -19.73 -61.48 29.00
C VAL I 51 -18.48 -62.03 29.69
N HIS I 52 -18.29 -61.63 30.94
CA HIS I 52 -17.22 -62.16 31.77
C HIS I 52 -17.66 -62.10 33.23
N ASP I 53 -17.00 -62.92 34.06
CA ASP I 53 -17.34 -62.97 35.47
C ASP I 53 -16.92 -61.69 36.19
N SER I 54 -15.89 -61.00 35.70
CA SER I 54 -15.40 -59.78 36.32
C SER I 54 -16.28 -58.57 36.04
N GLY I 55 -17.23 -58.68 35.12
CA GLY I 55 -18.12 -57.58 34.80
C GLY I 55 -17.80 -56.83 33.52
N ASP I 56 -16.83 -57.29 32.73
CA ASP I 56 -16.50 -56.66 31.45
C ASP I 56 -17.48 -57.16 30.40
N THR I 57 -18.70 -56.61 30.46
CA THR I 57 -19.80 -57.04 29.62
C THR I 57 -20.36 -55.86 28.86
N ASN I 58 -20.55 -56.03 27.55
CA ASN I 58 -21.14 -55.02 26.69
C ASN I 58 -22.25 -55.65 25.87
N TYR I 59 -23.27 -54.83 25.56
CA TYR I 59 -24.45 -55.31 24.86
C TYR I 59 -24.72 -54.44 23.64
N ASN I 60 -25.50 -54.99 22.72
CA ASN I 60 -25.95 -54.23 21.56
C ASN I 60 -26.93 -53.16 22.00
N PRO I 61 -26.70 -51.89 21.63
CA PRO I 61 -27.68 -50.84 21.96
C PRO I 61 -29.07 -51.09 21.39
N SER I 62 -29.16 -51.78 20.25
CA SER I 62 -30.45 -52.16 19.70
C SER I 62 -31.04 -53.42 20.35
N LEU I 63 -30.26 -54.10 21.20
CA LEU I 63 -30.71 -55.35 21.81
C LEU I 63 -30.40 -55.40 23.31
N LYS I 64 -30.12 -54.25 23.92
CA LYS I 64 -29.75 -54.25 25.34
C LYS I 64 -30.95 -54.46 26.24
N SER I 65 -32.15 -54.11 25.79
CA SER I 65 -33.35 -54.16 26.62
C SER I 65 -34.02 -55.52 26.63
N ARG I 66 -33.49 -56.50 25.90
CA ARG I 66 -34.13 -57.79 25.79
C ARG I 66 -33.19 -58.98 25.98
N VAL I 67 -31.92 -58.75 26.28
CA VAL I 67 -30.95 -59.84 26.41
C VAL I 67 -30.49 -59.91 27.87
N HIS I 68 -30.19 -61.13 28.31
CA HIS I 68 -29.71 -61.38 29.66
C HIS I 68 -28.72 -62.53 29.62
N LEU I 69 -27.55 -62.34 30.21
CA LEU I 69 -26.51 -63.36 30.27
C LEU I 69 -26.09 -63.59 31.71
N SER I 70 -25.87 -64.85 32.06
CA SER I 70 -25.45 -65.21 33.41
C SER I 70 -24.58 -66.45 33.34
N LEU I 71 -23.78 -66.65 34.38
CA LEU I 71 -22.87 -67.77 34.48
C LEU I 71 -23.19 -68.58 35.73
N ASP I 72 -23.24 -69.90 35.58
CA ASP I 72 -23.48 -70.81 36.69
C ASP I 72 -22.12 -71.41 37.08
N LYS I 73 -21.54 -70.89 38.16
CA LYS I 73 -20.23 -71.37 38.60
C LYS I 73 -20.29 -72.77 39.16
N SER I 74 -21.40 -73.14 39.79
CA SER I 74 -21.53 -74.47 40.37
C SER I 74 -21.60 -75.56 39.30
N LYS I 75 -22.36 -75.31 38.24
CA LYS I 75 -22.57 -76.29 37.18
C LYS I 75 -21.67 -76.07 35.96
N ASN I 76 -20.81 -75.05 36.00
CA ASN I 76 -19.93 -74.68 34.88
C ASN I 76 -20.75 -74.46 33.60
N LEU I 77 -21.85 -73.73 33.75
CA LEU I 77 -22.83 -73.58 32.69
C LEU I 77 -23.02 -72.09 32.38
N VAL I 78 -23.07 -71.78 31.09
CA VAL I 78 -23.39 -70.43 30.60
C VAL I 78 -24.72 -70.49 29.88
N SER I 79 -25.63 -69.59 30.24
CA SER I 79 -26.99 -69.60 29.72
C SER I 79 -27.30 -68.30 28.98
N LEU I 80 -28.36 -68.35 28.18
CA LEU I 80 -28.83 -67.21 27.41
C LEU I 80 -30.31 -66.98 27.71
N ARG I 81 -30.70 -65.71 27.78
CA ARG I 81 -32.08 -65.32 28.01
C ARG I 81 -32.41 -64.16 27.09
N LEU I 82 -33.23 -64.40 26.07
CA LEU I 82 -33.64 -63.38 25.11
C LEU I 82 -35.15 -63.36 25.04
N THR I 83 -35.74 -62.18 25.24
CA THR I 83 -37.19 -62.01 25.23
C THR I 83 -37.62 -61.24 23.99
N GLY I 84 -38.89 -61.37 23.65
CA GLY I 84 -39.46 -60.70 22.50
C GLY I 84 -38.89 -61.15 21.17
N VAL I 85 -38.76 -62.46 20.97
CA VAL I 85 -38.21 -62.98 19.73
C VAL I 85 -39.23 -62.81 18.60
N THR I 86 -38.72 -62.59 17.39
CA THR I 86 -39.53 -62.41 16.19
C THR I 86 -39.14 -63.47 15.15
N ALA I 87 -39.70 -63.34 13.95
CA ALA I 87 -39.38 -64.27 12.87
C ALA I 87 -37.95 -64.07 12.37
N ALA I 88 -37.41 -62.86 12.51
CA ALA I 88 -36.04 -62.59 12.08
C ALA I 88 -35.00 -63.20 13.01
N ASP I 89 -35.40 -63.67 14.19
CA ASP I 89 -34.48 -64.28 15.14
C ASP I 89 -34.28 -65.77 14.91
N SER I 90 -34.92 -66.35 13.89
CA SER I 90 -34.72 -67.75 13.55
C SER I 90 -33.31 -67.93 13.00
N ALA I 91 -32.43 -68.52 13.80
CA ALA I 91 -31.02 -68.62 13.44
C ALA I 91 -30.40 -69.82 14.15
N ILE I 92 -29.24 -70.23 13.66
CA ILE I 92 -28.45 -71.29 14.27
C ILE I 92 -27.46 -70.65 15.23
N TYR I 93 -27.57 -71.01 16.51
CA TYR I 93 -26.79 -70.37 17.57
C TYR I 93 -25.61 -71.25 17.96
N TYR I 94 -24.48 -70.60 18.26
CA TYR I 94 -23.25 -71.28 18.60
C TYR I 94 -22.72 -70.79 19.93
N CYS I 95 -22.01 -71.67 20.64
CA CYS I 95 -21.34 -71.35 21.88
C CYS I 95 -19.84 -71.44 21.66
N ALA I 96 -19.12 -70.35 21.95
CA ALA I 96 -17.71 -70.27 21.60
C ALA I 96 -16.90 -69.67 22.74
N THR I 97 -15.71 -70.22 22.95
CA THR I 97 -14.75 -69.63 23.87
C THR I 97 -14.17 -68.35 23.28
N THR I 98 -13.79 -67.42 24.15
CA THR I 98 -13.35 -66.10 23.73
C THR I 98 -11.98 -65.79 24.31
N LYS I 99 -11.08 -65.31 23.45
CA LYS I 99 -9.78 -64.78 23.86
C LYS I 99 -9.69 -63.30 23.48
N HIS I 100 -8.74 -62.61 24.09
CA HIS I 100 -8.60 -61.17 23.93
C HIS I 100 -7.19 -60.82 23.46
N GLY I 101 -7.09 -59.73 22.71
CA GLY I 101 -5.82 -59.22 22.22
C GLY I 101 -5.97 -57.76 21.84
N ARG I 102 -4.83 -57.10 21.70
CA ARG I 102 -4.79 -55.68 21.36
C ARG I 102 -3.75 -55.44 20.26
N ARG I 103 -3.82 -54.25 19.66
CA ARG I 103 -2.89 -53.83 18.61
C ARG I 103 -2.48 -52.39 18.90
N ILE I 104 -1.37 -52.23 19.61
CA ILE I 104 -0.89 -50.90 19.98
C ILE I 104 -0.30 -50.21 18.76
N TYR I 105 -0.51 -48.88 18.66
CA TYR I 105 0.01 -48.16 17.51
C TYR I 105 0.58 -46.79 17.87
N GLY I 106 0.86 -46.52 19.14
CA GLY I 106 1.41 -45.24 19.50
C GLY I 106 1.86 -45.13 20.96
N VAL I 107 1.81 -43.91 21.51
CA VAL I 107 2.21 -43.70 22.90
C VAL I 107 1.20 -44.40 23.82
N VAL I 108 1.72 -45.08 24.84
CA VAL I 108 0.93 -46.07 25.57
C VAL I 108 -0.20 -45.41 26.37
N ALA I 109 -0.06 -44.14 26.73
CA ALA I 109 -1.11 -43.45 27.45
C ALA I 109 -2.14 -42.90 26.48
N PHE I 110 -3.15 -42.21 27.05
CA PHE I 110 -4.20 -41.47 26.33
C PHE I 110 -5.12 -42.36 25.52
N LYS I 111 -5.19 -43.67 25.83
CA LYS I 111 -6.29 -44.56 25.45
C LYS I 111 -6.45 -44.65 23.94
N GLU I 112 -5.45 -45.25 23.29
CA GLU I 112 -5.53 -45.49 21.86
C GLU I 112 -5.96 -46.92 21.54
N TRP I 113 -5.73 -47.85 22.46
CA TRP I 113 -5.81 -49.27 22.16
C TRP I 113 -7.25 -49.77 22.26
N PHE I 114 -7.69 -50.46 21.21
CA PHE I 114 -9.02 -51.03 21.12
C PHE I 114 -8.92 -52.54 21.29
N THR I 115 -9.84 -53.11 22.08
CA THR I 115 -9.82 -54.52 22.38
C THR I 115 -10.64 -55.28 21.33
N TYR I 116 -10.01 -56.29 20.71
CA TYR I 116 -10.69 -57.15 19.76
C TYR I 116 -10.69 -58.57 20.30
N PHE I 117 -11.77 -59.30 20.01
CA PHE I 117 -11.96 -60.65 20.49
C PHE I 117 -12.04 -61.60 19.30
N TYR I 118 -11.26 -62.67 19.34
CA TYR I 118 -11.25 -63.66 18.27
C TYR I 118 -11.72 -65.00 18.82
N MET I 119 -12.61 -65.65 18.08
CA MET I 119 -13.19 -66.92 18.50
C MET I 119 -12.26 -68.06 18.10
N ASP I 120 -11.88 -68.88 19.08
CA ASP I 120 -10.97 -70.00 18.81
C ASP I 120 -11.69 -71.33 18.71
N VAL I 121 -12.42 -71.71 19.76
CA VAL I 121 -13.11 -72.99 19.83
C VAL I 121 -14.60 -72.76 19.77
N TRP I 122 -15.28 -73.43 18.85
CA TRP I 122 -16.71 -73.29 18.64
C TRP I 122 -17.44 -74.55 19.11
N GLY I 123 -18.68 -74.36 19.54
CA GLY I 123 -19.52 -75.47 19.91
C GLY I 123 -20.16 -76.15 18.71
N LYS I 124 -20.92 -77.21 19.00
CA LYS I 124 -21.57 -77.96 17.92
C LYS I 124 -22.68 -77.16 17.26
N GLY I 125 -23.37 -76.33 18.02
CA GLY I 125 -24.44 -75.49 17.48
C GLY I 125 -25.81 -76.09 17.71
N THR I 126 -26.81 -75.22 17.75
CA THR I 126 -28.19 -75.62 17.95
C THR I 126 -29.09 -74.91 16.96
N SER I 127 -30.23 -75.53 16.65
CA SER I 127 -31.17 -75.00 15.69
C SER I 127 -32.35 -74.37 16.42
N VAL I 128 -32.63 -73.11 16.11
CA VAL I 128 -33.73 -72.36 16.70
C VAL I 128 -34.67 -71.93 15.59
N THR I 129 -35.93 -72.34 15.68
CA THR I 129 -36.94 -72.01 14.69
C THR I 129 -38.09 -71.28 15.39
N VAL I 130 -38.48 -70.13 14.85
CA VAL I 130 -39.56 -69.33 15.39
C VAL I 130 -40.76 -69.45 14.46
N SER I 131 -41.85 -70.01 14.97
CA SER I 131 -43.07 -70.17 14.19
C SER I 131 -44.26 -70.21 15.13
N SER I 132 -45.44 -69.92 14.58
CA SER I 132 -46.67 -69.92 15.37
C SER I 132 -47.24 -71.33 15.49
N THR J 1 -19.89 -61.95 -4.88
CA THR J 1 -19.70 -62.46 -6.23
C THR J 1 -19.26 -63.92 -6.20
N PHE J 2 -18.91 -64.45 -7.37
CA PHE J 2 -18.47 -65.83 -7.52
C PHE J 2 -17.09 -65.86 -8.17
N VAL J 3 -16.21 -66.69 -7.64
CA VAL J 3 -14.85 -66.85 -8.15
C VAL J 3 -14.60 -68.32 -8.38
N SER J 4 -14.25 -68.70 -9.61
CA SER J 4 -13.95 -70.08 -9.97
C SER J 4 -12.51 -70.14 -10.47
N VAL J 5 -11.69 -70.94 -9.79
CA VAL J 5 -10.27 -71.09 -10.11
C VAL J 5 -9.97 -72.56 -10.30
N ALA J 6 -9.28 -72.90 -11.40
CA ALA J 6 -8.83 -74.25 -11.62
C ALA J 6 -7.73 -74.61 -10.61
N PRO J 7 -7.61 -75.89 -10.24
CA PRO J 7 -6.56 -76.28 -9.30
C PRO J 7 -5.17 -76.09 -9.87
N GLY J 8 -4.23 -75.76 -9.00
CA GLY J 8 -2.83 -75.66 -9.39
C GLY J 8 -2.23 -74.28 -9.22
N GLN J 9 -2.97 -73.23 -9.56
CA GLN J 9 -2.47 -71.88 -9.50
C GLN J 9 -2.88 -71.21 -8.18
N THR J 10 -2.64 -69.91 -8.09
CA THR J 10 -2.87 -69.13 -6.88
C THR J 10 -4.11 -68.26 -7.06
N ALA J 11 -5.02 -68.32 -6.11
CA ALA J 11 -6.27 -67.56 -6.14
C ALA J 11 -6.21 -66.42 -5.13
N ARG J 12 -6.91 -65.33 -5.46
CA ARG J 12 -6.97 -64.15 -4.61
C ARG J 12 -8.42 -63.79 -4.33
N ILE J 13 -8.71 -63.42 -3.08
CA ILE J 13 -10.06 -63.09 -2.64
C ILE J 13 -10.02 -61.70 -2.02
N THR J 14 -10.89 -60.81 -2.48
CA THR J 14 -10.96 -59.43 -2.00
C THR J 14 -12.23 -59.24 -1.19
N CYS J 15 -12.08 -58.71 0.03
CA CYS J 15 -13.20 -58.42 0.90
C CYS J 15 -12.98 -57.07 1.58
N GLY J 16 -14.09 -56.41 1.91
CA GLY J 16 -14.04 -55.13 2.60
C GLY J 16 -13.96 -53.95 1.65
N GLU J 17 -14.09 -52.76 2.23
CA GLU J 17 -14.04 -51.51 1.49
C GLU J 17 -12.59 -51.04 1.37
N GLU J 18 -12.42 -49.79 0.94
CA GLU J 18 -11.08 -49.22 0.83
C GLU J 18 -10.47 -49.01 2.21
N SER J 19 -9.13 -49.03 2.25
CA SER J 19 -8.41 -48.92 3.51
C SER J 19 -8.31 -47.45 3.93
N LEU J 20 -8.83 -47.13 5.11
CA LEU J 20 -8.76 -45.79 5.67
C LEU J 20 -7.72 -45.69 6.77
N GLY J 21 -7.79 -46.57 7.77
CA GLY J 21 -6.84 -46.55 8.87
C GLY J 21 -6.13 -47.87 9.06
N SER J 22 -5.66 -48.13 10.28
CA SER J 22 -4.96 -49.36 10.61
C SER J 22 -6.00 -50.42 10.98
N ARG J 23 -5.90 -51.60 10.35
CA ARG J 23 -6.85 -52.66 10.54
C ARG J 23 -6.18 -53.94 11.02
N SER J 24 -6.91 -54.69 11.83
CA SER J 24 -6.57 -56.07 12.19
C SER J 24 -7.76 -56.91 11.71
N VAL J 25 -7.73 -57.28 10.44
CA VAL J 25 -8.86 -57.98 9.83
C VAL J 25 -8.79 -59.46 10.17
N ILE J 26 -9.87 -59.99 10.71
CA ILE J 26 -9.97 -61.40 11.11
C ILE J 26 -10.81 -62.12 10.07
N TRP J 27 -10.23 -63.13 9.44
CA TRP J 27 -10.90 -63.92 8.42
C TRP J 27 -11.46 -65.20 9.02
N TYR J 28 -12.58 -65.67 8.47
CA TYR J 28 -13.24 -66.87 8.93
C TYR J 28 -13.59 -67.76 7.76
N GLN J 29 -13.53 -69.08 7.99
CA GLN J 29 -13.84 -70.08 6.98
C GLN J 29 -15.02 -70.90 7.49
N GLN J 30 -16.14 -70.86 6.74
CA GLN J 30 -17.36 -71.57 7.11
C GLN J 30 -17.72 -72.54 5.98
N ARG J 31 -17.51 -73.82 6.21
CA ARG J 31 -17.97 -74.83 5.27
C ARG J 31 -19.50 -74.92 5.32
N PRO J 32 -20.17 -75.04 4.17
CA PRO J 32 -21.63 -75.21 4.19
C PRO J 32 -22.03 -76.48 4.90
N GLY J 33 -23.02 -76.36 5.79
CA GLY J 33 -23.43 -77.48 6.62
C GLY J 33 -22.56 -77.74 7.83
N GLN J 34 -21.52 -76.94 8.04
CA GLN J 34 -20.61 -77.13 9.15
C GLN J 34 -20.37 -75.79 9.84
N ALA J 35 -19.86 -75.87 11.07
CA ALA J 35 -19.56 -74.67 11.84
C ALA J 35 -18.35 -73.94 11.25
N PRO J 36 -18.32 -72.62 11.34
CA PRO J 36 -17.16 -71.87 10.85
C PRO J 36 -15.93 -72.11 11.72
N SER J 37 -14.76 -71.86 11.13
CA SER J 37 -13.49 -72.05 11.79
C SER J 37 -12.57 -70.86 11.53
N LEU J 38 -11.64 -70.64 12.45
CA LEU J 38 -10.69 -69.54 12.34
C LEU J 38 -9.56 -69.89 11.39
N ILE J 39 -9.18 -68.92 10.55
CA ILE J 39 -8.09 -69.12 9.61
C ILE J 39 -7.00 -68.06 9.78
N ILE J 40 -7.38 -66.79 9.93
CA ILE J 40 -6.46 -65.67 9.86
C ILE J 40 -6.78 -64.69 10.98
N TYR J 41 -5.75 -64.29 11.73
CA TYR J 41 -5.83 -63.14 12.62
C TYR J 41 -4.60 -62.25 12.41
N ASN J 42 -4.82 -60.94 12.57
CA ASN J 42 -3.77 -59.91 12.41
C ASN J 42 -3.17 -59.90 11.00
N ASN J 43 -3.93 -60.41 10.02
CA ASN J 43 -3.69 -60.29 8.59
C ASN J 43 -2.50 -61.10 8.08
N ASN J 44 -1.69 -61.67 8.99
CA ASN J 44 -0.58 -62.49 8.55
C ASN J 44 -0.31 -63.70 9.43
N ASP J 45 -1.12 -63.97 10.45
CA ASP J 45 -0.82 -65.01 11.42
C ASP J 45 -1.83 -66.15 11.28
N ARG J 46 -1.34 -67.37 11.54
CA ARG J 46 -2.13 -68.58 11.45
C ARG J 46 -2.04 -69.37 12.76
N PRO J 47 -3.14 -69.95 13.22
CA PRO J 47 -3.07 -70.83 14.39
C PRO J 47 -2.36 -72.14 14.06
N SER J 48 -2.16 -72.94 15.10
CA SER J 48 -1.48 -74.22 14.94
C SER J 48 -2.39 -75.23 14.24
N GLY J 49 -1.78 -76.08 13.42
CA GLY J 49 -2.49 -77.16 12.75
C GLY J 49 -2.84 -76.91 11.30
N ILE J 50 -2.45 -75.78 10.74
CA ILE J 50 -2.76 -75.47 9.34
C ILE J 50 -1.47 -75.05 8.63
N PRO J 51 -1.35 -75.28 7.33
CA PRO J 51 -0.12 -74.89 6.61
C PRO J 51 -0.09 -73.39 6.36
N ASP J 52 0.99 -72.95 5.71
CA ASP J 52 1.24 -71.55 5.43
C ASP J 52 0.66 -71.08 4.10
N ARG J 53 -0.12 -71.94 3.43
CA ARG J 53 -0.70 -71.59 2.14
C ARG J 53 -1.76 -70.50 2.27
N PHE J 54 -2.32 -70.29 3.45
CA PHE J 54 -3.32 -69.24 3.67
C PHE J 54 -2.60 -67.99 4.15
N SER J 55 -2.64 -66.94 3.33
CA SER J 55 -1.97 -65.68 3.65
C SER J 55 -2.91 -64.52 3.34
N GLY J 56 -2.78 -63.45 4.13
CA GLY J 56 -3.60 -62.27 3.94
C GLY J 56 -2.79 -61.02 3.68
N SER J 57 -3.40 -60.03 3.06
CA SER J 57 -2.72 -58.78 2.80
C SER J 57 -2.56 -57.98 4.10
N PRO J 58 -1.37 -57.49 4.41
CA PRO J 58 -1.20 -56.69 5.63
C PRO J 58 -1.94 -55.37 5.54
N GLY J 59 -2.38 -54.88 6.70
CA GLY J 59 -3.11 -53.63 6.77
C GLY J 59 -2.21 -52.44 7.00
N SER J 60 -1.26 -52.23 6.09
CA SER J 60 -0.32 -51.11 6.18
C SER J 60 -0.56 -50.06 5.10
N THR J 61 -0.73 -50.47 3.86
CA THR J 61 -0.95 -49.53 2.77
C THR J 61 -2.35 -48.95 2.87
N PHE J 62 -2.45 -47.62 2.78
CA PHE J 62 -3.71 -46.91 2.87
C PHE J 62 -4.27 -46.64 1.48
N GLY J 63 -5.58 -46.75 1.35
CA GLY J 63 -6.23 -46.58 0.06
C GLY J 63 -6.33 -47.82 -0.78
N THR J 64 -6.12 -49.00 -0.19
CA THR J 64 -6.19 -50.26 -0.90
C THR J 64 -7.31 -51.11 -0.32
N THR J 65 -7.38 -52.37 -0.78
CA THR J 65 -8.41 -53.30 -0.33
C THR J 65 -7.73 -54.51 0.31
N ALA J 66 -8.37 -55.04 1.36
CA ALA J 66 -7.87 -56.24 2.02
C ALA J 66 -8.02 -57.44 1.09
N THR J 67 -6.93 -58.20 0.93
CA THR J 67 -6.90 -59.30 -0.01
C THR J 67 -6.45 -60.58 0.68
N LEU J 68 -7.14 -61.67 0.39
CA LEU J 68 -6.77 -63.00 0.87
C LEU J 68 -6.14 -63.77 -0.29
N THR J 69 -4.92 -64.23 -0.10
CA THR J 69 -4.18 -64.94 -1.13
C THR J 69 -3.96 -66.38 -0.69
N ILE J 70 -4.42 -67.33 -1.51
CA ILE J 70 -4.28 -68.75 -1.24
C ILE J 70 -3.49 -69.37 -2.38
N THR J 71 -2.35 -69.96 -2.07
CA THR J 71 -1.51 -70.63 -3.04
C THR J 71 -1.70 -72.15 -2.95
N SER J 72 -1.38 -72.81 -4.06
CA SER J 72 -1.54 -74.27 -4.21
C SER J 72 -2.98 -74.70 -3.93
N VAL J 73 -3.89 -74.21 -4.78
CA VAL J 73 -5.32 -74.44 -4.58
C VAL J 73 -5.62 -75.90 -4.90
N GLU J 74 -6.21 -76.59 -3.94
CA GLU J 74 -6.61 -77.99 -4.08
C GLU J 74 -8.12 -78.12 -4.00
N ALA J 75 -8.62 -79.35 -4.08
CA ALA J 75 -10.05 -79.59 -4.10
C ALA J 75 -10.70 -79.33 -2.75
N GLY J 76 -9.94 -79.33 -1.66
CA GLY J 76 -10.48 -79.08 -0.35
C GLY J 76 -10.69 -77.63 0.02
N ASP J 77 -10.33 -76.71 -0.86
CA ASP J 77 -10.46 -75.28 -0.60
C ASP J 77 -11.75 -74.68 -1.14
N GLU J 78 -12.61 -75.49 -1.75
CA GLU J 78 -13.88 -74.99 -2.30
C GLU J 78 -14.85 -74.74 -1.16
N ALA J 79 -14.92 -73.49 -0.71
CA ALA J 79 -15.77 -73.10 0.41
C ALA J 79 -15.99 -71.60 0.36
N ASP J 80 -16.55 -71.05 1.42
CA ASP J 80 -16.84 -69.62 1.54
C ASP J 80 -15.99 -68.99 2.63
N TYR J 81 -15.59 -67.74 2.40
CA TYR J 81 -14.74 -67.00 3.32
C TYR J 81 -15.46 -65.72 3.75
N TYR J 82 -15.11 -65.24 4.94
CA TYR J 82 -15.67 -64.02 5.50
C TYR J 82 -14.54 -63.12 5.99
N CYS J 83 -14.83 -61.82 6.04
CA CYS J 83 -13.88 -60.83 6.54
C CYS J 83 -14.55 -59.96 7.59
N HIS J 84 -13.79 -59.59 8.61
CA HIS J 84 -14.27 -58.78 9.72
C HIS J 84 -13.38 -57.55 9.85
N ILE J 85 -14.01 -56.38 9.96
CA ILE J 85 -13.31 -55.10 9.86
C ILE J 85 -13.25 -54.47 11.24
N TRP J 86 -12.03 -54.19 11.71
CA TRP J 86 -11.78 -53.37 12.90
C TRP J 86 -10.95 -52.17 12.48
N ASP J 87 -11.48 -50.97 12.71
CA ASP J 87 -10.81 -49.75 12.31
C ASP J 87 -10.79 -48.76 13.47
N SER J 88 -9.73 -47.96 13.53
CA SER J 88 -9.59 -46.97 14.59
C SER J 88 -10.50 -45.77 14.37
N ARG J 89 -10.60 -45.30 13.13
CA ARG J 89 -11.40 -44.12 12.81
C ARG J 89 -12.87 -44.44 12.55
N ARG J 90 -13.17 -45.63 12.08
CA ARG J 90 -14.51 -46.14 11.89
C ARG J 90 -15.00 -46.82 13.17
N PRO J 91 -16.29 -46.88 13.43
CA PRO J 91 -16.76 -47.54 14.66
C PRO J 91 -16.64 -49.05 14.56
N THR J 92 -16.90 -49.71 15.68
CA THR J 92 -16.77 -51.16 15.78
C THR J 92 -17.83 -51.83 14.89
N ASN J 93 -17.39 -52.41 13.78
CA ASN J 93 -18.27 -53.06 12.84
C ASN J 93 -18.46 -54.52 13.27
N TRP J 94 -19.61 -54.81 13.88
CA TRP J 94 -19.92 -56.17 14.30
C TRP J 94 -20.53 -57.00 13.18
N VAL J 95 -20.80 -56.40 12.03
CA VAL J 95 -21.33 -57.13 10.89
C VAL J 95 -20.16 -57.67 10.06
N PHE J 96 -20.27 -58.91 9.62
CA PHE J 96 -19.23 -59.53 8.84
C PHE J 96 -19.28 -59.02 7.39
N GLY J 97 -18.18 -59.23 6.68
CA GLY J 97 -18.11 -58.81 5.29
C GLY J 97 -18.89 -59.73 4.38
N GLU J 98 -19.05 -59.28 3.14
CA GLU J 98 -19.77 -60.07 2.15
C GLU J 98 -18.96 -61.31 1.77
N GLY J 99 -19.62 -62.46 1.80
CA GLY J 99 -18.94 -63.71 1.51
C GLY J 99 -18.60 -63.86 0.04
N THR J 100 -17.50 -64.53 -0.23
CA THR J 100 -17.04 -64.82 -1.59
C THR J 100 -16.96 -66.33 -1.77
N THR J 101 -17.62 -66.83 -2.81
CA THR J 101 -17.68 -68.26 -3.08
C THR J 101 -16.52 -68.66 -3.97
N LEU J 102 -15.64 -69.51 -3.46
CA LEU J 102 -14.50 -70.02 -4.21
C LEU J 102 -14.86 -71.38 -4.78
N ILE J 103 -14.72 -71.53 -6.09
CA ILE J 103 -15.06 -72.77 -6.80
C ILE J 103 -13.77 -73.39 -7.33
N VAL J 104 -13.57 -74.67 -7.01
CA VAL J 104 -12.38 -75.41 -7.43
C VAL J 104 -12.81 -76.42 -8.48
N LEU J 105 -12.23 -76.30 -9.68
CA LEU J 105 -12.57 -77.18 -10.78
C LEU J 105 -11.77 -78.49 -10.69
N GLN K 1 -29.69 -4.94 -79.16
CA GLN K 1 -29.31 -5.07 -77.76
C GLN K 1 -30.08 -6.19 -77.08
N VAL K 2 -29.96 -6.29 -75.76
CA VAL K 2 -30.52 -7.41 -75.02
C VAL K 2 -32.02 -7.20 -74.82
N HIS K 3 -32.81 -8.21 -75.18
CA HIS K 3 -34.25 -8.20 -74.98
C HIS K 3 -34.65 -9.39 -74.14
N LEU K 4 -35.45 -9.13 -73.10
CA LEU K 4 -35.96 -10.18 -72.22
C LEU K 4 -37.48 -10.16 -72.22
N GLN K 5 -38.08 -11.33 -72.37
CA GLN K 5 -39.53 -11.49 -72.38
C GLN K 5 -39.92 -12.58 -71.40
N GLU K 6 -40.88 -12.28 -70.54
CA GLU K 6 -41.35 -13.21 -69.52
C GLU K 6 -42.65 -13.87 -69.98
N SER K 7 -42.86 -15.10 -69.52
CA SER K 7 -44.07 -15.85 -69.83
C SER K 7 -44.39 -16.79 -68.67
N GLY K 8 -45.65 -17.19 -68.59
CA GLY K 8 -46.10 -18.08 -67.55
C GLY K 8 -47.58 -18.42 -67.68
N PRO K 9 -48.08 -19.25 -66.77
CA PRO K 9 -49.51 -19.62 -66.83
C PRO K 9 -50.44 -18.54 -66.33
N GLY K 10 -49.95 -17.56 -65.57
CA GLY K 10 -50.80 -16.49 -65.07
C GLY K 10 -51.49 -16.83 -63.76
N LEU K 11 -52.26 -17.91 -63.75
CA LEU K 11 -53.00 -18.35 -62.58
C LEU K 11 -52.47 -19.69 -62.11
N VAL K 12 -52.18 -19.79 -60.82
CA VAL K 12 -51.69 -21.02 -60.21
C VAL K 12 -52.47 -21.30 -58.94
N LYS K 13 -52.82 -22.57 -58.73
CA LYS K 13 -53.58 -22.97 -57.56
C LYS K 13 -52.68 -23.04 -56.33
N PRO K 14 -53.27 -22.97 -55.13
CA PRO K 14 -52.48 -23.18 -53.90
C PRO K 14 -51.84 -24.56 -53.87
N SER K 15 -50.67 -24.62 -53.23
CA SER K 15 -49.87 -25.83 -53.05
C SER K 15 -49.45 -26.46 -54.37
N GLU K 16 -49.31 -25.65 -55.42
CA GLU K 16 -48.84 -26.12 -56.72
C GLU K 16 -47.44 -25.59 -56.99
N THR K 17 -46.84 -26.10 -58.06
CA THR K 17 -45.50 -25.71 -58.46
C THR K 17 -45.60 -24.60 -59.51
N LEU K 18 -45.03 -23.44 -59.21
CA LEU K 18 -45.06 -22.30 -60.11
C LEU K 18 -43.86 -22.36 -61.06
N SER K 19 -44.13 -22.28 -62.35
CA SER K 19 -43.10 -22.33 -63.39
C SER K 19 -43.23 -21.11 -64.28
N LEU K 20 -42.10 -20.43 -64.51
CA LEU K 20 -42.05 -19.26 -65.37
C LEU K 20 -40.89 -19.41 -66.35
N THR K 21 -41.05 -18.81 -67.52
CA THR K 21 -40.04 -18.86 -68.57
C THR K 21 -39.66 -17.44 -68.97
N CYS K 22 -38.36 -17.16 -68.98
CA CYS K 22 -37.84 -15.85 -69.37
C CYS K 22 -37.06 -16.01 -70.67
N ASN K 23 -37.62 -15.49 -71.76
CA ASN K 23 -36.96 -15.58 -73.06
C ASN K 23 -35.76 -14.63 -73.10
N VAL K 24 -34.63 -15.14 -73.57
CA VAL K 24 -33.39 -14.38 -73.63
C VAL K 24 -32.95 -14.29 -75.09
N SER K 25 -32.75 -13.07 -75.58
CA SER K 25 -32.28 -12.83 -76.93
C SER K 25 -31.19 -11.77 -76.92
N GLY K 26 -30.24 -11.89 -77.84
CA GLY K 26 -29.16 -10.93 -77.96
C GLY K 26 -27.95 -11.20 -77.10
N THR K 27 -28.00 -12.21 -76.22
CA THR K 27 -26.88 -12.54 -75.36
C THR K 27 -26.96 -14.01 -74.97
N LEU K 28 -25.85 -14.52 -74.46
CA LEU K 28 -25.76 -15.91 -74.03
C LEU K 28 -26.02 -16.02 -72.54
N VAL K 29 -26.78 -17.04 -72.16
CA VAL K 29 -27.13 -17.23 -70.75
C VAL K 29 -25.94 -17.67 -69.92
N ARG K 30 -24.90 -18.22 -70.55
CA ARG K 30 -23.74 -18.71 -69.81
C ARG K 30 -22.87 -17.58 -69.31
N ASP K 31 -22.80 -16.47 -70.04
CA ASP K 31 -21.88 -15.39 -69.74
C ASP K 31 -22.48 -14.31 -68.84
N ASN K 32 -23.72 -14.46 -68.41
CA ASN K 32 -24.38 -13.44 -67.60
C ASN K 32 -25.04 -14.07 -66.39
N TYR K 33 -24.98 -13.36 -65.25
CA TYR K 33 -25.72 -13.76 -64.07
C TYR K 33 -27.21 -13.46 -64.24
N TRP K 34 -28.04 -14.23 -63.54
CA TRP K 34 -29.49 -14.10 -63.65
C TRP K 34 -30.10 -13.99 -62.26
N SER K 35 -31.12 -13.13 -62.14
CA SER K 35 -31.82 -12.92 -60.89
C SER K 35 -33.32 -12.87 -61.15
N TRP K 36 -34.09 -13.22 -60.13
CA TRP K 36 -35.55 -13.19 -60.18
C TRP K 36 -36.06 -12.27 -59.08
N ILE K 37 -36.82 -11.25 -59.45
CA ILE K 37 -37.32 -10.24 -58.52
C ILE K 37 -38.84 -10.25 -58.58
N ARG K 38 -39.47 -10.38 -57.41
CA ARG K 38 -40.92 -10.31 -57.29
C ARG K 38 -41.31 -9.03 -56.56
N GLN K 39 -42.47 -8.50 -56.91
CA GLN K 39 -42.97 -7.25 -56.35
C GLN K 39 -44.41 -7.43 -55.87
N PRO K 40 -44.66 -7.46 -54.57
CA PRO K 40 -46.04 -7.51 -54.08
C PRO K 40 -46.78 -6.21 -54.36
N LEU K 41 -48.11 -6.32 -54.37
CA LEU K 41 -48.96 -5.16 -54.63
C LEU K 41 -48.85 -4.16 -53.49
N GLY K 42 -48.42 -2.94 -53.79
CA GLY K 42 -48.26 -1.91 -52.78
C GLY K 42 -47.05 -2.08 -51.88
N LYS K 43 -46.11 -2.94 -52.24
CA LYS K 43 -44.94 -3.21 -51.41
C LYS K 43 -43.67 -3.09 -52.25
N GLN K 44 -42.54 -3.01 -51.57
CA GLN K 44 -41.25 -2.93 -52.23
C GLN K 44 -40.93 -4.26 -52.92
N PRO K 45 -40.13 -4.23 -53.98
CA PRO K 45 -39.74 -5.47 -54.65
C PRO K 45 -38.90 -6.36 -53.75
N GLU K 46 -39.00 -7.67 -53.97
CA GLU K 46 -38.30 -8.67 -53.17
C GLU K 46 -37.36 -9.46 -54.06
N TRP K 47 -36.24 -9.89 -53.48
CA TRP K 47 -35.20 -10.62 -54.20
C TRP K 47 -35.23 -12.08 -53.81
N ILE K 48 -35.25 -12.97 -54.80
CA ILE K 48 -35.27 -14.41 -54.56
C ILE K 48 -33.86 -14.97 -54.48
N GLY K 49 -33.03 -14.67 -55.47
CA GLY K 49 -31.67 -15.15 -55.47
C GLY K 49 -31.03 -14.96 -56.83
N TYR K 50 -29.77 -15.36 -56.90
CA TYR K 50 -28.98 -15.29 -58.14
C TYR K 50 -28.55 -16.69 -58.54
N VAL K 51 -28.43 -16.91 -59.85
CA VAL K 51 -28.06 -18.21 -60.39
C VAL K 51 -27.13 -18.00 -61.58
N HIS K 52 -26.19 -18.94 -61.73
CA HIS K 52 -25.23 -18.88 -62.82
C HIS K 52 -24.79 -20.30 -63.17
N ASP K 53 -24.26 -20.46 -64.38
CA ASP K 53 -23.80 -21.77 -64.83
C ASP K 53 -22.53 -22.22 -64.12
N SER K 54 -21.78 -21.29 -63.53
CA SER K 54 -20.54 -21.62 -62.84
C SER K 54 -20.77 -22.28 -61.49
N GLY K 55 -21.99 -22.27 -60.97
CA GLY K 55 -22.30 -22.89 -59.70
C GLY K 55 -22.44 -21.92 -58.54
N ASP K 56 -22.08 -20.65 -58.72
CA ASP K 56 -22.20 -19.64 -57.67
C ASP K 56 -23.66 -19.23 -57.56
N THR K 57 -24.43 -20.05 -56.85
CA THR K 57 -25.87 -19.87 -56.72
C THR K 57 -26.25 -19.84 -55.25
N ASN K 58 -26.97 -18.81 -54.84
CA ASN K 58 -27.52 -18.71 -53.50
C ASN K 58 -28.92 -18.14 -53.58
N TYR K 59 -29.76 -18.51 -52.62
CA TYR K 59 -31.16 -18.12 -52.58
C TYR K 59 -31.43 -17.24 -51.37
N ASN K 60 -32.63 -16.69 -51.33
CA ASN K 60 -33.10 -15.98 -50.15
C ASN K 60 -33.27 -16.97 -49.01
N PRO K 61 -32.69 -16.73 -47.83
CA PRO K 61 -32.86 -17.67 -46.71
C PRO K 61 -34.30 -17.85 -46.27
N SER K 62 -35.17 -16.86 -46.50
CA SER K 62 -36.58 -17.01 -46.16
C SER K 62 -37.27 -18.02 -47.06
N LEU K 63 -36.85 -18.13 -48.32
CA LEU K 63 -37.46 -19.03 -49.29
C LEU K 63 -36.45 -20.01 -49.87
N LYS K 64 -35.45 -20.40 -49.07
CA LYS K 64 -34.38 -21.27 -49.57
C LYS K 64 -34.90 -22.67 -49.89
N SER K 65 -35.78 -23.20 -49.05
CA SER K 65 -36.20 -24.59 -49.15
C SER K 65 -37.40 -24.81 -50.08
N ARG K 66 -37.88 -23.76 -50.76
CA ARG K 66 -39.07 -23.89 -51.58
C ARG K 66 -38.89 -23.51 -53.04
N VAL K 67 -37.79 -22.85 -53.42
CA VAL K 67 -37.61 -22.39 -54.79
C VAL K 67 -36.47 -23.15 -55.44
N HIS K 68 -36.61 -23.38 -56.75
CA HIS K 68 -35.60 -24.04 -57.57
C HIS K 68 -35.42 -23.23 -58.85
N LEU K 69 -34.15 -23.05 -59.25
CA LEU K 69 -33.82 -22.32 -60.47
C LEU K 69 -32.91 -23.18 -61.33
N SER K 70 -33.05 -23.03 -62.65
CA SER K 70 -32.24 -23.78 -63.60
C SER K 70 -32.10 -22.97 -64.87
N LEU K 71 -31.11 -23.34 -65.68
CA LEU K 71 -30.83 -22.67 -66.94
C LEU K 71 -30.91 -23.67 -68.09
N ASP K 72 -31.48 -23.24 -69.21
CA ASP K 72 -31.56 -24.04 -70.42
C ASP K 72 -30.61 -23.41 -71.44
N LYS K 73 -29.42 -24.00 -71.57
CA LYS K 73 -28.42 -23.46 -72.48
C LYS K 73 -28.80 -23.70 -73.94
N SER K 74 -29.50 -24.80 -74.24
CA SER K 74 -29.88 -25.09 -75.61
C SER K 74 -30.95 -24.11 -76.11
N LYS K 75 -31.93 -23.80 -75.28
CA LYS K 75 -33.01 -22.90 -75.67
C LYS K 75 -32.77 -21.45 -75.28
N ASN K 76 -31.69 -21.17 -74.54
CA ASN K 76 -31.32 -19.82 -74.10
C ASN K 76 -32.44 -19.15 -73.30
N LEU K 77 -32.78 -19.78 -72.17
CA LEU K 77 -33.82 -19.24 -71.30
C LEU K 77 -33.52 -19.67 -69.86
N VAL K 78 -34.10 -18.92 -68.92
CA VAL K 78 -33.95 -19.17 -67.50
C VAL K 78 -35.32 -19.45 -66.91
N SER K 79 -35.45 -20.52 -66.14
CA SER K 79 -36.71 -20.94 -65.56
C SER K 79 -36.61 -20.98 -64.04
N LEU K 80 -37.75 -20.78 -63.39
CA LEU K 80 -37.87 -20.83 -61.94
C LEU K 80 -38.95 -21.83 -61.55
N ARG K 81 -38.67 -22.60 -60.51
CA ARG K 81 -39.62 -23.57 -59.97
C ARG K 81 -39.82 -23.28 -58.49
N LEU K 82 -41.06 -23.00 -58.10
CA LEU K 82 -41.40 -22.67 -56.72
C LEU K 82 -42.55 -23.56 -56.27
N THR K 83 -42.29 -24.39 -55.26
CA THR K 83 -43.27 -25.32 -54.73
C THR K 83 -43.83 -24.82 -53.41
N GLY K 84 -45.04 -25.30 -53.09
CA GLY K 84 -45.71 -24.93 -51.86
C GLY K 84 -46.09 -23.46 -51.80
N VAL K 85 -46.66 -22.94 -52.88
CA VAL K 85 -47.03 -21.53 -52.94
C VAL K 85 -48.23 -21.27 -52.03
N THR K 86 -48.26 -20.08 -51.44
CA THR K 86 -49.34 -19.66 -50.55
C THR K 86 -49.98 -18.39 -51.12
N ALA K 87 -50.92 -17.83 -50.36
CA ALA K 87 -51.58 -16.60 -50.78
C ALA K 87 -50.66 -15.39 -50.68
N ALA K 88 -49.65 -15.46 -49.81
CA ALA K 88 -48.70 -14.36 -49.66
C ALA K 88 -47.69 -14.29 -50.80
N ASP K 89 -47.63 -15.31 -51.66
CA ASP K 89 -46.69 -15.33 -52.76
C ASP K 89 -47.24 -14.68 -54.03
N SER K 90 -48.45 -14.13 -53.98
CA SER K 90 -49.04 -13.45 -55.13
C SER K 90 -48.32 -12.13 -55.36
N ALA K 91 -47.52 -12.07 -56.44
CA ALA K 91 -46.74 -10.88 -56.73
C ALA K 91 -46.43 -10.86 -58.22
N ILE K 92 -45.89 -9.73 -58.69
CA ILE K 92 -45.48 -9.56 -60.08
C ILE K 92 -44.01 -9.85 -60.18
N TYR K 93 -43.65 -10.78 -61.06
CA TYR K 93 -42.28 -11.27 -61.20
C TYR K 93 -41.62 -10.66 -62.43
N TYR K 94 -40.35 -10.31 -62.29
CA TYR K 94 -39.58 -9.69 -63.37
C TYR K 94 -38.27 -10.45 -63.56
N CYS K 95 -37.90 -10.64 -64.83
CA CYS K 95 -36.64 -11.27 -65.20
C CYS K 95 -35.67 -10.21 -65.70
N ALA K 96 -34.48 -10.16 -65.11
CA ALA K 96 -33.51 -9.13 -65.46
C ALA K 96 -32.10 -9.71 -65.33
N THR K 97 -31.20 -9.17 -66.15
CA THR K 97 -29.79 -9.56 -66.07
C THR K 97 -29.13 -8.96 -64.84
N THR K 98 -28.06 -9.62 -64.38
CA THR K 98 -27.33 -9.18 -63.20
C THR K 98 -25.86 -9.00 -63.55
N LYS K 99 -25.31 -7.85 -63.16
CA LYS K 99 -23.89 -7.56 -63.29
C LYS K 99 -23.35 -7.22 -61.90
N HIS K 100 -22.22 -7.82 -61.54
CA HIS K 100 -21.65 -7.66 -60.20
C HIS K 100 -20.29 -6.98 -60.29
N GLY K 101 -20.06 -6.01 -59.41
CA GLY K 101 -18.76 -5.39 -59.27
C GLY K 101 -18.32 -5.39 -57.83
N ARG K 102 -17.23 -6.10 -57.54
CA ARG K 102 -16.78 -6.25 -56.17
C ARG K 102 -16.13 -4.97 -55.66
N ARG K 103 -16.53 -4.53 -54.48
CA ARG K 103 -16.00 -3.33 -53.85
C ARG K 103 -14.83 -3.72 -52.95
N ILE K 104 -13.69 -3.05 -53.14
CA ILE K 104 -12.46 -3.40 -52.43
C ILE K 104 -12.34 -2.43 -51.26
N TYR K 105 -12.85 -2.84 -50.10
CA TYR K 105 -12.71 -2.10 -48.85
C TYR K 105 -11.94 -3.00 -47.89
N GLY K 106 -10.62 -2.93 -47.96
CA GLY K 106 -9.76 -3.75 -47.13
C GLY K 106 -8.32 -3.32 -47.32
N VAL K 107 -7.39 -4.26 -47.19
CA VAL K 107 -6.05 -3.92 -47.66
C VAL K 107 -5.91 -4.33 -49.13
N VAL K 108 -5.73 -5.63 -49.42
CA VAL K 108 -6.56 -6.50 -50.26
C VAL K 108 -6.32 -7.88 -49.66
N ALA K 109 -7.19 -8.32 -48.73
CA ALA K 109 -6.99 -9.58 -48.02
C ALA K 109 -8.10 -9.92 -47.04
N PHE K 110 -8.02 -11.13 -46.47
CA PHE K 110 -8.81 -11.60 -45.33
C PHE K 110 -10.31 -11.57 -45.60
N LYS K 111 -10.71 -11.65 -46.87
CA LYS K 111 -12.12 -11.60 -47.30
C LYS K 111 -12.81 -10.33 -46.81
N GLU K 112 -12.05 -9.24 -46.64
CA GLU K 112 -12.61 -7.99 -46.17
C GLU K 112 -13.43 -7.29 -47.25
N TRP K 113 -13.14 -7.56 -48.52
CA TRP K 113 -14.01 -7.13 -49.61
C TRP K 113 -15.36 -7.82 -49.52
N PHE K 114 -16.41 -7.10 -49.89
CA PHE K 114 -17.76 -7.64 -49.91
C PHE K 114 -18.29 -7.64 -51.34
N THR K 115 -19.00 -8.70 -51.70
CA THR K 115 -19.56 -8.86 -53.04
C THR K 115 -21.04 -8.51 -53.03
N TYR K 116 -21.45 -7.69 -53.99
CA TYR K 116 -22.83 -7.26 -54.11
C TYR K 116 -23.31 -7.49 -55.54
N PHE K 117 -24.61 -7.34 -55.73
CA PHE K 117 -25.23 -7.51 -57.05
C PHE K 117 -26.21 -6.38 -57.29
N TYR K 118 -26.15 -5.79 -58.48
CA TYR K 118 -27.11 -4.78 -58.92
C TYR K 118 -27.64 -5.18 -60.28
N MET K 119 -28.94 -4.96 -60.49
CA MET K 119 -29.58 -5.32 -61.75
C MET K 119 -29.26 -4.25 -62.78
N ASP K 120 -28.40 -4.57 -63.74
CA ASP K 120 -28.01 -3.61 -64.76
C ASP K 120 -29.09 -3.49 -65.84
N VAL K 121 -29.37 -4.58 -66.53
CA VAL K 121 -30.41 -4.59 -67.56
C VAL K 121 -31.49 -5.60 -67.20
N TRP K 122 -34.52 -5.25 -68.17
CA TRP K 122 -35.72 -5.75 -67.52
C TRP K 122 -36.82 -5.99 -68.55
N GLY K 123 -37.54 -7.11 -68.40
CA GLY K 123 -38.64 -7.43 -69.27
C GLY K 123 -39.92 -6.73 -68.85
N LYS K 124 -40.99 -7.01 -69.62
CA LYS K 124 -42.29 -6.41 -69.32
C LYS K 124 -42.93 -7.00 -68.08
N GLY K 125 -42.53 -8.21 -67.68
CA GLY K 125 -43.07 -8.84 -66.50
C GLY K 125 -44.32 -9.66 -66.78
N THR K 126 -44.67 -10.49 -65.79
CA THR K 126 -45.84 -11.35 -65.87
C THR K 126 -46.63 -11.26 -64.57
N SER K 127 -47.92 -11.55 -64.65
CA SER K 127 -48.82 -11.46 -63.51
C SER K 127 -49.07 -12.87 -62.96
N VAL K 128 -48.84 -13.04 -61.66
CA VAL K 128 -49.03 -14.31 -60.98
C VAL K 128 -50.06 -14.10 -59.87
N THR K 129 -51.12 -14.88 -59.89
CA THR K 129 -52.19 -14.78 -58.91
C THR K 129 -52.42 -16.16 -58.29
N VAL K 130 -52.48 -16.20 -56.96
CA VAL K 130 -52.73 -17.43 -56.22
C VAL K 130 -54.09 -17.30 -55.56
N SER K 131 -55.03 -18.15 -55.97
CA SER K 131 -56.37 -18.15 -55.40
C SER K 131 -56.99 -19.52 -55.61
N SER K 132 -57.97 -19.84 -54.76
CA SER K 132 -58.66 -21.12 -54.83
C SER K 132 -59.77 -21.09 -55.88
N THR L 1 -43.14 8.62 -46.71
CA THR L 1 -43.63 9.99 -46.64
C THR L 1 -43.97 10.54 -48.01
N PHE L 2 -44.51 11.75 -48.05
CA PHE L 2 -44.92 12.40 -49.29
C PHE L 2 -44.33 13.79 -49.35
N VAL L 3 -43.84 14.19 -50.52
CA VAL L 3 -43.29 15.51 -50.76
C VAL L 3 -43.86 16.04 -52.08
N SER L 4 -44.20 17.33 -52.10
CA SER L 4 -44.80 17.96 -53.27
C SER L 4 -44.36 19.42 -53.32
N VAL L 5 -43.37 19.72 -54.16
CA VAL L 5 -42.83 21.06 -54.30
C VAL L 5 -42.88 21.44 -55.78
N ALA L 6 -43.10 22.73 -56.06
CA ALA L 6 -43.23 23.23 -57.41
C ALA L 6 -41.94 23.02 -58.20
N PRO L 7 -42.04 22.82 -59.52
CA PRO L 7 -40.84 22.51 -60.32
C PRO L 7 -39.93 23.73 -60.49
N GLY L 8 -38.73 23.46 -61.03
CA GLY L 8 -37.74 24.48 -61.29
C GLY L 8 -36.69 24.64 -60.21
N GLN L 9 -36.89 24.03 -59.05
CA GLN L 9 -36.02 24.15 -57.90
C GLN L 9 -35.29 22.82 -57.66
N THR L 10 -34.40 22.80 -56.67
CA THR L 10 -33.61 21.61 -56.36
C THR L 10 -34.12 20.95 -55.08
N ALA L 11 -34.56 19.70 -55.20
CA ALA L 11 -35.24 18.99 -54.13
C ALA L 11 -34.30 18.00 -53.44
N ARG L 12 -34.75 17.47 -52.32
CA ARG L 12 -33.97 16.55 -51.51
C ARG L 12 -34.85 15.40 -51.03
N ILE L 13 -34.29 14.20 -51.02
CA ILE L 13 -34.99 12.99 -50.60
C ILE L 13 -34.13 12.26 -49.57
N THR L 14 -34.71 11.94 -48.42
CA THR L 14 -34.01 11.27 -47.33
C THR L 14 -34.60 9.89 -47.12
N CYS L 15 -33.73 8.89 -46.96
CA CYS L 15 -34.14 7.52 -46.75
C CYS L 15 -33.18 6.84 -45.77
N GLY L 16 -33.52 5.61 -45.39
CA GLY L 16 -32.63 4.79 -44.60
C GLY L 16 -32.54 5.22 -43.14
N GLU L 17 -31.63 4.55 -42.43
CA GLU L 17 -31.38 4.80 -41.02
C GLU L 17 -30.10 5.61 -40.86
N GLU L 18 -29.72 5.86 -39.61
CA GLU L 18 -28.55 6.65 -39.30
C GLU L 18 -27.27 5.88 -39.60
N SER L 19 -26.15 6.58 -39.54
CA SER L 19 -24.87 6.01 -39.93
C SER L 19 -24.40 4.97 -38.91
N LEU L 20 -23.96 3.83 -39.40
CA LEU L 20 -23.33 2.80 -38.59
C LEU L 20 -21.95 2.39 -39.12
N GLY L 21 -21.78 2.34 -40.44
CA GLY L 21 -20.49 2.03 -41.03
C GLY L 21 -20.39 2.55 -42.45
N SER L 22 -19.39 2.08 -43.19
CA SER L 22 -19.22 2.47 -44.58
C SER L 22 -20.32 1.86 -45.44
N ARG L 23 -20.73 2.61 -46.46
CA ARG L 23 -21.86 2.20 -47.29
C ARG L 23 -21.55 2.43 -48.77
N SER L 24 -22.30 1.72 -49.60
CA SER L 24 -22.37 1.97 -51.05
C SER L 24 -23.85 1.94 -51.41
N VAL L 25 -24.50 3.10 -51.29
CA VAL L 25 -25.95 3.20 -51.41
C VAL L 25 -26.35 3.11 -52.89
N ILE L 26 -27.42 2.36 -53.16
CA ILE L 26 -27.95 2.19 -54.49
C ILE L 26 -29.36 2.77 -54.52
N TRP L 27 -29.63 3.64 -55.49
CA TRP L 27 -30.90 4.32 -55.62
C TRP L 27 -31.63 3.86 -56.87
N TYR L 28 -32.96 3.91 -56.82
CA TYR L 28 -33.79 3.53 -57.95
C TYR L 28 -34.96 4.51 -58.08
N GLN L 29 -35.46 4.65 -59.29
CA GLN L 29 -36.62 5.47 -59.58
C GLN L 29 -37.71 4.60 -60.20
N GLN L 30 -38.91 4.64 -59.62
CA GLN L 30 -40.02 3.79 -60.03
C GLN L 30 -41.11 4.67 -60.64
N ARG L 31 -41.13 4.76 -61.97
CA ARG L 31 -42.23 5.43 -62.63
C ARG L 31 -43.46 4.51 -62.66
N PRO L 32 -44.66 5.08 -62.62
CA PRO L 32 -45.86 4.23 -62.58
C PRO L 32 -46.03 3.43 -63.87
N GLY L 33 -46.47 2.18 -63.71
CA GLY L 33 -46.77 1.31 -64.83
C GLY L 33 -45.57 0.64 -65.47
N GLN L 34 -44.37 0.83 -64.95
CA GLN L 34 -43.17 0.26 -65.55
C GLN L 34 -42.29 -0.36 -64.47
N ALA L 35 -41.27 -1.08 -64.92
CA ALA L 35 -40.33 -1.74 -64.02
C ALA L 35 -39.41 -0.72 -63.36
N PRO L 36 -38.82 -1.05 -62.21
CA PRO L 36 -37.80 -0.18 -61.62
C PRO L 36 -36.60 -0.01 -62.55
N SER L 37 -36.02 1.20 -62.53
CA SER L 37 -34.88 1.53 -63.35
C SER L 37 -33.78 2.11 -62.47
N LEU L 38 -32.53 1.71 -62.76
CA LEU L 38 -31.39 2.20 -62.01
C LEU L 38 -31.06 3.63 -62.43
N ILE L 39 -30.89 4.51 -61.45
CA ILE L 39 -30.57 5.91 -61.69
C ILE L 39 -29.18 6.26 -61.16
N ILE L 40 -28.93 6.01 -59.87
CA ILE L 40 -27.65 6.32 -59.24
C ILE L 40 -27.20 5.10 -58.45
N TYR L 41 -25.99 4.62 -58.73
CA TYR L 41 -25.36 3.54 -58.00
C TYR L 41 -23.99 3.99 -57.53
N ASN L 42 -23.45 3.27 -56.54
CA ASN L 42 -22.10 3.46 -55.99
C ASN L 42 -21.87 4.87 -55.43
N ASN L 43 -22.96 5.60 -55.17
CA ASN L 43 -23.02 6.79 -54.33
C ASN L 43 -22.39 8.00 -55.05
N ASN L 44 -21.72 7.79 -56.19
CA ASN L 44 -21.15 8.93 -56.89
C ASN L 44 -21.31 8.93 -58.41
N ASP L 45 -21.49 7.80 -59.07
CA ASP L 45 -21.44 7.76 -60.52
C ASP L 45 -22.77 7.29 -61.09
N ARG L 46 -23.00 7.63 -62.35
CA ARG L 46 -24.26 7.43 -63.04
C ARG L 46 -24.03 6.66 -64.33
N PRO L 47 -25.01 5.86 -64.76
CA PRO L 47 -24.92 5.22 -66.07
C PRO L 47 -25.17 6.23 -67.19
N SER L 48 -24.83 5.81 -68.40
CA SER L 48 -25.02 6.67 -69.56
C SER L 48 -26.50 6.81 -69.89
N GLY L 49 -26.85 7.94 -70.49
CA GLY L 49 -28.22 8.22 -70.90
C GLY L 49 -28.97 9.18 -70.00
N ILE L 50 -28.41 9.55 -68.85
CA ILE L 50 -29.08 10.47 -67.93
C ILE L 50 -28.15 11.64 -67.67
N PRO L 51 -28.68 12.84 -67.41
CA PRO L 51 -27.82 14.00 -67.16
C PRO L 51 -27.27 14.00 -65.73
N ASP L 52 -26.56 15.07 -65.40
CA ASP L 52 -25.95 15.22 -64.09
C ASP L 52 -26.86 15.91 -63.08
N ARG L 53 -28.12 16.17 -63.44
CA ARG L 53 -29.05 16.78 -62.50
C ARG L 53 -29.34 15.86 -61.32
N PHE L 54 -29.42 14.55 -61.57
CA PHE L 54 -29.60 13.57 -60.51
C PHE L 54 -28.24 13.30 -59.88
N SER L 55 -28.06 13.77 -58.64
CA SER L 55 -26.79 13.62 -57.95
C SER L 55 -27.03 13.08 -56.56
N GLY L 56 -26.30 12.02 -56.21
CA GLY L 56 -26.35 11.49 -54.86
C GLY L 56 -25.34 12.20 -53.96
N SER L 57 -25.75 12.46 -52.73
CA SER L 57 -24.84 13.10 -51.78
C SER L 57 -23.74 12.13 -51.40
N PRO L 58 -22.47 12.52 -51.54
CA PRO L 58 -21.37 11.57 -51.25
C PRO L 58 -21.22 11.31 -49.76
N GLY L 59 -22.20 10.61 -49.18
CA GLY L 59 -22.19 10.32 -47.77
C GLY L 59 -21.51 9.01 -47.43
N SER L 60 -20.29 8.81 -47.94
CA SER L 60 -19.50 7.66 -47.56
C SER L 60 -18.67 8.00 -46.32
N THR L 61 -19.35 8.53 -45.31
CA THR L 61 -18.72 8.94 -44.04
C THR L 61 -19.66 8.52 -42.93
N PHE L 62 -19.44 9.05 -41.74
CA PHE L 62 -20.24 8.70 -40.57
C PHE L 62 -20.84 9.97 -39.99
N GLY L 63 -22.17 9.99 -39.85
CA GLY L 63 -22.86 11.14 -39.32
C GLY L 63 -24.16 11.47 -40.05
N THR L 64 -24.22 11.16 -41.34
CA THR L 64 -25.43 11.39 -42.13
C THR L 64 -26.24 10.09 -42.22
N THR L 65 -27.38 10.15 -42.89
CA THR L 65 -28.20 8.96 -43.10
C THR L 65 -28.26 8.57 -44.57
N ALA L 66 -28.81 9.45 -45.42
CA ALA L 66 -28.87 9.32 -46.88
C ALA L 66 -29.47 10.59 -47.45
N THR L 67 -29.05 10.99 -48.64
CA THR L 67 -29.64 12.14 -49.30
C THR L 67 -29.52 11.98 -50.81
N LEU L 68 -30.66 11.91 -51.49
CA LEU L 68 -30.72 11.91 -52.95
C LEU L 68 -31.35 13.23 -53.37
N THR L 69 -30.56 14.09 -54.01
CA THR L 69 -31.02 15.41 -54.42
C THR L 69 -31.10 15.50 -55.93
N ILE L 70 -32.14 16.17 -56.43
CA ILE L 70 -32.36 16.38 -57.85
C ILE L 70 -32.45 17.86 -58.11
N THR L 71 -31.63 18.36 -59.04
CA THR L 71 -31.59 19.78 -59.37
C THR L 71 -32.41 20.03 -60.63
N SER L 72 -33.22 21.10 -60.60
CA SER L 72 -34.10 21.51 -61.70
C SER L 72 -35.07 20.38 -62.04
N VAL L 73 -35.93 20.08 -61.06
CA VAL L 73 -36.90 19.00 -61.19
C VAL L 73 -37.95 19.39 -62.22
N GLU L 74 -38.18 18.50 -63.19
CA GLU L 74 -39.15 18.72 -64.26
C GLU L 74 -40.37 17.83 -64.02
N ALA L 75 -41.32 17.90 -64.95
CA ALA L 75 -42.56 17.13 -64.83
C ALA L 75 -42.34 15.63 -64.98
N GLY L 76 -41.27 15.21 -65.65
CA GLY L 76 -40.99 13.80 -65.84
C GLY L 76 -40.35 13.10 -64.66
N ASP L 77 -40.05 13.82 -63.58
CA ASP L 77 -39.41 13.25 -62.41
C ASP L 77 -40.41 12.79 -61.35
N GLU L 78 -41.71 12.91 -61.61
CA GLU L 78 -42.73 12.48 -60.65
C GLU L 78 -42.77 10.95 -60.64
N ALA L 79 -42.11 10.35 -59.65
CA ALA L 79 -42.02 8.90 -59.56
C ALA L 79 -41.65 8.53 -58.13
N ASP L 80 -41.68 7.23 -57.87
CA ASP L 80 -41.32 6.70 -56.56
C ASP L 80 -39.83 6.37 -56.51
N TYR L 81 -39.22 6.61 -55.35
CA TYR L 81 -37.80 6.40 -55.14
C TYR L 81 -37.57 5.47 -53.96
N TYR L 82 -36.56 4.61 -54.10
CA TYR L 82 -36.22 3.63 -53.07
C TYR L 82 -34.73 3.69 -52.79
N CYS L 83 -34.36 3.36 -51.55
CA CYS L 83 -32.97 3.34 -51.12
C CYS L 83 -32.55 1.93 -50.73
N HIS L 84 -31.31 1.58 -51.04
CA HIS L 84 -30.74 0.29 -50.70
C HIS L 84 -29.47 0.50 -49.89
N ILE L 85 -29.34 -0.23 -48.79
CA ILE L 85 -28.27 -0.01 -47.82
C ILE L 85 -27.42 -1.27 -47.73
N TRP L 86 -26.11 -1.10 -47.93
CA TRP L 86 -25.12 -2.14 -47.66
C TRP L 86 -24.17 -1.61 -46.60
N ASP L 87 -24.00 -2.37 -45.52
CA ASP L 87 -23.21 -1.93 -44.39
C ASP L 87 -22.11 -2.93 -44.08
N SER L 88 -20.98 -2.41 -43.60
CA SER L 88 -19.88 -3.23 -43.13
C SER L 88 -20.00 -3.59 -41.66
N ARG L 89 -20.99 -3.04 -40.96
CA ARG L 89 -21.27 -3.39 -39.58
C ARG L 89 -22.62 -4.09 -39.39
N ARG L 90 -23.41 -4.22 -40.44
CA ARG L 90 -24.71 -4.86 -40.44
C ARG L 90 -24.74 -5.90 -41.54
N PRO L 91 -25.45 -7.02 -41.33
CA PRO L 91 -25.50 -8.07 -42.37
C PRO L 91 -26.24 -7.65 -43.63
N THR L 92 -26.37 -8.59 -44.56
CA THR L 92 -26.95 -8.31 -45.88
C THR L 92 -28.41 -7.87 -45.76
N ASN L 93 -28.75 -6.80 -46.45
CA ASN L 93 -30.12 -6.29 -46.49
C ASN L 93 -30.81 -6.85 -47.73
N TRP L 94 -31.68 -7.83 -47.52
CA TRP L 94 -32.44 -8.46 -48.60
C TRP L 94 -33.75 -7.74 -48.88
N VAL L 95 -34.08 -6.70 -48.13
CA VAL L 95 -35.29 -5.92 -48.33
C VAL L 95 -34.90 -4.47 -48.59
N PHE L 96 -35.56 -3.85 -49.57
CA PHE L 96 -35.26 -2.46 -49.89
C PHE L 96 -35.88 -1.53 -48.85
N GLY L 97 -35.41 -0.29 -48.84
CA GLY L 97 -35.86 0.68 -47.87
C GLY L 97 -37.26 1.18 -48.17
N GLU L 98 -37.75 2.05 -47.28
CA GLU L 98 -39.07 2.64 -47.44
C GLU L 98 -39.10 3.56 -48.65
N GLY L 99 -40.18 3.48 -49.43
CA GLY L 99 -40.28 4.26 -50.64
C GLY L 99 -40.71 5.70 -50.36
N THR L 100 -40.16 6.61 -51.16
CA THR L 100 -40.50 8.02 -51.09
C THR L 100 -41.19 8.43 -52.39
N THR L 101 -42.38 9.00 -52.27
CA THR L 101 -43.18 9.41 -53.41
C THR L 101 -42.91 10.88 -53.69
N LEU L 102 -42.36 11.18 -54.87
CA LEU L 102 -42.07 12.54 -55.28
C LEU L 102 -43.21 13.05 -56.16
N ILE L 103 -43.85 14.14 -55.73
CA ILE L 103 -44.95 14.74 -56.46
C ILE L 103 -44.45 16.05 -57.04
N VAL L 104 -44.60 16.21 -58.36
CA VAL L 104 -44.16 17.39 -59.08
C VAL L 104 -45.37 18.22 -59.45
N LEU L 105 -45.43 19.44 -58.93
CA LEU L 105 -46.57 20.32 -59.18
C LEU L 105 -46.40 21.08 -60.49
#